data_2DDJ
#
_entry.id   2DDJ
#
_entity_poly.entity_id   1
_entity_poly.type   'polypeptide(L)'
_entity_poly.pdbx_seq_one_letter_code
;EAEAEFTDACVLPAVQGPCRGWEPRWAYSPLLQQCHPFVYGGCEGNGNNFHSRESCEDACPVVDHHHHHH
;
_entity_poly.pdbx_strand_id   A
#
# COMPACT_ATOMS: atom_id res chain seq x y z
N GLU A 1 10.32 6.44 12.69
CA GLU A 1 9.01 6.48 12.02
C GLU A 1 8.68 5.05 11.59
N ALA A 2 7.74 4.85 10.66
CA ALA A 2 7.89 3.79 9.69
C ALA A 2 9.14 4.16 8.88
N GLU A 3 10.21 3.38 9.06
CA GLU A 3 11.54 3.61 8.51
C GLU A 3 11.66 3.62 6.98
N ALA A 4 10.72 3.00 6.26
CA ALA A 4 10.66 2.75 4.82
C ALA A 4 11.26 3.81 3.87
N GLU A 5 12.59 3.81 3.74
CA GLU A 5 13.36 4.62 2.79
C GLU A 5 13.39 3.97 1.40
N PHE A 6 13.18 2.65 1.36
CA PHE A 6 13.03 1.85 0.15
C PHE A 6 11.75 2.29 -0.58
N THR A 7 11.31 1.52 -1.56
CA THR A 7 10.05 1.72 -2.26
C THR A 7 8.93 1.57 -1.22
N ASP A 8 8.52 2.69 -0.63
CA ASP A 8 7.53 2.79 0.44
C ASP A 8 6.16 2.54 -0.17
N ALA A 9 5.32 1.79 0.54
CA ALA A 9 3.95 1.57 0.17
C ALA A 9 3.23 2.91 -0.02
N CYS A 10 3.51 3.88 0.86
CA CYS A 10 2.93 5.22 0.79
C CYS A 10 3.27 5.92 -0.55
N VAL A 11 4.41 5.61 -1.15
CA VAL A 11 4.88 6.20 -2.40
C VAL A 11 4.53 5.31 -3.61
N LEU A 12 4.05 4.07 -3.42
CA LEU A 12 3.84 3.14 -4.52
C LEU A 12 2.35 2.99 -4.82
N PRO A 13 1.96 2.75 -6.09
CA PRO A 13 0.57 2.48 -6.43
C PRO A 13 0.13 1.11 -5.91
N ALA A 14 -1.18 0.86 -5.97
CA ALA A 14 -1.72 -0.45 -5.63
C ALA A 14 -1.27 -1.44 -6.72
N VAL A 15 -1.09 -2.71 -6.37
CA VAL A 15 -0.78 -3.76 -7.33
C VAL A 15 -1.77 -4.88 -7.11
N GLN A 16 -2.35 -5.33 -8.22
CA GLN A 16 -3.33 -6.41 -8.24
C GLN A 16 -2.62 -7.76 -8.26
N GLY A 17 -1.55 -7.88 -9.06
CA GLY A 17 -0.82 -9.11 -9.28
C GLY A 17 -1.19 -9.70 -10.65
N PRO A 18 -0.53 -10.78 -11.09
CA PRO A 18 -0.72 -11.34 -12.43
C PRO A 18 -2.00 -12.18 -12.61
N CYS A 19 -2.72 -12.51 -11.55
CA CYS A 19 -3.88 -13.41 -11.60
C CYS A 19 -5.15 -12.75 -12.13
N ARG A 20 -6.27 -13.46 -12.09
CA ARG A 20 -7.61 -12.99 -12.44
C ARG A 20 -8.67 -13.31 -11.39
N GLY A 21 -8.24 -13.91 -10.27
CA GLY A 21 -9.11 -14.13 -9.13
C GLY A 21 -9.18 -12.75 -8.48
N TRP A 22 -10.17 -12.43 -7.64
CA TRP A 22 -10.35 -11.10 -7.10
C TRP A 22 -10.63 -11.21 -5.61
N GLU A 23 -9.80 -10.53 -4.84
CA GLU A 23 -9.71 -10.51 -3.38
C GLU A 23 -9.65 -9.03 -2.94
N PRO A 24 -10.54 -8.52 -2.05
CA PRO A 24 -10.47 -7.15 -1.56
C PRO A 24 -9.25 -6.93 -0.65
N ARG A 25 -8.57 -5.83 -0.89
CA ARG A 25 -7.44 -5.34 -0.09
C ARG A 25 -7.59 -3.83 0.05
N TRP A 26 -6.64 -3.21 0.73
CA TRP A 26 -6.56 -1.78 0.96
C TRP A 26 -5.20 -1.32 0.42
N ALA A 27 -5.12 -0.17 -0.23
CA ALA A 27 -3.85 0.39 -0.67
C ALA A 27 -3.90 1.90 -0.50
N TYR A 28 -2.74 2.48 -0.19
CA TYR A 28 -2.58 3.91 -0.07
C TYR A 28 -2.49 4.54 -1.45
N SER A 29 -3.15 5.67 -1.64
CA SER A 29 -3.05 6.47 -2.83
C SER A 29 -2.46 7.83 -2.45
N PRO A 30 -1.24 8.18 -2.88
CA PRO A 30 -0.69 9.51 -2.64
C PRO A 30 -1.45 10.56 -3.45
N LEU A 31 -1.95 10.20 -4.64
CA LEU A 31 -2.79 11.03 -5.48
C LEU A 31 -4.15 11.32 -4.85
N LEU A 32 -4.54 10.59 -3.81
CA LEU A 32 -5.75 10.81 -3.00
C LEU A 32 -5.37 11.25 -1.59
N GLN A 33 -4.07 11.26 -1.30
CA GLN A 33 -3.41 11.51 -0.03
C GLN A 33 -3.94 10.55 1.07
N GLN A 34 -4.56 9.43 0.71
CA GLN A 34 -5.20 8.55 1.68
C GLN A 34 -5.34 7.15 1.07
N CYS A 35 -5.66 6.19 1.93
CA CYS A 35 -5.96 4.83 1.53
C CYS A 35 -7.40 4.64 1.11
N HIS A 36 -7.61 3.59 0.34
CA HIS A 36 -8.93 3.14 -0.09
C HIS A 36 -8.89 1.62 -0.35
N PRO A 37 -10.03 0.92 -0.33
CA PRO A 37 -10.07 -0.50 -0.69
C PRO A 37 -9.83 -0.66 -2.20
N PHE A 38 -9.50 -1.87 -2.66
CA PHE A 38 -9.28 -2.15 -4.07
C PHE A 38 -9.39 -3.64 -4.32
N VAL A 39 -9.51 -4.03 -5.58
CA VAL A 39 -9.52 -5.42 -6.00
C VAL A 39 -8.07 -5.83 -6.26
N TYR A 40 -7.57 -6.75 -5.45
CA TYR A 40 -6.28 -7.41 -5.54
C TYR A 40 -6.53 -8.81 -6.12
N GLY A 41 -5.49 -9.52 -6.55
CA GLY A 41 -5.60 -10.79 -7.24
C GLY A 41 -5.20 -12.01 -6.42
N GLY A 42 -4.89 -11.85 -5.14
CA GLY A 42 -4.60 -12.91 -4.19
C GLY A 42 -3.19 -13.51 -4.30
N CYS A 43 -2.65 -13.56 -5.51
CA CYS A 43 -1.29 -13.98 -5.82
C CYS A 43 -0.34 -12.76 -5.70
N GLU A 44 0.93 -12.93 -6.10
CA GLU A 44 2.04 -11.99 -5.97
C GLU A 44 1.60 -10.52 -6.09
N GLY A 45 2.09 -9.68 -5.18
CA GLY A 45 1.84 -8.24 -5.17
C GLY A 45 2.94 -7.56 -4.37
N ASN A 46 2.97 -6.22 -4.39
CA ASN A 46 4.01 -5.44 -3.72
C ASN A 46 3.54 -5.05 -2.32
N GLY A 47 4.36 -4.26 -1.63
CA GLY A 47 4.17 -3.85 -0.24
C GLY A 47 2.98 -2.95 -0.01
N ASN A 48 2.48 -2.23 -1.04
CA ASN A 48 1.25 -1.46 -0.90
C ASN A 48 0.06 -2.41 -1.08
N ASN A 49 -0.11 -3.29 -0.09
CA ASN A 49 -1.24 -4.20 -0.02
C ASN A 49 -1.53 -4.40 1.47
N PHE A 50 -2.68 -3.90 1.89
CA PHE A 50 -3.12 -3.87 3.28
C PHE A 50 -4.34 -4.73 3.38
N HIS A 51 -4.49 -5.25 4.58
CA HIS A 51 -5.51 -6.23 4.91
C HIS A 51 -6.71 -5.61 5.58
N SER A 52 -6.59 -4.33 5.90
CA SER A 52 -7.57 -3.61 6.68
C SER A 52 -7.41 -2.12 6.46
N ARG A 53 -8.40 -1.36 6.93
CA ARG A 53 -8.37 0.10 6.94
C ARG A 53 -7.19 0.52 7.81
N GLU A 54 -7.21 0.10 9.07
CA GLU A 54 -6.19 0.24 10.10
C GLU A 54 -4.76 0.15 9.54
N SER A 55 -4.39 -1.02 9.04
CA SER A 55 -3.03 -1.24 8.57
C SER A 55 -2.65 -0.28 7.42
N CYS A 56 -3.62 0.07 6.58
CA CYS A 56 -3.38 0.94 5.45
C CYS A 56 -3.18 2.37 5.96
N GLU A 57 -4.03 2.82 6.88
CA GLU A 57 -3.90 4.16 7.45
C GLU A 57 -2.53 4.31 8.11
N ASP A 58 -2.00 3.26 8.76
CA ASP A 58 -0.63 3.27 9.30
C ASP A 58 0.39 3.39 8.17
N ALA A 59 0.16 2.65 7.06
CA ALA A 59 0.98 2.78 5.86
C ALA A 59 1.06 4.25 5.43
N CYS A 60 -0.01 5.03 5.61
CA CYS A 60 -0.27 6.44 5.44
C CYS A 60 -1.79 6.67 5.38
N PRO A 61 -2.31 7.87 5.70
CA PRO A 61 -1.55 9.06 6.03
C PRO A 61 -1.26 9.17 7.53
N VAL A 62 0.03 9.27 7.88
CA VAL A 62 0.54 9.52 9.23
C VAL A 62 1.65 10.57 9.03
N VAL A 63 2.45 10.85 10.05
CA VAL A 63 3.61 11.73 9.90
C VAL A 63 4.47 11.13 8.77
N ASP A 64 5.07 12.01 7.95
CA ASP A 64 5.80 11.57 6.78
C ASP A 64 6.92 10.65 7.24
N HIS A 65 6.88 9.42 6.74
CA HIS A 65 7.91 8.42 6.93
C HIS A 65 9.14 9.12 6.34
N HIS A 66 10.10 9.60 7.16
CA HIS A 66 11.30 10.43 6.88
C HIS A 66 12.06 10.28 5.55
N HIS A 67 11.38 10.32 4.41
CA HIS A 67 11.91 10.07 3.08
C HIS A 67 13.09 10.95 2.77
N HIS A 68 14.08 10.39 2.07
CA HIS A 68 15.26 11.07 1.54
C HIS A 68 14.87 12.09 0.47
N HIS A 69 14.29 13.22 0.90
CA HIS A 69 13.97 14.36 0.05
C HIS A 69 15.27 15.12 -0.24
N HIS A 70 15.24 16.08 -1.17
CA HIS A 70 16.41 16.93 -1.39
C HIS A 70 16.56 17.76 -0.12
N GLU A 1 10.93 -3.49 -4.72
CA GLU A 1 11.37 -2.98 -3.41
C GLU A 1 12.89 -3.13 -3.32
N ALA A 2 13.50 -2.50 -2.32
CA ALA A 2 14.89 -2.58 -1.90
C ALA A 2 14.87 -2.44 -0.37
N GLU A 3 15.96 -2.82 0.28
CA GLU A 3 16.18 -2.93 1.72
C GLU A 3 15.43 -1.88 2.59
N ALA A 4 16.08 -0.77 2.95
CA ALA A 4 15.47 0.32 3.71
C ALA A 4 15.40 1.64 2.93
N GLU A 5 16.41 1.91 2.09
CA GLU A 5 16.63 3.15 1.36
C GLU A 5 15.40 3.64 0.59
N PHE A 6 15.00 2.95 -0.48
CA PHE A 6 13.87 3.38 -1.30
C PHE A 6 12.87 2.23 -1.41
N THR A 7 11.90 2.24 -0.50
CA THR A 7 10.77 1.33 -0.40
C THR A 7 9.86 1.90 0.68
N ASP A 8 8.74 2.47 0.27
CA ASP A 8 7.70 2.95 1.17
C ASP A 8 6.39 2.65 0.47
N ALA A 9 5.47 1.98 1.16
CA ALA A 9 4.17 1.65 0.60
C ALA A 9 3.42 2.93 0.18
N CYS A 10 3.59 4.02 0.93
CA CYS A 10 2.98 5.31 0.62
C CYS A 10 3.43 5.84 -0.75
N VAL A 11 4.63 5.46 -1.22
CA VAL A 11 5.21 5.88 -2.49
C VAL A 11 4.95 4.84 -3.61
N LEU A 12 4.44 3.65 -3.30
CA LEU A 12 4.29 2.55 -4.26
C LEU A 12 2.82 2.38 -4.63
N PRO A 13 2.47 2.07 -5.89
CA PRO A 13 1.08 1.92 -6.29
C PRO A 13 0.47 0.64 -5.71
N ALA A 14 -0.86 0.59 -5.78
CA ALA A 14 -1.63 -0.58 -5.39
C ALA A 14 -1.35 -1.68 -6.42
N VAL A 15 -0.70 -2.78 -6.03
CA VAL A 15 -0.46 -3.89 -6.94
C VAL A 15 -1.56 -4.91 -6.75
N GLN A 16 -2.18 -5.24 -7.87
CA GLN A 16 -3.31 -6.15 -7.99
C GLN A 16 -2.85 -7.59 -8.21
N GLY A 17 -1.65 -7.77 -8.76
CA GLY A 17 -1.07 -9.05 -9.16
C GLY A 17 -1.61 -9.48 -10.53
N PRO A 18 -1.05 -10.53 -11.13
CA PRO A 18 -1.39 -10.96 -12.49
C PRO A 18 -2.68 -11.78 -12.63
N CYS A 19 -3.37 -12.13 -11.54
CA CYS A 19 -4.54 -13.02 -11.54
C CYS A 19 -5.78 -12.39 -12.19
N ARG A 20 -6.87 -13.16 -12.19
CA ARG A 20 -8.21 -12.76 -12.63
C ARG A 20 -9.29 -13.10 -11.60
N GLY A 21 -8.87 -13.61 -10.45
CA GLY A 21 -9.73 -13.85 -9.29
C GLY A 21 -9.69 -12.50 -8.58
N TRP A 22 -10.71 -12.13 -7.81
CA TRP A 22 -10.80 -10.80 -7.22
C TRP A 22 -11.00 -10.91 -5.70
N GLU A 23 -9.96 -10.52 -4.99
CA GLU A 23 -9.73 -10.56 -3.56
C GLU A 23 -9.57 -9.10 -3.08
N PRO A 24 -10.44 -8.57 -2.19
CA PRO A 24 -10.34 -7.18 -1.73
C PRO A 24 -9.13 -6.97 -0.81
N ARG A 25 -8.42 -5.86 -1.04
CA ARG A 25 -7.31 -5.39 -0.22
C ARG A 25 -7.47 -3.89 -0.02
N TRP A 26 -6.54 -3.27 0.69
CA TRP A 26 -6.48 -1.85 0.96
C TRP A 26 -5.15 -1.34 0.43
N ALA A 27 -5.10 -0.16 -0.19
CA ALA A 27 -3.83 0.46 -0.60
C ALA A 27 -3.94 1.96 -0.46
N TYR A 28 -2.80 2.59 -0.16
CA TYR A 28 -2.68 4.03 -0.11
C TYR A 28 -2.63 4.56 -1.54
N SER A 29 -3.36 5.64 -1.80
CA SER A 29 -3.33 6.37 -3.05
C SER A 29 -2.81 7.77 -2.81
N PRO A 30 -1.62 8.17 -3.33
CA PRO A 30 -1.17 9.55 -3.24
C PRO A 30 -2.07 10.48 -4.05
N LEU A 31 -2.63 9.99 -5.16
CA LEU A 31 -3.59 10.71 -5.99
C LEU A 31 -4.92 10.99 -5.26
N LEU A 32 -5.15 10.34 -4.12
CA LEU A 32 -6.29 10.57 -3.23
C LEU A 32 -5.81 11.04 -1.85
N GLN A 33 -4.48 11.10 -1.68
CA GLN A 33 -3.67 11.38 -0.51
C GLN A 33 -4.19 10.53 0.68
N GLN A 34 -4.76 9.33 0.43
CA GLN A 34 -5.38 8.57 1.52
C GLN A 34 -5.59 7.14 1.00
N CYS A 35 -5.90 6.20 1.88
CA CYS A 35 -6.13 4.80 1.55
C CYS A 35 -7.57 4.49 1.17
N HIS A 36 -7.70 3.48 0.32
CA HIS A 36 -9.01 2.96 -0.07
C HIS A 36 -8.95 1.45 -0.38
N PRO A 37 -10.08 0.72 -0.32
CA PRO A 37 -10.14 -0.68 -0.72
C PRO A 37 -9.83 -0.79 -2.22
N PHE A 38 -9.38 -1.94 -2.71
CA PHE A 38 -9.15 -2.15 -4.14
C PHE A 38 -9.24 -3.64 -4.43
N VAL A 39 -9.34 -3.96 -5.72
CA VAL A 39 -9.42 -5.32 -6.22
C VAL A 39 -7.99 -5.80 -6.46
N TYR A 40 -7.58 -6.80 -5.70
CA TYR A 40 -6.33 -7.55 -5.80
C TYR A 40 -6.67 -8.97 -6.25
N GLY A 41 -5.68 -9.82 -6.50
CA GLY A 41 -5.90 -11.15 -7.07
C GLY A 41 -5.31 -12.33 -6.29
N GLY A 42 -4.80 -12.13 -5.08
CA GLY A 42 -4.32 -13.21 -4.20
C GLY A 42 -2.89 -13.66 -4.49
N CYS A 43 -2.48 -13.61 -5.76
CA CYS A 43 -1.13 -13.86 -6.23
C CYS A 43 -0.22 -12.67 -5.89
N GLU A 44 1.01 -12.71 -6.40
CA GLU A 44 2.10 -11.74 -6.22
C GLU A 44 1.59 -10.31 -6.11
N GLY A 45 2.11 -9.56 -5.14
CA GLY A 45 1.84 -8.15 -4.96
C GLY A 45 2.95 -7.54 -4.12
N ASN A 46 3.06 -6.22 -4.19
CA ASN A 46 4.12 -5.47 -3.53
C ASN A 46 3.64 -4.99 -2.16
N GLY A 47 4.47 -4.17 -1.52
CA GLY A 47 4.32 -3.68 -0.16
C GLY A 47 3.06 -2.87 0.10
N ASN A 48 2.54 -2.13 -0.90
CA ASN A 48 1.30 -1.37 -0.76
C ASN A 48 0.13 -2.30 -1.04
N ASN A 49 0.00 -3.30 -0.19
CA ASN A 49 -1.11 -4.23 -0.18
C ASN A 49 -1.40 -4.42 1.30
N PHE A 50 -2.55 -3.93 1.74
CA PHE A 50 -2.93 -3.92 3.13
C PHE A 50 -4.13 -4.79 3.31
N HIS A 51 -4.17 -5.31 4.51
CA HIS A 51 -5.11 -6.31 4.96
C HIS A 51 -6.28 -5.68 5.67
N SER A 52 -6.16 -4.40 5.97
CA SER A 52 -7.12 -3.67 6.76
C SER A 52 -7.02 -2.17 6.48
N ARG A 53 -8.03 -1.45 6.96
CA ARG A 53 -8.05 0.01 6.91
C ARG A 53 -6.88 0.49 7.79
N GLU A 54 -6.81 -0.04 9.00
CA GLU A 54 -5.78 0.12 10.02
C GLU A 54 -4.37 0.13 9.44
N SER A 55 -3.93 -1.00 8.89
CA SER A 55 -2.55 -1.12 8.41
C SER A 55 -2.23 -0.12 7.30
N CYS A 56 -3.23 0.15 6.45
CA CYS A 56 -3.08 1.08 5.35
C CYS A 56 -2.96 2.50 5.87
N GLU A 57 -3.82 2.87 6.82
CA GLU A 57 -3.79 4.19 7.45
C GLU A 57 -2.41 4.41 8.05
N ASP A 58 -1.84 3.40 8.73
CA ASP A 58 -0.47 3.51 9.21
C ASP A 58 0.45 3.83 8.04
N ALA A 59 0.38 3.08 6.92
CA ALA A 59 1.25 3.33 5.77
C ALA A 59 1.24 4.83 5.45
N CYS A 60 0.04 5.40 5.35
CA CYS A 60 -0.30 6.80 5.20
C CYS A 60 -1.84 6.95 5.19
N PRO A 61 -2.36 8.15 5.53
CA PRO A 61 -1.59 9.32 5.91
C PRO A 61 -1.53 9.46 7.44
N VAL A 62 -0.49 8.93 8.08
CA VAL A 62 -0.27 8.95 9.53
C VAL A 62 1.15 9.50 9.76
N VAL A 63 1.71 9.34 10.96
CA VAL A 63 2.98 9.90 11.40
C VAL A 63 4.08 9.54 10.37
N ASP A 64 5.07 10.43 10.25
CA ASP A 64 6.13 10.36 9.25
C ASP A 64 6.73 8.95 9.13
N HIS A 65 6.50 8.33 7.97
CA HIS A 65 7.08 7.07 7.59
C HIS A 65 8.44 7.52 7.08
N HIS A 66 9.39 7.47 8.02
CA HIS A 66 10.79 7.90 8.09
C HIS A 66 11.71 7.88 6.87
N HIS A 67 11.23 7.87 5.64
CA HIS A 67 12.07 8.00 4.45
C HIS A 67 12.67 9.42 4.34
N HIS A 68 12.37 10.30 5.29
CA HIS A 68 12.90 11.64 5.53
C HIS A 68 14.35 11.41 5.96
N HIS A 69 15.21 10.96 5.04
CA HIS A 69 16.60 10.53 5.26
C HIS A 69 17.50 11.62 5.86
N HIS A 70 17.12 12.87 5.68
CA HIS A 70 17.70 14.09 6.23
C HIS A 70 16.49 15.02 6.30
N GLU A 1 8.10 8.68 -6.77
CA GLU A 1 8.94 9.89 -6.89
C GLU A 1 9.36 10.40 -5.50
N ALA A 2 9.67 9.52 -4.54
CA ALA A 2 10.24 9.89 -3.24
C ALA A 2 11.29 8.85 -2.81
N GLU A 3 11.83 8.11 -3.76
CA GLU A 3 12.74 6.98 -3.57
C GLU A 3 14.05 7.42 -2.92
N ALA A 4 14.43 8.70 -3.10
CA ALA A 4 15.58 9.32 -2.45
C ALA A 4 15.42 9.41 -0.92
N GLU A 5 14.18 9.25 -0.43
CA GLU A 5 13.87 9.16 0.99
C GLU A 5 13.68 7.68 1.28
N PHE A 6 12.69 7.03 0.67
CA PHE A 6 12.46 5.61 0.75
C PHE A 6 11.42 5.20 -0.29
N THR A 7 11.59 4.03 -0.93
CA THR A 7 10.58 3.51 -1.82
C THR A 7 9.57 2.87 -0.88
N ASP A 8 8.54 3.63 -0.51
CA ASP A 8 7.55 3.25 0.48
C ASP A 8 6.29 2.73 -0.20
N ALA A 9 5.51 1.90 0.50
CA ALA A 9 4.22 1.45 0.02
C ALA A 9 3.34 2.68 -0.20
N CYS A 10 3.48 3.67 0.68
CA CYS A 10 2.82 4.97 0.64
C CYS A 10 3.15 5.76 -0.64
N VAL A 11 4.30 5.49 -1.26
CA VAL A 11 4.76 6.15 -2.48
C VAL A 11 4.43 5.30 -3.73
N LEU A 12 4.01 4.03 -3.57
CA LEU A 12 3.80 3.11 -4.68
C LEU A 12 2.30 2.93 -4.95
N PRO A 13 1.89 2.68 -6.20
CA PRO A 13 0.49 2.40 -6.51
C PRO A 13 0.06 1.03 -6.00
N ALA A 14 -1.24 0.77 -6.07
CA ALA A 14 -1.79 -0.55 -5.74
C ALA A 14 -1.35 -1.52 -6.84
N VAL A 15 -1.14 -2.79 -6.50
CA VAL A 15 -0.83 -3.84 -7.48
C VAL A 15 -1.78 -4.99 -7.21
N GLN A 16 -2.39 -5.46 -8.30
CA GLN A 16 -3.37 -6.52 -8.29
C GLN A 16 -2.69 -7.89 -8.33
N GLY A 17 -1.55 -7.98 -9.03
CA GLY A 17 -0.84 -9.22 -9.28
C GLY A 17 -1.27 -9.83 -10.62
N PRO A 18 -0.61 -10.91 -11.08
CA PRO A 18 -0.86 -11.49 -12.39
C PRO A 18 -2.13 -12.37 -12.47
N CYS A 19 -2.78 -12.66 -11.34
CA CYS A 19 -3.92 -13.58 -11.27
C CYS A 19 -5.22 -12.95 -11.76
N ARG A 20 -6.29 -13.74 -11.72
CA ARG A 20 -7.63 -13.39 -12.20
C ARG A 20 -8.74 -13.71 -11.20
N GLY A 21 -8.37 -14.19 -10.03
CA GLY A 21 -9.28 -14.41 -8.92
C GLY A 21 -9.35 -13.00 -8.30
N TRP A 22 -10.36 -12.65 -7.50
CA TRP A 22 -10.52 -11.29 -7.02
C TRP A 22 -10.79 -11.33 -5.53
N GLU A 23 -9.87 -10.71 -4.79
CA GLU A 23 -9.74 -10.65 -3.34
C GLU A 23 -9.65 -9.16 -2.94
N PRO A 24 -10.55 -8.60 -2.11
CA PRO A 24 -10.48 -7.20 -1.68
C PRO A 24 -9.28 -6.98 -0.75
N ARG A 25 -8.57 -5.88 -1.01
CA ARG A 25 -7.47 -5.38 -0.21
C ARG A 25 -7.61 -3.87 -0.10
N TRP A 26 -6.70 -3.24 0.62
CA TRP A 26 -6.63 -1.80 0.79
C TRP A 26 -5.26 -1.34 0.28
N ALA A 27 -5.19 -0.18 -0.36
CA ALA A 27 -3.93 0.43 -0.77
C ALA A 27 -3.99 1.92 -0.53
N TYR A 28 -2.84 2.49 -0.19
CA TYR A 28 -2.69 3.92 -0.03
C TYR A 28 -2.54 4.58 -1.39
N SER A 29 -3.15 5.73 -1.57
CA SER A 29 -3.01 6.57 -2.74
C SER A 29 -2.40 7.89 -2.30
N PRO A 30 -1.16 8.24 -2.71
CA PRO A 30 -0.58 9.55 -2.41
C PRO A 30 -1.31 10.64 -3.18
N LEU A 31 -1.81 10.33 -4.39
CA LEU A 31 -2.64 11.22 -5.20
C LEU A 31 -3.99 11.53 -4.54
N LEU A 32 -4.39 10.75 -3.53
CA LEU A 32 -5.58 10.98 -2.72
C LEU A 32 -5.18 11.32 -1.27
N GLN A 33 -3.88 11.27 -0.98
CA GLN A 33 -3.22 11.41 0.31
C GLN A 33 -3.86 10.49 1.36
N GLN A 34 -4.51 9.39 0.94
CA GLN A 34 -5.30 8.51 1.81
C GLN A 34 -5.48 7.16 1.12
N CYS A 35 -6.06 6.22 1.86
CA CYS A 35 -6.27 4.84 1.47
C CYS A 35 -7.66 4.60 0.93
N HIS A 36 -7.75 3.59 0.07
CA HIS A 36 -9.01 3.10 -0.47
C HIS A 36 -8.95 1.58 -0.66
N PRO A 37 -10.10 0.87 -0.68
CA PRO A 37 -10.12 -0.55 -1.00
C PRO A 37 -9.80 -0.75 -2.49
N PHE A 38 -9.46 -1.96 -2.91
CA PHE A 38 -9.25 -2.29 -4.31
C PHE A 38 -9.39 -3.79 -4.50
N VAL A 39 -9.52 -4.22 -5.74
CA VAL A 39 -9.55 -5.63 -6.11
C VAL A 39 -8.10 -6.06 -6.36
N TYR A 40 -7.61 -6.94 -5.51
CA TYR A 40 -6.31 -7.61 -5.61
C TYR A 40 -6.59 -9.02 -6.15
N GLY A 41 -5.56 -9.75 -6.59
CA GLY A 41 -5.72 -11.03 -7.26
C GLY A 41 -5.32 -12.26 -6.44
N GLY A 42 -4.91 -12.09 -5.18
CA GLY A 42 -4.62 -13.18 -4.25
C GLY A 42 -3.31 -13.91 -4.47
N CYS A 43 -2.53 -13.55 -5.50
CA CYS A 43 -1.20 -14.05 -5.81
C CYS A 43 -0.21 -12.87 -5.78
N GLU A 44 1.04 -13.09 -6.18
CA GLU A 44 2.16 -12.14 -6.11
C GLU A 44 1.73 -10.69 -6.31
N GLY A 45 2.21 -9.79 -5.45
CA GLY A 45 1.86 -8.38 -5.42
C GLY A 45 2.91 -7.63 -4.62
N ASN A 46 2.85 -6.29 -4.63
CA ASN A 46 3.84 -5.47 -3.95
C ASN A 46 3.35 -5.14 -2.54
N GLY A 47 4.14 -4.34 -1.82
CA GLY A 47 3.92 -3.99 -0.43
C GLY A 47 2.78 -3.01 -0.18
N ASN A 48 2.25 -2.32 -1.20
CA ASN A 48 1.07 -1.48 -1.02
C ASN A 48 -0.15 -2.38 -1.15
N ASN A 49 -0.34 -3.23 -0.13
CA ASN A 49 -1.40 -4.21 -0.04
C ASN A 49 -1.67 -4.36 1.44
N PHE A 50 -2.86 -3.94 1.88
CA PHE A 50 -3.26 -3.89 3.27
C PHE A 50 -4.49 -4.74 3.45
N HIS A 51 -4.76 -5.10 4.71
CA HIS A 51 -5.82 -6.04 5.04
C HIS A 51 -7.10 -5.30 5.36
N SER A 52 -6.97 -4.02 5.65
CA SER A 52 -8.00 -3.13 6.11
C SER A 52 -7.52 -1.72 5.96
N ARG A 53 -8.40 -0.76 6.23
CA ARG A 53 -7.94 0.61 6.22
C ARG A 53 -6.98 0.84 7.38
N GLU A 54 -7.20 0.20 8.52
CA GLU A 54 -6.33 0.19 9.70
C GLU A 54 -4.85 0.10 9.37
N SER A 55 -4.41 -1.01 8.81
CA SER A 55 -3.03 -1.25 8.39
C SER A 55 -2.55 -0.24 7.34
N CYS A 56 -3.47 0.19 6.47
CA CYS A 56 -3.17 1.14 5.42
C CYS A 56 -2.93 2.54 5.98
N GLU A 57 -3.78 2.99 6.88
CA GLU A 57 -3.63 4.28 7.55
C GLU A 57 -2.37 4.27 8.41
N ASP A 58 -2.00 3.13 9.00
CA ASP A 58 -0.74 2.96 9.72
C ASP A 58 0.42 3.13 8.73
N ALA A 59 0.29 2.63 7.48
CA ALA A 59 1.32 2.92 6.48
C ALA A 59 1.37 4.43 6.24
N CYS A 60 0.25 5.07 5.88
CA CYS A 60 0.06 6.49 5.72
C CYS A 60 -1.44 6.82 5.74
N PRO A 61 -1.86 8.06 6.09
CA PRO A 61 -0.98 9.20 6.35
C PRO A 61 -0.68 9.42 7.84
N VAL A 62 0.42 8.86 8.33
CA VAL A 62 0.90 9.12 9.69
C VAL A 62 1.92 10.27 9.57
N VAL A 63 2.66 10.59 10.64
CA VAL A 63 3.66 11.64 10.60
C VAL A 63 4.60 11.42 9.41
N ASP A 64 4.95 12.53 8.79
CA ASP A 64 5.72 12.62 7.54
C ASP A 64 6.98 11.74 7.60
N HIS A 65 7.03 10.72 6.74
CA HIS A 65 8.09 9.75 6.68
C HIS A 65 9.42 10.29 6.13
N HIS A 66 9.49 11.53 5.61
CA HIS A 66 10.77 12.13 5.19
C HIS A 66 11.76 12.04 6.37
N HIS A 67 13.01 11.67 6.12
CA HIS A 67 14.02 11.44 7.16
C HIS A 67 14.53 12.77 7.72
N HIS A 68 13.69 13.49 8.46
CA HIS A 68 14.11 14.70 9.16
C HIS A 68 15.23 14.28 10.11
N HIS A 69 16.31 15.07 10.23
CA HIS A 69 17.33 14.76 11.23
C HIS A 69 16.69 14.87 12.62
N HIS A 70 17.24 14.13 13.59
CA HIS A 70 16.80 14.27 14.98
C HIS A 70 17.27 15.66 15.41
N GLU A 1 7.61 5.82 -4.93
CA GLU A 1 8.69 5.26 -4.09
C GLU A 1 9.01 6.29 -3.01
N ALA A 2 9.39 5.83 -1.81
CA ALA A 2 9.27 6.62 -0.58
C ALA A 2 10.53 7.44 -0.23
N GLU A 3 10.41 8.19 0.88
CA GLU A 3 11.37 9.15 1.41
C GLU A 3 12.55 8.48 2.13
N ALA A 4 12.35 7.25 2.61
CA ALA A 4 13.32 6.52 3.44
C ALA A 4 14.02 5.40 2.67
N GLU A 5 15.02 4.79 3.32
CA GLU A 5 15.72 3.62 2.79
C GLU A 5 14.72 2.47 2.63
N PHE A 6 13.81 2.38 3.60
CA PHE A 6 12.70 1.47 3.57
C PHE A 6 11.71 2.11 2.61
N THR A 7 11.62 1.59 1.39
CA THR A 7 10.69 2.07 0.39
C THR A 7 9.28 1.73 0.87
N ASP A 8 8.65 2.68 1.56
CA ASP A 8 7.34 2.53 2.17
C ASP A 8 6.27 2.34 1.09
N ALA A 9 5.48 1.29 1.32
CA ALA A 9 4.30 0.91 0.58
C ALA A 9 3.37 2.09 0.32
N CYS A 10 3.23 3.03 1.25
CA CYS A 10 2.40 4.21 1.06
C CYS A 10 2.70 4.94 -0.26
N VAL A 11 3.98 5.07 -0.60
CA VAL A 11 4.41 5.86 -1.75
C VAL A 11 4.56 4.98 -3.01
N LEU A 12 4.35 3.66 -2.89
CA LEU A 12 4.54 2.65 -3.93
C LEU A 12 3.20 2.32 -4.61
N PRO A 13 3.18 2.08 -5.93
CA PRO A 13 1.99 1.64 -6.65
C PRO A 13 1.35 0.37 -6.06
N ALA A 14 0.06 0.18 -6.35
CA ALA A 14 -0.69 -1.02 -5.99
C ALA A 14 -0.92 -1.81 -7.28
N VAL A 15 -0.89 -3.15 -7.20
CA VAL A 15 -1.00 -4.04 -8.35
C VAL A 15 -1.91 -5.20 -7.94
N GLN A 16 -2.64 -5.75 -8.92
CA GLN A 16 -3.55 -6.87 -8.69
C GLN A 16 -2.81 -8.20 -8.68
N GLY A 17 -1.93 -8.37 -9.67
CA GLY A 17 -1.20 -9.58 -9.98
C GLY A 17 -1.74 -10.19 -11.26
N PRO A 18 -1.06 -11.22 -11.79
CA PRO A 18 -1.44 -11.83 -13.06
C PRO A 18 -2.81 -12.52 -12.96
N CYS A 19 -3.13 -13.11 -11.80
CA CYS A 19 -4.38 -13.80 -11.58
C CYS A 19 -5.56 -12.85 -11.68
N ARG A 20 -6.71 -13.42 -11.99
CA ARG A 20 -8.03 -12.80 -12.07
C ARG A 20 -8.95 -13.19 -10.92
N GLY A 21 -8.45 -13.95 -9.96
CA GLY A 21 -9.21 -14.25 -8.75
C GLY A 21 -9.33 -12.88 -8.07
N TRP A 22 -10.34 -12.63 -7.24
CA TRP A 22 -10.57 -11.29 -6.70
C TRP A 22 -10.60 -11.35 -5.18
N GLU A 23 -9.57 -10.77 -4.58
CA GLU A 23 -9.28 -10.68 -3.16
C GLU A 23 -9.30 -9.17 -2.78
N PRO A 24 -10.24 -8.68 -1.96
CA PRO A 24 -10.29 -7.27 -1.55
C PRO A 24 -9.14 -6.95 -0.59
N ARG A 25 -8.38 -5.91 -0.92
CA ARG A 25 -7.31 -5.37 -0.08
C ARG A 25 -7.44 -3.86 -0.04
N TRP A 26 -6.54 -3.19 0.68
CA TRP A 26 -6.51 -1.73 0.78
C TRP A 26 -5.16 -1.24 0.29
N ALA A 27 -5.11 -0.06 -0.34
CA ALA A 27 -3.87 0.60 -0.75
C ALA A 27 -3.98 2.10 -0.49
N TYR A 28 -2.85 2.76 -0.26
CA TYR A 28 -2.79 4.20 -0.09
C TYR A 28 -2.67 4.89 -1.44
N SER A 29 -3.40 5.97 -1.62
CA SER A 29 -3.31 6.84 -2.78
C SER A 29 -2.87 8.24 -2.32
N PRO A 30 -1.66 8.72 -2.70
CA PRO A 30 -1.26 10.08 -2.41
C PRO A 30 -2.10 11.09 -3.20
N LEU A 31 -2.51 10.72 -4.42
CA LEU A 31 -3.39 11.52 -5.27
C LEU A 31 -4.80 11.67 -4.68
N LEU A 32 -5.16 10.85 -3.69
CA LEU A 32 -6.41 10.95 -2.93
C LEU A 32 -6.12 11.35 -1.49
N GLN A 33 -4.84 11.48 -1.14
CA GLN A 33 -4.28 11.73 0.18
C GLN A 33 -4.87 10.76 1.21
N GLN A 34 -5.30 9.57 0.80
CA GLN A 34 -5.99 8.63 1.68
C GLN A 34 -5.93 7.23 1.07
N CYS A 35 -6.29 6.26 1.88
CA CYS A 35 -6.40 4.87 1.50
C CYS A 35 -7.76 4.57 0.88
N HIS A 36 -7.79 3.54 0.04
CA HIS A 36 -9.04 3.04 -0.52
C HIS A 36 -8.96 1.52 -0.71
N PRO A 37 -10.10 0.80 -0.66
CA PRO A 37 -10.12 -0.63 -0.97
C PRO A 37 -9.72 -0.83 -2.44
N PHE A 38 -9.34 -2.03 -2.85
CA PHE A 38 -9.06 -2.34 -4.24
C PHE A 38 -9.21 -3.85 -4.40
N VAL A 39 -9.35 -4.30 -5.64
CA VAL A 39 -9.43 -5.71 -5.94
C VAL A 39 -8.02 -6.14 -6.33
N TYR A 40 -7.43 -6.98 -5.48
CA TYR A 40 -6.15 -7.64 -5.64
C TYR A 40 -6.46 -9.08 -6.11
N GLY A 41 -5.44 -9.89 -6.43
CA GLY A 41 -5.65 -11.22 -7.00
C GLY A 41 -4.99 -12.38 -6.29
N GLY A 42 -4.47 -12.18 -5.08
CA GLY A 42 -3.90 -13.20 -4.21
C GLY A 42 -2.48 -13.65 -4.57
N CYS A 43 -2.17 -13.71 -5.86
CA CYS A 43 -0.82 -13.99 -6.36
C CYS A 43 0.00 -12.68 -6.35
N GLU A 44 1.22 -12.72 -6.90
CA GLU A 44 2.22 -11.65 -6.94
C GLU A 44 1.61 -10.24 -7.05
N GLY A 45 2.09 -9.31 -6.24
CA GLY A 45 1.67 -7.91 -6.27
C GLY A 45 2.72 -7.08 -5.53
N ASN A 46 2.45 -5.78 -5.33
CA ASN A 46 3.39 -4.91 -4.64
C ASN A 46 3.01 -4.88 -3.16
N GLY A 47 3.83 -4.17 -2.38
CA GLY A 47 3.72 -4.07 -0.94
C GLY A 47 2.64 -3.09 -0.49
N ASN A 48 2.10 -2.27 -1.40
CA ASN A 48 0.97 -1.38 -1.12
C ASN A 48 -0.29 -2.24 -1.18
N ASN A 49 -0.42 -3.08 -0.17
CA ASN A 49 -1.43 -4.10 0.01
C ASN A 49 -1.61 -4.18 1.52
N PHE A 50 -2.78 -3.78 1.99
CA PHE A 50 -3.13 -3.66 3.39
C PHE A 50 -4.35 -4.52 3.65
N HIS A 51 -4.63 -4.74 4.93
CA HIS A 51 -5.69 -5.67 5.32
C HIS A 51 -6.99 -4.89 5.47
N SER A 52 -6.87 -3.61 5.78
CA SER A 52 -8.00 -2.77 6.11
C SER A 52 -7.50 -1.32 6.11
N ARG A 53 -8.37 -0.39 6.52
CA ARG A 53 -7.98 1.01 6.69
C ARG A 53 -6.81 1.10 7.69
N GLU A 54 -6.88 0.38 8.80
CA GLU A 54 -5.89 0.18 9.86
C GLU A 54 -4.42 0.14 9.43
N SER A 55 -4.05 -0.89 8.68
CA SER A 55 -2.67 -1.10 8.24
C SER A 55 -2.23 -0.06 7.22
N CYS A 56 -3.18 0.37 6.40
CA CYS A 56 -2.94 1.43 5.48
C CYS A 56 -2.65 2.72 6.21
N GLU A 57 -3.41 3.04 7.25
CA GLU A 57 -3.15 4.23 8.08
C GLU A 57 -1.81 4.13 8.80
N ASP A 58 -1.40 2.91 9.20
CA ASP A 58 -0.07 2.71 9.77
C ASP A 58 0.96 3.16 8.72
N ALA A 59 0.72 2.86 7.42
CA ALA A 59 1.60 3.41 6.39
C ALA A 59 1.38 4.93 6.18
N CYS A 60 0.17 5.37 5.80
CA CYS A 60 -0.25 6.75 5.55
C CYS A 60 -1.77 6.93 5.69
N PRO A 61 -2.28 8.16 5.91
CA PRO A 61 -1.54 9.40 5.95
C PRO A 61 -0.83 9.61 7.28
N VAL A 62 0.49 9.70 7.23
CA VAL A 62 1.37 10.02 8.35
C VAL A 62 2.22 11.19 7.85
N VAL A 63 3.04 11.75 8.73
CA VAL A 63 4.01 12.78 8.40
C VAL A 63 5.10 12.13 7.52
N ASP A 64 5.80 12.95 6.74
CA ASP A 64 6.96 12.58 5.92
C ASP A 64 7.85 11.63 6.72
N HIS A 65 7.95 10.40 6.23
CA HIS A 65 8.61 9.28 6.88
C HIS A 65 10.12 9.40 6.95
N HIS A 66 10.77 10.45 6.44
CA HIS A 66 12.22 10.63 6.33
C HIS A 66 12.98 9.98 7.50
N HIS A 67 13.44 8.74 7.31
CA HIS A 67 14.06 7.99 8.38
C HIS A 67 15.36 8.69 8.76
N HIS A 68 15.55 8.99 10.04
CA HIS A 68 16.83 9.53 10.50
C HIS A 68 17.82 8.38 10.35
N HIS A 69 18.56 8.32 9.25
CA HIS A 69 19.51 7.24 8.99
C HIS A 69 20.48 7.08 10.17
N HIS A 70 21.00 5.86 10.31
CA HIS A 70 22.03 5.45 11.26
C HIS A 70 22.98 4.70 10.36
N GLU A 1 3.67 7.68 -9.14
CA GLU A 1 3.50 8.45 -7.90
C GLU A 1 4.67 9.44 -7.77
N ALA A 2 5.15 9.67 -6.55
CA ALA A 2 6.29 10.51 -6.22
C ALA A 2 7.50 9.66 -5.79
N GLU A 3 7.70 8.50 -6.42
CA GLU A 3 8.72 7.50 -6.08
C GLU A 3 10.14 8.07 -6.02
N ALA A 4 10.40 9.19 -6.71
CA ALA A 4 11.67 9.91 -6.70
C ALA A 4 12.00 10.51 -5.33
N GLU A 5 11.00 10.82 -4.50
CA GLU A 5 11.24 11.26 -3.14
C GLU A 5 11.74 10.04 -2.37
N PHE A 6 10.95 8.98 -2.30
CA PHE A 6 11.41 7.74 -1.71
C PHE A 6 10.57 6.63 -2.31
N THR A 7 11.21 5.54 -2.72
CA THR A 7 10.49 4.36 -3.17
C THR A 7 10.04 3.68 -1.88
N ASP A 8 8.82 3.99 -1.45
CA ASP A 8 8.20 3.59 -0.20
C ASP A 8 6.92 2.85 -0.55
N ALA A 9 6.46 1.93 0.30
CA ALA A 9 5.18 1.29 0.08
C ALA A 9 4.09 2.37 0.09
N CYS A 10 4.24 3.36 0.99
CA CYS A 10 3.32 4.49 1.08
C CYS A 10 3.42 5.42 -0.13
N VAL A 11 4.52 5.39 -0.89
CA VAL A 11 4.65 6.14 -2.13
C VAL A 11 4.33 5.25 -3.35
N LEU A 12 4.10 3.94 -3.21
CA LEU A 12 3.92 3.04 -4.34
C LEU A 12 2.45 2.83 -4.64
N PRO A 13 2.04 2.72 -5.92
CA PRO A 13 0.65 2.51 -6.29
C PRO A 13 0.18 1.09 -5.94
N ALA A 14 -1.14 0.90 -5.99
CA ALA A 14 -1.77 -0.38 -5.70
C ALA A 14 -1.55 -1.32 -6.89
N VAL A 15 -0.78 -2.40 -6.70
CA VAL A 15 -0.59 -3.41 -7.74
C VAL A 15 -1.62 -4.52 -7.51
N GLN A 16 -2.35 -4.83 -8.58
CA GLN A 16 -3.41 -5.84 -8.58
C GLN A 16 -2.84 -7.25 -8.75
N GLY A 17 -1.66 -7.41 -9.34
CA GLY A 17 -1.06 -8.69 -9.64
C GLY A 17 -1.57 -9.28 -10.96
N PRO A 18 -1.01 -10.41 -11.42
CA PRO A 18 -1.35 -10.98 -12.72
C PRO A 18 -2.61 -11.86 -12.74
N CYS A 19 -3.01 -12.48 -11.62
CA CYS A 19 -4.13 -13.42 -11.62
C CYS A 19 -5.48 -12.74 -11.57
N ARG A 20 -6.50 -13.50 -12.00
CA ARG A 20 -7.89 -13.07 -12.15
C ARG A 20 -8.83 -13.55 -11.04
N GLY A 21 -8.27 -14.22 -10.04
CA GLY A 21 -9.04 -14.57 -8.84
C GLY A 21 -9.11 -13.22 -8.11
N TRP A 22 -10.01 -12.95 -7.17
CA TRP A 22 -10.15 -11.63 -6.60
C TRP A 22 -10.27 -11.74 -5.09
N GLU A 23 -9.49 -10.91 -4.44
CA GLU A 23 -9.23 -10.79 -3.01
C GLU A 23 -9.32 -9.29 -2.65
N PRO A 24 -10.30 -8.84 -1.83
CA PRO A 24 -10.44 -7.45 -1.39
C PRO A 24 -9.30 -7.09 -0.43
N ARG A 25 -8.48 -6.14 -0.88
CA ARG A 25 -7.40 -5.55 -0.13
C ARG A 25 -7.64 -4.05 0.01
N TRP A 26 -6.70 -3.37 0.63
CA TRP A 26 -6.61 -1.95 0.85
C TRP A 26 -5.20 -1.55 0.45
N ALA A 27 -5.01 -0.38 -0.14
CA ALA A 27 -3.70 0.16 -0.45
C ALA A 27 -3.76 1.66 -0.28
N TYR A 28 -2.63 2.24 0.11
CA TYR A 28 -2.47 3.67 0.21
C TYR A 28 -2.27 4.27 -1.18
N SER A 29 -2.93 5.37 -1.49
CA SER A 29 -2.72 6.11 -2.72
C SER A 29 -2.21 7.50 -2.37
N PRO A 30 -0.96 7.87 -2.72
CA PRO A 30 -0.46 9.23 -2.50
C PRO A 30 -1.20 10.23 -3.38
N LEU A 31 -1.62 9.85 -4.59
CA LEU A 31 -2.44 10.71 -5.45
C LEU A 31 -3.81 11.03 -4.82
N LEU A 32 -4.29 10.18 -3.90
CA LEU A 32 -5.51 10.37 -3.12
C LEU A 32 -5.16 10.84 -1.70
N GLN A 33 -3.87 10.89 -1.38
CA GLN A 33 -3.19 11.16 -0.13
C GLN A 33 -3.72 10.21 0.97
N GLN A 34 -4.40 9.10 0.64
CA GLN A 34 -5.03 8.24 1.65
C GLN A 34 -5.29 6.84 1.08
N CYS A 35 -5.68 5.91 1.95
CA CYS A 35 -5.97 4.54 1.59
C CYS A 35 -7.39 4.34 1.10
N HIS A 36 -7.52 3.38 0.19
CA HIS A 36 -8.80 2.92 -0.34
C HIS A 36 -8.80 1.39 -0.51
N PRO A 37 -9.97 0.73 -0.50
CA PRO A 37 -10.05 -0.71 -0.79
C PRO A 37 -9.73 -0.93 -2.27
N PHE A 38 -9.41 -2.16 -2.69
CA PHE A 38 -9.21 -2.46 -4.10
C PHE A 38 -9.33 -3.96 -4.32
N VAL A 39 -9.54 -4.33 -5.58
CA VAL A 39 -9.56 -5.70 -6.04
C VAL A 39 -8.12 -6.06 -6.35
N TYR A 40 -7.55 -6.98 -5.59
CA TYR A 40 -6.23 -7.57 -5.78
C TYR A 40 -6.44 -9.00 -6.24
N GLY A 41 -5.46 -9.58 -6.94
CA GLY A 41 -5.58 -10.88 -7.56
C GLY A 41 -5.13 -12.06 -6.70
N GLY A 42 -4.72 -11.82 -5.46
CA GLY A 42 -4.35 -12.82 -4.47
C GLY A 42 -2.95 -13.39 -4.67
N CYS A 43 -2.56 -13.64 -5.91
CA CYS A 43 -1.22 -14.05 -6.31
C CYS A 43 -0.28 -12.83 -6.29
N GLU A 44 0.96 -12.97 -6.76
CA GLU A 44 2.05 -12.00 -6.73
C GLU A 44 1.59 -10.53 -6.84
N GLY A 45 2.13 -9.69 -5.96
CA GLY A 45 1.90 -8.25 -5.90
C GLY A 45 2.89 -7.65 -4.92
N ASN A 46 2.85 -6.32 -4.75
CA ASN A 46 3.84 -5.62 -3.93
C ASN A 46 3.32 -5.44 -2.51
N GLY A 47 4.14 -4.78 -1.69
CA GLY A 47 3.93 -4.60 -0.25
C GLY A 47 2.91 -3.53 0.14
N ASN A 48 2.46 -2.67 -0.78
CA ASN A 48 1.38 -1.73 -0.46
C ASN A 48 0.09 -2.54 -0.62
N ASN A 49 -0.20 -3.39 0.36
CA ASN A 49 -1.32 -4.33 0.30
C ASN A 49 -1.74 -4.71 1.73
N PHE A 50 -2.95 -4.31 2.11
CA PHE A 50 -3.56 -4.42 3.44
C PHE A 50 -4.96 -5.04 3.34
N HIS A 51 -5.58 -5.40 4.46
CA HIS A 51 -6.97 -5.87 4.53
C HIS A 51 -7.92 -4.89 5.18
N SER A 52 -7.44 -3.81 5.79
CA SER A 52 -8.32 -2.93 6.53
C SER A 52 -7.95 -1.48 6.27
N ARG A 53 -8.92 -0.60 6.53
CA ARG A 53 -8.72 0.83 6.48
C ARG A 53 -7.72 1.22 7.57
N GLU A 54 -7.96 0.72 8.77
CA GLU A 54 -7.14 0.80 9.97
C GLU A 54 -5.66 0.57 9.71
N SER A 55 -5.27 -0.64 9.31
CA SER A 55 -3.86 -0.98 9.12
C SER A 55 -3.17 -0.08 8.07
N CYS A 56 -3.95 0.28 7.06
CA CYS A 56 -3.46 1.09 5.97
C CYS A 56 -3.24 2.52 6.42
N GLU A 57 -4.20 3.09 7.16
CA GLU A 57 -4.03 4.41 7.74
C GLU A 57 -2.88 4.45 8.74
N ASP A 58 -2.64 3.35 9.46
CA ASP A 58 -1.49 3.22 10.35
C ASP A 58 -0.21 3.31 9.50
N ALA A 59 -0.17 2.68 8.31
CA ALA A 59 0.99 2.86 7.43
C ALA A 59 1.12 4.32 6.96
N CYS A 60 0.06 4.92 6.40
CA CYS A 60 -0.07 6.32 5.99
C CYS A 60 -1.56 6.68 5.87
N PRO A 61 -1.95 7.96 5.92
CA PRO A 61 -1.10 9.13 5.96
C PRO A 61 -0.39 9.42 7.28
N VAL A 62 0.92 9.61 7.16
CA VAL A 62 1.85 10.03 8.20
C VAL A 62 2.47 11.32 7.62
N VAL A 63 3.57 11.83 8.19
CA VAL A 63 4.25 13.03 7.72
C VAL A 63 4.51 12.89 6.21
N ASP A 64 4.36 14.01 5.50
CA ASP A 64 4.43 14.06 4.05
C ASP A 64 5.72 13.48 3.46
N HIS A 65 5.50 12.59 2.49
CA HIS A 65 6.25 11.66 1.65
C HIS A 65 7.66 12.02 1.16
N HIS A 66 8.29 13.09 1.65
CA HIS A 66 9.60 13.51 1.17
C HIS A 66 10.65 12.43 1.47
N HIS A 67 11.84 12.55 0.86
CA HIS A 67 13.01 11.68 1.01
C HIS A 67 13.09 11.14 2.44
N HIS A 68 12.66 9.89 2.64
CA HIS A 68 12.50 9.21 3.93
C HIS A 68 13.81 9.08 4.71
N HIS A 69 14.25 10.16 5.36
CA HIS A 69 15.41 10.13 6.24
C HIS A 69 15.08 9.25 7.44
N HIS A 70 16.10 8.65 8.06
CA HIS A 70 15.98 7.89 9.29
C HIS A 70 16.58 8.87 10.28
N GLU A 1 11.23 -4.05 6.31
CA GLU A 1 10.72 -2.78 5.74
C GLU A 1 11.86 -2.15 4.92
N ALA A 2 11.57 -1.10 4.18
CA ALA A 2 12.53 -0.31 3.42
C ALA A 2 12.02 1.13 3.35
N GLU A 3 12.89 2.07 3.03
CA GLU A 3 12.61 3.50 3.03
C GLU A 3 12.86 4.09 1.64
N ALA A 4 14.09 4.02 1.14
CA ALA A 4 14.48 4.42 -0.22
C ALA A 4 15.00 3.23 -1.03
N GLU A 5 15.40 2.16 -0.35
CA GLU A 5 15.99 0.93 -0.89
C GLU A 5 14.98 0.20 -1.79
N PHE A 6 13.70 0.42 -1.54
CA PHE A 6 12.56 -0.04 -2.31
C PHE A 6 11.52 1.07 -2.19
N THR A 7 10.58 1.14 -3.12
CA THR A 7 9.56 2.17 -3.13
C THR A 7 8.62 2.00 -1.94
N ASP A 8 8.74 2.88 -0.94
CA ASP A 8 7.87 3.00 0.23
C ASP A 8 6.43 2.90 -0.25
N ALA A 9 5.64 2.03 0.39
CA ALA A 9 4.24 1.78 0.07
C ALA A 9 3.46 3.09 -0.08
N CYS A 10 3.79 4.08 0.74
CA CYS A 10 3.15 5.39 0.73
C CYS A 10 3.30 6.09 -0.64
N VAL A 11 4.43 5.87 -1.31
CA VAL A 11 4.78 6.44 -2.60
C VAL A 11 4.46 5.47 -3.76
N LEU A 12 4.03 4.23 -3.49
CA LEU A 12 3.84 3.21 -4.52
C LEU A 12 2.35 2.99 -4.79
N PRO A 13 1.96 2.66 -6.03
CA PRO A 13 0.58 2.34 -6.36
C PRO A 13 0.18 0.97 -5.81
N ALA A 14 -1.12 0.67 -5.92
CA ALA A 14 -1.65 -0.64 -5.58
C ALA A 14 -1.14 -1.64 -6.62
N VAL A 15 -0.98 -2.91 -6.25
CA VAL A 15 -0.64 -3.98 -7.19
C VAL A 15 -1.65 -5.10 -6.98
N GLN A 16 -2.25 -5.49 -8.09
CA GLN A 16 -3.31 -6.50 -8.14
C GLN A 16 -2.72 -7.91 -8.20
N GLY A 17 -1.52 -8.03 -8.75
CA GLY A 17 -0.85 -9.29 -9.01
C GLY A 17 -1.28 -9.85 -10.37
N PRO A 18 -0.64 -10.93 -10.87
CA PRO A 18 -0.88 -11.47 -12.20
C PRO A 18 -2.19 -12.27 -12.36
N CYS A 19 -2.95 -12.52 -11.29
CA CYS A 19 -4.13 -13.38 -11.31
C CYS A 19 -5.34 -12.74 -12.01
N ARG A 20 -6.46 -13.47 -12.00
CA ARG A 20 -7.77 -13.04 -12.49
C ARG A 20 -8.89 -13.35 -11.49
N GLY A 21 -8.52 -13.87 -10.32
CA GLY A 21 -9.41 -14.08 -9.20
C GLY A 21 -9.43 -12.71 -8.53
N TRP A 22 -10.49 -12.34 -7.80
CA TRP A 22 -10.63 -11.00 -7.25
C TRP A 22 -10.89 -11.06 -5.75
N GLU A 23 -9.88 -10.63 -5.01
CA GLU A 23 -9.73 -10.63 -3.56
C GLU A 23 -9.60 -9.15 -3.10
N PRO A 24 -10.50 -8.61 -2.27
CA PRO A 24 -10.42 -7.21 -1.82
C PRO A 24 -9.25 -7.00 -0.86
N ARG A 25 -8.51 -5.91 -1.08
CA ARG A 25 -7.43 -5.43 -0.23
C ARG A 25 -7.56 -3.92 -0.12
N TRP A 26 -6.65 -3.28 0.63
CA TRP A 26 -6.60 -1.84 0.76
C TRP A 26 -5.24 -1.36 0.26
N ALA A 27 -5.18 -0.18 -0.36
CA ALA A 27 -3.92 0.45 -0.75
C ALA A 27 -4.01 1.94 -0.49
N TYR A 28 -2.88 2.53 -0.13
CA TYR A 28 -2.75 3.95 0.06
C TYR A 28 -2.61 4.62 -1.30
N SER A 29 -3.23 5.78 -1.46
CA SER A 29 -3.10 6.63 -2.62
C SER A 29 -2.49 7.96 -2.18
N PRO A 30 -1.25 8.31 -2.59
CA PRO A 30 -0.67 9.60 -2.30
C PRO A 30 -1.42 10.70 -3.05
N LEU A 31 -1.93 10.39 -4.25
CA LEU A 31 -2.74 11.29 -5.07
C LEU A 31 -4.10 11.60 -4.42
N LEU A 32 -4.51 10.83 -3.41
CA LEU A 32 -5.71 11.05 -2.61
C LEU A 32 -5.34 11.39 -1.16
N GLN A 33 -4.04 11.33 -0.84
CA GLN A 33 -3.42 11.48 0.46
C GLN A 33 -4.14 10.58 1.50
N GLN A 34 -4.69 9.45 1.05
CA GLN A 34 -5.52 8.57 1.87
C GLN A 34 -5.62 7.21 1.18
N CYS A 35 -6.19 6.26 1.89
CA CYS A 35 -6.34 4.88 1.49
C CYS A 35 -7.70 4.60 0.91
N HIS A 36 -7.78 3.53 0.12
CA HIS A 36 -9.04 3.05 -0.42
C HIS A 36 -8.97 1.53 -0.67
N PRO A 37 -10.12 0.82 -0.65
CA PRO A 37 -10.16 -0.60 -1.02
C PRO A 37 -9.75 -0.76 -2.48
N PHE A 38 -9.37 -1.97 -2.92
CA PHE A 38 -9.08 -2.25 -4.32
C PHE A 38 -9.21 -3.74 -4.55
N VAL A 39 -9.23 -4.14 -5.82
CA VAL A 39 -9.33 -5.52 -6.25
C VAL A 39 -7.91 -6.02 -6.47
N TYR A 40 -7.49 -6.98 -5.65
CA TYR A 40 -6.23 -7.71 -5.71
C TYR A 40 -6.55 -9.14 -6.16
N GLY A 41 -5.55 -10.01 -6.35
CA GLY A 41 -5.74 -11.34 -6.90
C GLY A 41 -5.16 -12.50 -6.11
N GLY A 42 -4.66 -12.29 -4.89
CA GLY A 42 -4.19 -13.35 -3.99
C GLY A 42 -2.76 -13.82 -4.23
N CYS A 43 -2.27 -13.72 -5.46
CA CYS A 43 -0.90 -13.98 -5.86
C CYS A 43 -0.01 -12.76 -5.54
N GLU A 44 1.24 -12.82 -5.98
CA GLU A 44 2.30 -11.81 -5.83
C GLU A 44 1.77 -10.37 -5.86
N GLY A 45 2.23 -9.55 -4.93
CA GLY A 45 1.95 -8.12 -4.88
C GLY A 45 3.08 -7.43 -4.13
N ASN A 46 3.11 -6.10 -4.18
CA ASN A 46 4.13 -5.31 -3.47
C ASN A 46 3.56 -4.90 -2.10
N GLY A 47 4.34 -4.12 -1.37
CA GLY A 47 4.06 -3.71 0.00
C GLY A 47 2.88 -2.75 0.16
N ASN A 48 2.39 -2.11 -0.91
CA ASN A 48 1.16 -1.31 -0.80
C ASN A 48 -0.03 -2.24 -1.01
N ASN A 49 -0.23 -3.12 -0.03
CA ASN A 49 -1.29 -4.11 0.01
C ASN A 49 -1.60 -4.30 1.50
N PHE A 50 -2.79 -3.88 1.91
CA PHE A 50 -3.21 -3.86 3.29
C PHE A 50 -4.42 -4.74 3.51
N HIS A 51 -4.72 -5.01 4.78
CA HIS A 51 -5.75 -5.96 5.14
C HIS A 51 -7.07 -5.23 5.34
N SER A 52 -7.01 -3.93 5.60
CA SER A 52 -8.17 -3.15 5.95
C SER A 52 -7.75 -1.67 5.96
N ARG A 53 -8.67 -0.79 6.38
CA ARG A 53 -8.36 0.62 6.56
C ARG A 53 -7.21 0.75 7.55
N GLU A 54 -7.27 0.05 8.68
CA GLU A 54 -6.26 -0.10 9.73
C GLU A 54 -4.81 -0.14 9.28
N SER A 55 -4.42 -1.19 8.58
CA SER A 55 -3.05 -1.39 8.16
C SER A 55 -2.61 -0.35 7.13
N CYS A 56 -3.56 0.07 6.31
CA CYS A 56 -3.32 1.07 5.31
C CYS A 56 -3.07 2.42 5.95
N GLU A 57 -3.92 2.82 6.90
CA GLU A 57 -3.72 4.10 7.58
C GLU A 57 -2.45 4.06 8.41
N ASP A 58 -2.11 2.89 8.98
CA ASP A 58 -0.84 2.69 9.68
C ASP A 58 0.32 2.92 8.70
N ALA A 59 0.19 2.51 7.43
CA ALA A 59 1.22 2.85 6.45
C ALA A 59 1.23 4.36 6.22
N CYS A 60 0.14 4.94 5.69
CA CYS A 60 -0.08 6.37 5.52
C CYS A 60 -1.59 6.68 5.47
N PRO A 61 -2.02 7.93 5.72
CA PRO A 61 -1.21 9.11 5.94
C PRO A 61 -0.72 9.23 7.39
N VAL A 62 0.59 9.04 7.59
CA VAL A 62 1.27 9.13 8.87
C VAL A 62 2.42 10.11 8.67
N VAL A 63 3.19 10.34 9.73
CA VAL A 63 4.40 11.14 9.67
C VAL A 63 5.35 10.49 8.64
N ASP A 64 6.09 11.36 7.95
CA ASP A 64 7.08 11.02 6.94
C ASP A 64 8.07 10.00 7.51
N HIS A 65 8.04 8.78 6.95
CA HIS A 65 8.82 7.60 7.34
C HIS A 65 10.31 7.96 7.32
N HIS A 66 10.90 8.05 6.12
CA HIS A 66 12.25 8.51 5.76
C HIS A 66 12.32 9.99 6.11
N HIS A 67 12.29 10.25 7.41
CA HIS A 67 12.20 11.52 8.06
C HIS A 67 13.12 12.60 7.53
N HIS A 68 12.62 13.36 6.57
CA HIS A 68 13.23 14.53 5.96
C HIS A 68 13.30 15.53 7.13
N HIS A 69 14.44 15.56 7.83
CA HIS A 69 14.71 16.31 9.06
C HIS A 69 13.99 17.65 9.19
N HIS A 70 12.82 17.60 9.79
CA HIS A 70 11.91 18.63 10.21
C HIS A 70 11.26 18.02 11.45
N GLU A 1 15.32 -4.10 -2.16
CA GLU A 1 14.30 -4.01 -1.12
C GLU A 1 14.44 -5.17 -0.13
N ALA A 2 15.52 -5.19 0.65
CA ALA A 2 15.53 -5.82 1.96
C ALA A 2 14.56 -5.06 2.90
N GLU A 3 14.38 -5.56 4.12
CA GLU A 3 13.49 -5.02 5.15
C GLU A 3 13.84 -3.55 5.39
N ALA A 4 15.14 -3.30 5.61
CA ALA A 4 15.68 -1.98 5.88
C ALA A 4 15.68 -1.07 4.65
N GLU A 5 15.41 -1.59 3.45
CA GLU A 5 15.42 -0.81 2.23
C GLU A 5 14.03 -0.45 1.73
N PHE A 6 13.09 -1.41 1.81
CA PHE A 6 11.73 -1.35 1.27
C PHE A 6 11.13 0.05 1.29
N THR A 7 11.20 0.70 0.14
CA THR A 7 10.68 2.02 -0.14
C THR A 7 9.21 2.01 0.29
N ASP A 8 8.87 2.98 1.14
CA ASP A 8 7.58 3.10 1.80
C ASP A 8 6.41 2.87 0.84
N ALA A 9 5.51 1.95 1.21
CA ALA A 9 4.33 1.60 0.44
C ALA A 9 3.46 2.81 0.11
N CYS A 10 3.54 3.88 0.91
CA CYS A 10 2.90 5.16 0.71
C CYS A 10 3.21 5.78 -0.67
N VAL A 11 4.40 5.52 -1.20
CA VAL A 11 4.89 6.05 -2.48
C VAL A 11 4.67 5.04 -3.63
N LEU A 12 4.18 3.83 -3.36
CA LEU A 12 4.05 2.73 -4.30
C LEU A 12 2.61 2.52 -4.73
N PRO A 13 2.33 2.27 -6.03
CA PRO A 13 0.97 2.02 -6.48
C PRO A 13 0.48 0.64 -6.06
N ALA A 14 -0.85 0.50 -6.12
CA ALA A 14 -1.55 -0.76 -5.89
C ALA A 14 -1.40 -1.63 -7.14
N VAL A 15 -1.39 -2.96 -6.99
CA VAL A 15 -1.25 -3.89 -8.11
C VAL A 15 -2.19 -5.07 -7.86
N GLN A 16 -2.83 -5.53 -8.95
CA GLN A 16 -3.68 -6.70 -8.99
C GLN A 16 -2.87 -7.97 -8.75
N GLY A 17 -1.94 -8.26 -9.66
CA GLY A 17 -1.15 -9.46 -9.71
C GLY A 17 -1.55 -10.28 -10.95
N PRO A 18 -0.86 -11.38 -11.27
CA PRO A 18 -1.10 -12.14 -12.50
C PRO A 18 -2.39 -12.98 -12.49
N CYS A 19 -3.13 -13.05 -11.38
CA CYS A 19 -4.32 -13.88 -11.23
C CYS A 19 -5.52 -13.32 -12.00
N ARG A 20 -6.65 -14.03 -11.89
CA ARG A 20 -7.95 -13.62 -12.42
C ARG A 20 -9.08 -13.74 -11.38
N GLY A 21 -8.72 -14.11 -10.17
CA GLY A 21 -9.60 -14.14 -9.01
C GLY A 21 -9.38 -12.76 -8.39
N TRP A 22 -10.36 -12.21 -7.67
CA TRP A 22 -10.28 -10.85 -7.18
C TRP A 22 -10.53 -10.80 -5.68
N GLU A 23 -9.44 -10.64 -4.95
CA GLU A 23 -9.33 -10.55 -3.50
C GLU A 23 -9.32 -9.05 -3.14
N PRO A 24 -10.31 -8.51 -2.39
CA PRO A 24 -10.30 -7.11 -1.97
C PRO A 24 -9.18 -6.88 -0.95
N ARG A 25 -8.44 -5.78 -1.15
CA ARG A 25 -7.41 -5.29 -0.24
C ARG A 25 -7.57 -3.79 -0.10
N TRP A 26 -6.72 -3.17 0.71
CA TRP A 26 -6.65 -1.74 0.92
C TRP A 26 -5.31 -1.25 0.38
N ALA A 27 -5.26 -0.09 -0.28
CA ALA A 27 -4.00 0.51 -0.70
C ALA A 27 -4.09 2.01 -0.47
N TYR A 28 -2.94 2.59 -0.13
CA TYR A 28 -2.81 4.03 0.05
C TYR A 28 -2.70 4.71 -1.30
N SER A 29 -3.41 5.83 -1.45
CA SER A 29 -3.33 6.69 -2.61
C SER A 29 -2.80 8.06 -2.18
N PRO A 30 -1.60 8.48 -2.61
CA PRO A 30 -1.12 9.84 -2.33
C PRO A 30 -1.96 10.87 -3.09
N LEU A 31 -2.48 10.51 -4.27
CA LEU A 31 -3.39 11.34 -5.06
C LEU A 31 -4.74 11.56 -4.36
N LEU A 32 -5.04 10.78 -3.32
CA LEU A 32 -6.21 10.92 -2.46
C LEU A 32 -5.80 11.27 -1.03
N GLN A 33 -4.49 11.30 -0.78
CA GLN A 33 -3.80 11.47 0.48
C GLN A 33 -4.29 10.48 1.55
N GLN A 34 -4.86 9.34 1.14
CA GLN A 34 -5.47 8.40 2.08
C GLN A 34 -5.69 7.05 1.39
N CYS A 35 -6.04 6.03 2.16
CA CYS A 35 -6.30 4.69 1.69
C CYS A 35 -7.73 4.44 1.27
N HIS A 36 -7.87 3.54 0.30
CA HIS A 36 -9.15 3.05 -0.19
C HIS A 36 -9.07 1.55 -0.52
N PRO A 37 -10.20 0.82 -0.57
CA PRO A 37 -10.22 -0.58 -1.00
C PRO A 37 -9.78 -0.69 -2.47
N PHE A 38 -9.31 -1.85 -2.93
CA PHE A 38 -8.95 -2.07 -4.32
C PHE A 38 -8.96 -3.57 -4.61
N VAL A 39 -8.78 -3.92 -5.89
CA VAL A 39 -8.79 -5.27 -6.39
C VAL A 39 -7.37 -5.81 -6.42
N TYR A 40 -7.10 -6.86 -5.66
CA TYR A 40 -5.85 -7.61 -5.64
C TYR A 40 -6.19 -9.03 -6.11
N GLY A 41 -5.20 -9.89 -6.36
CA GLY A 41 -5.40 -11.21 -6.94
C GLY A 41 -4.93 -12.39 -6.09
N GLY A 42 -4.42 -12.16 -4.87
CA GLY A 42 -3.98 -13.22 -3.96
C GLY A 42 -2.57 -13.72 -4.25
N CYS A 43 -2.20 -13.83 -5.52
CA CYS A 43 -0.86 -14.15 -5.98
C CYS A 43 0.01 -12.89 -5.88
N GLU A 44 1.23 -12.96 -6.40
CA GLU A 44 2.24 -11.91 -6.45
C GLU A 44 1.62 -10.52 -6.65
N GLY A 45 2.07 -9.54 -5.87
CA GLY A 45 1.69 -8.14 -5.95
C GLY A 45 2.71 -7.36 -5.13
N ASN A 46 2.61 -6.03 -5.12
CA ASN A 46 3.62 -5.21 -4.46
C ASN A 46 3.19 -4.92 -3.02
N GLY A 47 4.07 -4.23 -2.29
CA GLY A 47 3.94 -3.94 -0.86
C GLY A 47 2.82 -2.97 -0.47
N ASN A 48 2.21 -2.24 -1.41
CA ASN A 48 1.06 -1.40 -1.08
C ASN A 48 -0.16 -2.30 -1.15
N ASN A 49 -0.24 -3.21 -0.17
CA ASN A 49 -1.30 -4.17 -0.01
C ASN A 49 -1.56 -4.25 1.48
N PHE A 50 -2.74 -3.78 1.88
CA PHE A 50 -3.14 -3.68 3.27
C PHE A 50 -4.34 -4.56 3.46
N HIS A 51 -4.43 -5.00 4.70
CA HIS A 51 -5.36 -5.98 5.18
C HIS A 51 -6.60 -5.31 5.75
N SER A 52 -6.52 -4.00 5.96
CA SER A 52 -7.54 -3.24 6.62
C SER A 52 -7.36 -1.76 6.33
N ARG A 53 -8.38 -0.99 6.68
CA ARG A 53 -8.32 0.48 6.60
C ARG A 53 -7.24 0.95 7.57
N GLU A 54 -7.26 0.39 8.79
CA GLU A 54 -6.32 0.58 9.88
C GLU A 54 -4.87 0.47 9.44
N SER A 55 -4.43 -0.71 9.02
CA SER A 55 -3.01 -0.93 8.66
C SER A 55 -2.56 0.00 7.52
N CYS A 56 -3.48 0.29 6.60
CA CYS A 56 -3.22 1.17 5.49
C CYS A 56 -3.03 2.60 5.96
N GLU A 57 -3.92 3.08 6.82
CA GLU A 57 -3.74 4.40 7.41
C GLU A 57 -2.47 4.45 8.25
N ASP A 58 -2.07 3.36 8.91
CA ASP A 58 -0.77 3.32 9.60
C ASP A 58 0.33 3.56 8.57
N ALA A 59 0.26 2.95 7.36
CA ALA A 59 1.24 3.26 6.32
C ALA A 59 1.24 4.77 6.06
N CYS A 60 0.12 5.32 5.61
CA CYS A 60 -0.10 6.75 5.43
C CYS A 60 -1.59 7.14 5.49
N PRO A 61 -1.93 8.40 5.76
CA PRO A 61 -1.03 9.55 5.92
C PRO A 61 -0.37 9.65 7.31
N VAL A 62 0.89 9.23 7.39
CA VAL A 62 1.74 9.16 8.57
C VAL A 62 3.14 9.53 8.08
N VAL A 63 4.10 9.57 8.99
CA VAL A 63 5.50 9.79 8.66
C VAL A 63 6.03 8.51 7.99
N ASP A 64 7.03 8.68 7.12
CA ASP A 64 7.77 7.61 6.46
C ASP A 64 8.23 6.59 7.51
N HIS A 65 7.92 5.31 7.33
CA HIS A 65 8.28 4.23 8.23
C HIS A 65 9.77 3.97 7.99
N HIS A 66 10.63 4.81 8.58
CA HIS A 66 12.08 4.92 8.45
C HIS A 66 12.93 3.67 8.21
N HIS A 67 12.88 3.17 6.98
CA HIS A 67 13.68 2.09 6.43
C HIS A 67 15.00 2.77 6.05
N HIS A 68 16.14 2.30 6.56
CA HIS A 68 17.47 2.80 6.19
C HIS A 68 17.83 2.41 4.74
N HIS A 69 17.10 2.92 3.72
CA HIS A 69 17.46 2.68 2.32
C HIS A 69 18.70 3.51 1.95
N HIS A 70 18.99 4.59 2.67
CA HIS A 70 20.16 5.43 2.57
C HIS A 70 20.48 5.79 4.00
N GLU A 1 16.82 10.38 -1.33
CA GLU A 1 15.50 10.78 -0.82
C GLU A 1 15.71 11.41 0.56
N ALA A 2 14.67 11.56 1.39
CA ALA A 2 14.79 11.50 2.83
C ALA A 2 15.10 10.03 3.18
N GLU A 3 14.37 9.43 4.13
CA GLU A 3 14.62 8.05 4.49
C GLU A 3 14.14 7.07 3.40
N ALA A 4 13.06 7.39 2.69
CA ALA A 4 12.30 6.64 1.68
C ALA A 4 13.02 6.12 0.42
N GLU A 5 14.36 6.02 0.41
CA GLU A 5 15.15 5.45 -0.70
C GLU A 5 14.53 4.12 -1.13
N PHE A 6 14.30 3.24 -0.15
CA PHE A 6 13.60 1.98 -0.35
C PHE A 6 12.13 2.41 -0.25
N THR A 7 11.50 2.62 -1.40
CA THR A 7 10.16 3.14 -1.58
C THR A 7 9.19 2.71 -0.47
N ASP A 8 8.71 3.68 0.31
CA ASP A 8 7.69 3.46 1.33
C ASP A 8 6.42 2.95 0.62
N ALA A 9 5.60 2.16 1.32
CA ALA A 9 4.31 1.74 0.79
C ALA A 9 3.47 2.97 0.40
N CYS A 10 3.67 4.06 1.15
CA CYS A 10 3.07 5.37 0.90
C CYS A 10 3.32 5.87 -0.53
N VAL A 11 4.52 5.62 -1.06
CA VAL A 11 4.98 6.08 -2.37
C VAL A 11 4.82 4.98 -3.44
N LEU A 12 4.37 3.76 -3.08
CA LEU A 12 4.33 2.63 -4.00
C LEU A 12 2.88 2.35 -4.43
N PRO A 13 2.65 1.98 -5.69
CA PRO A 13 1.29 1.75 -6.18
C PRO A 13 0.70 0.45 -5.65
N ALA A 14 -0.63 0.37 -5.77
CA ALA A 14 -1.41 -0.80 -5.44
C ALA A 14 -1.14 -1.87 -6.50
N VAL A 15 -0.50 -2.98 -6.15
CA VAL A 15 -0.32 -4.08 -7.08
C VAL A 15 -1.50 -5.03 -6.91
N GLN A 16 -2.09 -5.40 -8.03
CA GLN A 16 -3.26 -6.29 -8.12
C GLN A 16 -2.83 -7.74 -8.34
N GLY A 17 -1.64 -7.95 -8.90
CA GLY A 17 -1.10 -9.24 -9.31
C GLY A 17 -1.71 -9.69 -10.65
N PRO A 18 -1.16 -10.73 -11.28
CA PRO A 18 -1.56 -11.17 -12.62
C PRO A 18 -2.85 -12.01 -12.68
N CYS A 19 -3.47 -12.37 -11.55
CA CYS A 19 -4.62 -13.27 -11.48
C CYS A 19 -5.90 -12.67 -12.07
N ARG A 20 -6.98 -13.45 -12.00
CA ARG A 20 -8.35 -13.07 -12.37
C ARG A 20 -9.38 -13.40 -11.29
N GLY A 21 -8.91 -13.91 -10.16
CA GLY A 21 -9.73 -14.14 -8.99
C GLY A 21 -9.69 -12.77 -8.30
N TRP A 22 -10.70 -12.40 -7.50
CA TRP A 22 -10.79 -11.07 -6.94
C TRP A 22 -10.90 -11.14 -5.42
N GLU A 23 -9.79 -10.75 -4.79
CA GLU A 23 -9.49 -10.71 -3.37
C GLU A 23 -9.40 -9.22 -2.99
N PRO A 24 -10.30 -8.67 -2.14
CA PRO A 24 -10.27 -7.26 -1.73
C PRO A 24 -9.07 -6.98 -0.84
N ARG A 25 -8.41 -5.86 -1.12
CA ARG A 25 -7.32 -5.32 -0.32
C ARG A 25 -7.55 -3.83 -0.16
N TRP A 26 -6.66 -3.21 0.58
CA TRP A 26 -6.61 -1.78 0.84
C TRP A 26 -5.23 -1.32 0.35
N ALA A 27 -5.16 -0.15 -0.28
CA ALA A 27 -3.88 0.44 -0.66
C ALA A 27 -3.98 1.95 -0.47
N TYR A 28 -2.84 2.54 -0.10
CA TYR A 28 -2.73 3.97 0.05
C TYR A 28 -2.59 4.60 -1.33
N SER A 29 -3.28 5.71 -1.54
CA SER A 29 -3.18 6.53 -2.73
C SER A 29 -2.66 7.90 -2.32
N PRO A 30 -1.43 8.31 -2.73
CA PRO A 30 -0.96 9.67 -2.48
C PRO A 30 -1.76 10.68 -3.28
N LEU A 31 -2.23 10.29 -4.48
CA LEU A 31 -3.11 11.09 -5.33
C LEU A 31 -4.49 11.33 -4.71
N LEU A 32 -4.84 10.60 -3.65
CA LEU A 32 -6.06 10.78 -2.86
C LEU A 32 -5.70 11.18 -1.42
N GLN A 33 -4.41 11.22 -1.12
CA GLN A 33 -3.78 11.44 0.17
C GLN A 33 -4.36 10.51 1.24
N GLN A 34 -4.89 9.34 0.85
CA GLN A 34 -5.58 8.46 1.79
C GLN A 34 -5.67 7.05 1.18
N CYS A 35 -6.04 6.09 2.01
CA CYS A 35 -6.27 4.71 1.60
C CYS A 35 -7.69 4.47 1.12
N HIS A 36 -7.80 3.49 0.23
CA HIS A 36 -9.07 3.00 -0.27
C HIS A 36 -9.00 1.49 -0.57
N PRO A 37 -10.13 0.77 -0.56
CA PRO A 37 -10.18 -0.64 -0.97
C PRO A 37 -9.80 -0.77 -2.45
N PHE A 38 -9.42 -1.96 -2.92
CA PHE A 38 -9.18 -2.21 -4.32
C PHE A 38 -9.26 -3.72 -4.59
N VAL A 39 -9.33 -4.08 -5.86
CA VAL A 39 -9.42 -5.44 -6.32
C VAL A 39 -7.99 -5.92 -6.56
N TYR A 40 -7.56 -6.91 -5.80
CA TYR A 40 -6.31 -7.64 -5.90
C TYR A 40 -6.64 -9.09 -6.25
N GLY A 41 -5.64 -9.93 -6.52
CA GLY A 41 -5.85 -11.30 -6.98
C GLY A 41 -5.18 -12.41 -6.19
N GLY A 42 -4.62 -12.14 -5.02
CA GLY A 42 -4.05 -13.15 -4.13
C GLY A 42 -2.60 -13.55 -4.47
N CYS A 43 -2.25 -13.51 -5.76
CA CYS A 43 -0.91 -13.70 -6.29
C CYS A 43 -0.05 -12.46 -6.00
N GLU A 44 1.16 -12.46 -6.56
CA GLU A 44 2.23 -11.48 -6.42
C GLU A 44 1.73 -10.05 -6.23
N GLY A 45 2.31 -9.34 -5.26
CA GLY A 45 2.05 -7.93 -5.01
C GLY A 45 3.19 -7.36 -4.18
N ASN A 46 3.33 -6.03 -4.19
CA ASN A 46 4.35 -5.35 -3.41
C ASN A 46 3.73 -4.92 -2.07
N GLY A 47 4.50 -4.18 -1.28
CA GLY A 47 4.18 -3.76 0.08
C GLY A 47 2.96 -2.85 0.25
N ASN A 48 2.45 -2.19 -0.79
CA ASN A 48 1.22 -1.41 -0.67
C ASN A 48 0.05 -2.33 -0.96
N ASN A 49 -0.18 -3.27 -0.06
CA ASN A 49 -1.27 -4.23 -0.10
C ASN A 49 -1.63 -4.50 1.37
N PHE A 50 -2.82 -4.08 1.77
CA PHE A 50 -3.27 -4.13 3.16
C PHE A 50 -4.55 -4.91 3.27
N HIS A 51 -4.75 -5.51 4.43
CA HIS A 51 -5.93 -6.32 4.71
C HIS A 51 -7.02 -5.50 5.38
N SER A 52 -6.72 -4.27 5.77
CA SER A 52 -7.65 -3.45 6.54
C SER A 52 -7.44 -1.98 6.28
N ARG A 53 -8.43 -1.17 6.68
CA ARG A 53 -8.38 0.27 6.64
C ARG A 53 -7.24 0.74 7.56
N GLU A 54 -7.24 0.24 8.79
CA GLU A 54 -6.26 0.41 9.85
C GLU A 54 -4.82 0.28 9.34
N SER A 55 -4.43 -0.92 8.90
CA SER A 55 -3.05 -1.18 8.48
C SER A 55 -2.62 -0.26 7.32
N CYS A 56 -3.57 0.06 6.45
CA CYS A 56 -3.35 0.96 5.33
C CYS A 56 -3.14 2.39 5.82
N GLU A 57 -3.95 2.83 6.78
CA GLU A 57 -3.76 4.13 7.40
C GLU A 57 -2.37 4.24 8.03
N ASP A 58 -1.83 3.16 8.62
CA ASP A 58 -0.44 3.20 9.10
C ASP A 58 0.49 3.35 7.89
N ALA A 59 0.20 2.66 6.78
CA ALA A 59 0.93 2.81 5.53
C ALA A 59 1.02 4.26 5.06
N CYS A 60 -0.02 5.07 5.33
CA CYS A 60 -0.26 6.48 5.18
C CYS A 60 -1.75 6.88 5.23
N PRO A 61 -2.08 8.16 5.49
CA PRO A 61 -1.20 9.32 5.64
C PRO A 61 -0.52 9.42 7.02
N VAL A 62 0.76 9.04 7.07
CA VAL A 62 1.62 9.04 8.25
C VAL A 62 3.00 9.49 7.75
N VAL A 63 3.96 9.61 8.67
CA VAL A 63 5.35 9.91 8.36
C VAL A 63 5.99 8.64 7.77
N ASP A 64 7.13 8.81 7.09
CA ASP A 64 7.97 7.73 6.55
C ASP A 64 8.17 6.63 7.58
N HIS A 65 7.99 5.36 7.16
CA HIS A 65 8.27 4.18 7.95
C HIS A 65 9.79 4.18 8.04
N HIS A 66 10.28 4.87 9.07
CA HIS A 66 11.67 5.19 9.37
C HIS A 66 12.71 4.19 8.93
N HIS A 67 13.10 4.34 7.65
CA HIS A 67 14.15 3.62 6.96
C HIS A 67 15.51 4.22 7.38
N HIS A 68 15.76 4.33 8.68
CA HIS A 68 16.93 4.99 9.26
C HIS A 68 18.21 4.55 8.54
N HIS A 69 18.85 5.48 7.80
CA HIS A 69 20.02 5.18 6.95
C HIS A 69 21.23 4.66 7.74
N HIS A 70 21.21 4.74 9.07
CA HIS A 70 22.18 4.19 9.99
C HIS A 70 21.33 3.83 11.19
N GLU A 1 8.64 2.14 -2.79
CA GLU A 1 9.57 1.04 -3.09
C GLU A 1 10.79 1.11 -2.19
N ALA A 2 11.97 0.76 -2.71
CA ALA A 2 13.25 0.67 -2.01
C ALA A 2 13.73 1.97 -1.32
N GLU A 3 12.96 3.06 -1.37
CA GLU A 3 13.22 4.30 -0.65
C GLU A 3 13.35 4.03 0.86
N ALA A 4 12.65 3.02 1.37
CA ALA A 4 12.74 2.54 2.73
C ALA A 4 13.26 1.10 2.73
N GLU A 5 13.60 0.58 3.92
CA GLU A 5 14.15 -0.76 4.11
C GLU A 5 13.21 -1.86 3.58
N PHE A 6 11.92 -1.58 3.48
CA PHE A 6 10.92 -2.42 2.89
C PHE A 6 10.12 -1.54 1.93
N THR A 7 9.61 -2.15 0.88
CA THR A 7 8.83 -1.65 -0.23
C THR A 7 7.79 -0.60 0.23
N ASP A 8 8.16 0.70 0.14
CA ASP A 8 7.34 1.80 0.64
C ASP A 8 6.06 1.99 -0.19
N ALA A 9 5.01 1.34 0.31
CA ALA A 9 3.64 1.41 -0.15
C ALA A 9 3.14 2.81 -0.45
N CYS A 10 3.56 3.80 0.35
CA CYS A 10 3.10 5.17 0.27
C CYS A 10 3.42 5.77 -1.11
N VAL A 11 4.53 5.35 -1.72
CA VAL A 11 4.99 5.86 -3.01
C VAL A 11 4.55 4.95 -4.16
N LEU A 12 3.92 3.80 -3.87
CA LEU A 12 3.58 2.78 -4.84
C LEU A 12 2.10 2.69 -5.22
N PRO A 13 1.77 2.59 -6.52
CA PRO A 13 0.42 2.35 -6.99
C PRO A 13 -0.14 1.03 -6.43
N ALA A 14 -1.46 0.88 -6.37
CA ALA A 14 -2.08 -0.33 -5.83
C ALA A 14 -1.81 -1.50 -6.80
N VAL A 15 -1.02 -2.49 -6.38
CA VAL A 15 -0.66 -3.61 -7.24
C VAL A 15 -1.67 -4.73 -7.03
N GLN A 16 -2.21 -5.23 -8.14
CA GLN A 16 -3.17 -6.33 -8.15
C GLN A 16 -2.49 -7.70 -8.17
N GLY A 17 -1.27 -7.78 -8.68
CA GLY A 17 -0.55 -9.01 -8.91
C GLY A 17 -0.92 -9.57 -10.28
N PRO A 18 -0.24 -10.61 -10.77
CA PRO A 18 -0.44 -11.11 -12.13
C PRO A 18 -1.82 -11.76 -12.31
N CYS A 19 -2.28 -12.52 -11.31
CA CYS A 19 -3.52 -13.29 -11.40
C CYS A 19 -4.72 -12.38 -11.60
N ARG A 20 -5.84 -12.98 -12.03
CA ARG A 20 -7.07 -12.28 -12.40
C ARG A 20 -8.27 -12.68 -11.52
N GLY A 21 -7.98 -13.40 -10.44
CA GLY A 21 -8.98 -13.73 -9.43
C GLY A 21 -9.18 -12.40 -8.69
N TRP A 22 -10.23 -12.19 -7.90
CA TRP A 22 -10.51 -10.90 -7.30
C TRP A 22 -10.72 -11.04 -5.80
N GLU A 23 -9.79 -10.48 -5.05
CA GLU A 23 -9.60 -10.53 -3.61
C GLU A 23 -9.51 -9.06 -3.13
N PRO A 24 -10.42 -8.54 -2.29
CA PRO A 24 -10.37 -7.17 -1.79
C PRO A 24 -9.19 -6.96 -0.85
N ARG A 25 -8.53 -5.82 -1.01
CA ARG A 25 -7.45 -5.31 -0.16
C ARG A 25 -7.64 -3.81 0.01
N TRP A 26 -6.75 -3.17 0.76
CA TRP A 26 -6.68 -1.74 0.96
C TRP A 26 -5.35 -1.27 0.36
N ALA A 27 -5.30 -0.09 -0.25
CA ALA A 27 -4.05 0.51 -0.73
C ALA A 27 -4.11 2.01 -0.49
N TYR A 28 -2.95 2.59 -0.21
CA TYR A 28 -2.80 4.03 -0.06
C TYR A 28 -2.74 4.69 -1.43
N SER A 29 -3.49 5.78 -1.61
CA SER A 29 -3.45 6.60 -2.80
C SER A 29 -2.98 8.01 -2.44
N PRO A 30 -1.80 8.48 -2.89
CA PRO A 30 -1.39 9.86 -2.67
C PRO A 30 -2.28 10.82 -3.48
N LEU A 31 -2.75 10.37 -4.65
CA LEU A 31 -3.70 11.10 -5.49
C LEU A 31 -5.07 11.30 -4.84
N LEU A 32 -5.35 10.57 -3.75
CA LEU A 32 -6.55 10.71 -2.93
C LEU A 32 -6.19 11.17 -1.52
N GLN A 33 -4.89 11.28 -1.25
CA GLN A 33 -4.20 11.57 0.00
C GLN A 33 -4.83 10.72 1.12
N GLN A 34 -5.16 9.45 0.82
CA GLN A 34 -5.83 8.54 1.74
C GLN A 34 -5.79 7.14 1.16
N CYS A 35 -6.10 6.17 2.00
CA CYS A 35 -6.26 4.78 1.64
C CYS A 35 -7.67 4.48 1.20
N HIS A 36 -7.80 3.50 0.34
CA HIS A 36 -9.12 3.00 -0.09
C HIS A 36 -9.07 1.51 -0.40
N PRO A 37 -10.22 0.79 -0.35
CA PRO A 37 -10.29 -0.60 -0.78
C PRO A 37 -9.94 -0.72 -2.27
N PHE A 38 -9.49 -1.88 -2.75
CA PHE A 38 -9.25 -2.11 -4.17
C PHE A 38 -9.34 -3.60 -4.45
N VAL A 39 -9.42 -3.95 -5.73
CA VAL A 39 -9.46 -5.32 -6.21
C VAL A 39 -8.02 -5.74 -6.50
N TYR A 40 -7.53 -6.70 -5.73
CA TYR A 40 -6.25 -7.40 -5.82
C TYR A 40 -6.53 -8.84 -6.30
N GLY A 41 -5.50 -9.64 -6.58
CA GLY A 41 -5.66 -10.97 -7.18
C GLY A 41 -5.14 -12.14 -6.35
N GLY A 42 -4.80 -11.92 -5.07
CA GLY A 42 -4.42 -12.94 -4.11
C GLY A 42 -3.01 -13.47 -4.22
N CYS A 43 -2.47 -13.60 -5.43
CA CYS A 43 -1.07 -13.98 -5.66
C CYS A 43 -0.15 -12.77 -5.49
N GLU A 44 1.14 -12.94 -5.81
CA GLU A 44 2.25 -12.00 -5.66
C GLU A 44 1.85 -10.54 -5.85
N GLY A 45 2.29 -9.65 -4.97
CA GLY A 45 2.07 -8.20 -5.08
C GLY A 45 3.20 -7.47 -4.36
N ASN A 46 3.23 -6.14 -4.52
CA ASN A 46 4.27 -5.30 -3.92
C ASN A 46 3.75 -4.79 -2.56
N GLY A 47 4.51 -3.88 -1.95
CA GLY A 47 4.29 -3.36 -0.61
C GLY A 47 2.93 -2.70 -0.36
N ASN A 48 2.35 -2.03 -1.35
CA ASN A 48 1.06 -1.34 -1.18
C ASN A 48 -0.08 -2.33 -1.31
N ASN A 49 -0.17 -3.22 -0.33
CA ASN A 49 -1.26 -4.16 -0.20
C ASN A 49 -1.52 -4.29 1.29
N PHE A 50 -2.68 -3.81 1.72
CA PHE A 50 -3.09 -3.75 3.11
C PHE A 50 -4.30 -4.61 3.27
N HIS A 51 -4.50 -4.98 4.52
CA HIS A 51 -5.52 -5.93 4.91
C HIS A 51 -6.66 -5.25 5.64
N SER A 52 -6.47 -3.97 5.93
CA SER A 52 -7.36 -3.15 6.72
C SER A 52 -7.09 -1.68 6.44
N ARG A 53 -8.01 -0.84 6.90
CA ARG A 53 -7.85 0.62 6.84
C ARG A 53 -6.67 0.98 7.74
N GLU A 54 -6.71 0.45 8.97
CA GLU A 54 -5.71 0.54 10.03
C GLU A 54 -4.30 0.37 9.50
N SER A 55 -3.94 -0.81 9.00
CA SER A 55 -2.58 -1.08 8.55
C SER A 55 -2.11 -0.10 7.46
N CYS A 56 -3.04 0.28 6.59
CA CYS A 56 -2.77 1.21 5.52
C CYS A 56 -2.46 2.58 6.04
N GLU A 57 -3.33 3.12 6.90
CA GLU A 57 -3.09 4.40 7.54
C GLU A 57 -1.82 4.34 8.38
N ASP A 58 -1.51 3.19 8.98
CA ASP A 58 -0.25 2.99 9.71
C ASP A 58 0.92 3.22 8.75
N ALA A 59 0.81 2.75 7.49
CA ALA A 59 1.84 3.10 6.51
C ALA A 59 1.77 4.60 6.18
N CYS A 60 0.65 5.08 5.62
CA CYS A 60 0.35 6.48 5.35
C CYS A 60 -1.18 6.65 5.22
N PRO A 61 -1.75 7.85 5.43
CA PRO A 61 -1.02 9.08 5.70
C PRO A 61 -1.12 9.45 7.18
N VAL A 62 -0.14 9.04 7.98
CA VAL A 62 0.01 9.38 9.39
C VAL A 62 1.49 9.76 9.55
N VAL A 63 1.96 10.00 10.78
CA VAL A 63 3.38 10.22 11.02
C VAL A 63 4.09 8.98 10.48
N ASP A 64 5.31 9.18 9.95
CA ASP A 64 6.14 8.20 9.24
C ASP A 64 6.00 6.77 9.76
N HIS A 65 5.86 5.86 8.79
CA HIS A 65 5.75 4.40 8.85
C HIS A 65 6.62 3.99 10.03
N HIS A 66 6.00 3.75 11.18
CA HIS A 66 6.55 3.49 12.51
C HIS A 66 7.87 2.69 12.48
N HIS A 67 8.94 3.44 12.22
CA HIS A 67 10.28 2.93 12.01
C HIS A 67 10.98 2.53 13.29
N HIS A 68 11.76 1.46 13.16
CA HIS A 68 12.65 0.97 14.21
C HIS A 68 13.86 1.92 14.18
N HIS A 69 14.84 1.80 15.09
CA HIS A 69 16.07 2.61 14.98
C HIS A 69 16.64 2.27 13.60
N HIS A 70 16.69 3.24 12.68
CA HIS A 70 17.13 2.98 11.31
C HIS A 70 18.59 2.54 11.34
N GLU A 1 3.29 2.97 10.73
CA GLU A 1 4.63 2.71 10.17
C GLU A 1 5.26 4.06 9.85
N ALA A 2 6.56 4.25 10.10
CA ALA A 2 7.29 5.49 9.81
C ALA A 2 8.76 5.25 9.41
N GLU A 3 9.23 4.01 9.45
CA GLU A 3 10.63 3.63 9.23
C GLU A 3 10.97 3.16 7.81
N ALA A 4 10.00 2.71 7.00
CA ALA A 4 10.21 2.23 5.62
C ALA A 4 10.95 3.19 4.66
N GLU A 5 12.25 3.30 4.84
CA GLU A 5 13.24 4.01 4.01
C GLU A 5 13.41 3.30 2.67
N PHE A 6 13.09 2.01 2.61
CA PHE A 6 13.06 1.21 1.39
C PHE A 6 11.98 1.78 0.44
N THR A 7 11.60 0.99 -0.56
CA THR A 7 10.51 1.24 -1.50
C THR A 7 9.23 1.42 -0.68
N ASP A 8 8.91 2.67 -0.37
CA ASP A 8 7.81 3.06 0.51
C ASP A 8 6.46 2.74 -0.11
N ALA A 9 5.73 1.83 0.54
CA ALA A 9 4.37 1.46 0.18
C ALA A 9 3.49 2.69 -0.05
N CYS A 10 3.61 3.71 0.80
CA CYS A 10 2.82 4.94 0.72
C CYS A 10 3.01 5.66 -0.62
N VAL A 11 4.20 5.59 -1.22
CA VAL A 11 4.52 6.21 -2.51
C VAL A 11 4.38 5.21 -3.67
N LEU A 12 4.19 3.91 -3.40
CA LEU A 12 4.18 2.84 -4.39
C LEU A 12 2.75 2.51 -4.80
N PRO A 13 2.48 2.26 -6.09
CA PRO A 13 1.14 1.97 -6.55
C PRO A 13 0.69 0.59 -6.11
N ALA A 14 -0.61 0.35 -6.29
CA ALA A 14 -1.25 -0.94 -6.08
C ALA A 14 -1.20 -1.73 -7.38
N VAL A 15 -1.21 -3.06 -7.32
CA VAL A 15 -1.23 -3.95 -8.47
C VAL A 15 -2.14 -5.13 -8.12
N GLN A 16 -2.85 -5.64 -9.13
CA GLN A 16 -3.73 -6.79 -9.02
C GLN A 16 -2.92 -8.07 -8.85
N GLY A 17 -2.06 -8.37 -9.82
CA GLY A 17 -1.29 -9.59 -9.92
C GLY A 17 -1.80 -10.43 -11.10
N PRO A 18 -1.09 -11.51 -11.47
CA PRO A 18 -1.41 -12.32 -12.64
C PRO A 18 -2.64 -13.22 -12.49
N CYS A 19 -3.24 -13.30 -11.30
CA CYS A 19 -4.38 -14.18 -11.02
C CYS A 19 -5.66 -13.69 -11.69
N ARG A 20 -6.75 -14.43 -11.48
CA ARG A 20 -8.10 -14.06 -11.91
C ARG A 20 -9.14 -14.19 -10.79
N GLY A 21 -8.68 -14.52 -9.60
CA GLY A 21 -9.48 -14.55 -8.38
C GLY A 21 -9.28 -13.14 -7.83
N TRP A 22 -10.22 -12.59 -7.06
CA TRP A 22 -10.15 -11.21 -6.63
C TRP A 22 -10.36 -11.10 -5.12
N GLU A 23 -9.25 -10.81 -4.45
CA GLU A 23 -9.11 -10.52 -3.03
C GLU A 23 -9.17 -8.98 -2.88
N PRO A 24 -10.17 -8.39 -2.20
CA PRO A 24 -10.21 -6.96 -1.92
C PRO A 24 -9.13 -6.62 -0.88
N ARG A 25 -8.29 -5.63 -1.19
CA ARG A 25 -7.28 -5.12 -0.28
C ARG A 25 -7.41 -3.61 -0.21
N TRP A 26 -6.57 -2.97 0.60
CA TRP A 26 -6.55 -1.53 0.82
C TRP A 26 -5.18 -1.02 0.39
N ALA A 27 -5.11 0.12 -0.31
CA ALA A 27 -3.84 0.74 -0.67
C ALA A 27 -3.94 2.25 -0.42
N TYR A 28 -2.82 2.85 -0.01
CA TYR A 28 -2.71 4.28 0.19
C TYR A 28 -2.52 4.98 -1.14
N SER A 29 -3.24 6.06 -1.37
CA SER A 29 -3.06 6.91 -2.53
C SER A 29 -2.64 8.29 -2.06
N PRO A 30 -1.41 8.75 -2.37
CA PRO A 30 -1.00 10.12 -2.06
C PRO A 30 -1.75 11.11 -2.95
N LEU A 31 -2.09 10.70 -4.18
CA LEU A 31 -2.92 11.46 -5.11
C LEU A 31 -4.34 11.68 -4.59
N LEU A 32 -4.77 10.92 -3.58
CA LEU A 32 -6.04 11.06 -2.87
C LEU A 32 -5.81 11.47 -1.42
N GLN A 33 -4.55 11.55 -1.01
CA GLN A 33 -4.02 11.79 0.32
C GLN A 33 -4.61 10.80 1.35
N GLN A 34 -5.14 9.65 0.92
CA GLN A 34 -5.84 8.72 1.79
C GLN A 34 -5.80 7.32 1.18
N CYS A 35 -6.16 6.32 1.97
CA CYS A 35 -6.31 4.95 1.51
C CYS A 35 -7.68 4.71 0.90
N HIS A 36 -7.74 3.69 0.03
CA HIS A 36 -8.98 3.22 -0.55
C HIS A 36 -8.88 1.70 -0.85
N PRO A 37 -10.02 0.97 -0.95
CA PRO A 37 -10.02 -0.42 -1.36
C PRO A 37 -9.48 -0.60 -2.78
N PHE A 38 -9.05 -1.79 -3.18
CA PHE A 38 -8.63 -2.09 -4.54
C PHE A 38 -8.74 -3.59 -4.76
N VAL A 39 -8.70 -4.01 -6.03
CA VAL A 39 -8.71 -5.42 -6.40
C VAL A 39 -7.27 -5.92 -6.38
N TYR A 40 -7.03 -7.04 -5.70
CA TYR A 40 -5.77 -7.75 -5.65
C TYR A 40 -6.07 -9.22 -5.98
N GLY A 41 -5.06 -10.04 -6.28
CA GLY A 41 -5.24 -11.41 -6.74
C GLY A 41 -4.68 -12.50 -5.85
N GLY A 42 -4.07 -12.17 -4.71
CA GLY A 42 -3.48 -13.14 -3.77
C GLY A 42 -2.05 -13.54 -4.16
N CYS A 43 -1.77 -13.62 -5.45
CA CYS A 43 -0.45 -13.86 -6.02
C CYS A 43 0.35 -12.54 -5.97
N GLU A 44 1.53 -12.55 -6.59
CA GLU A 44 2.45 -11.43 -6.77
C GLU A 44 1.71 -10.10 -6.96
N GLY A 45 2.17 -9.06 -6.24
CA GLY A 45 1.65 -7.71 -6.28
C GLY A 45 2.63 -6.83 -5.51
N ASN A 46 2.30 -5.55 -5.29
CA ASN A 46 3.24 -4.64 -4.64
C ASN A 46 2.97 -4.63 -3.13
N GLY A 47 3.81 -3.88 -2.42
CA GLY A 47 3.83 -3.80 -0.97
C GLY A 47 2.78 -2.84 -0.43
N ASN A 48 2.16 -2.01 -1.28
CA ASN A 48 1.05 -1.16 -0.90
C ASN A 48 -0.19 -2.03 -0.95
N ASN A 49 -0.33 -2.90 0.05
CA ASN A 49 -1.36 -3.90 0.13
C ASN A 49 -1.68 -4.10 1.61
N PHE A 50 -2.88 -3.71 2.01
CA PHE A 50 -3.34 -3.70 3.38
C PHE A 50 -4.61 -4.50 3.52
N HIS A 51 -4.85 -4.94 4.74
CA HIS A 51 -5.95 -5.84 5.06
C HIS A 51 -7.20 -5.10 5.51
N SER A 52 -7.06 -3.80 5.76
CA SER A 52 -8.12 -3.01 6.34
C SER A 52 -7.83 -1.54 6.14
N ARG A 53 -8.82 -0.71 6.50
CA ARG A 53 -8.67 0.74 6.52
C ARG A 53 -7.57 1.08 7.50
N GLU A 54 -7.66 0.51 8.71
CA GLU A 54 -6.74 0.58 9.84
C GLU A 54 -5.29 0.38 9.42
N SER A 55 -4.94 -0.83 8.96
CA SER A 55 -3.54 -1.14 8.63
C SER A 55 -3.00 -0.21 7.52
N CYS A 56 -3.86 0.18 6.59
CA CYS A 56 -3.50 1.10 5.53
C CYS A 56 -3.22 2.50 6.08
N GLU A 57 -4.05 2.94 7.02
CA GLU A 57 -3.82 4.21 7.71
C GLU A 57 -2.53 4.14 8.51
N ASP A 58 -2.16 2.98 9.07
CA ASP A 58 -0.85 2.84 9.72
C ASP A 58 0.27 2.98 8.67
N ALA A 59 0.05 2.49 7.44
CA ALA A 59 1.02 2.72 6.36
C ALA A 59 1.23 4.22 6.15
N CYS A 60 0.13 4.98 6.03
CA CYS A 60 0.04 6.43 5.97
C CYS A 60 -1.43 6.85 6.13
N PRO A 61 -1.71 8.05 6.67
CA PRO A 61 -0.71 9.04 7.02
C PRO A 61 -0.25 8.88 8.48
N VAL A 62 1.03 8.57 8.68
CA VAL A 62 1.69 8.49 9.99
C VAL A 62 2.93 9.40 9.88
N VAL A 63 3.85 9.36 10.85
CA VAL A 63 5.10 10.09 10.77
C VAL A 63 5.78 9.66 9.45
N ASP A 64 6.34 10.66 8.78
CA ASP A 64 6.90 10.50 7.45
C ASP A 64 8.13 9.58 7.36
N HIS A 65 8.16 8.77 6.30
CA HIS A 65 9.26 7.91 5.91
C HIS A 65 10.34 8.88 5.44
N HIS A 66 11.22 9.20 6.39
CA HIS A 66 12.31 10.17 6.41
C HIS A 66 13.05 10.43 5.09
N HIS A 67 13.22 9.47 4.19
CA HIS A 67 13.91 9.61 2.91
C HIS A 67 13.25 10.64 1.98
N HIS A 68 13.56 11.93 2.15
CA HIS A 68 13.02 13.01 1.33
C HIS A 68 14.08 14.05 1.01
N HIS A 69 13.76 14.88 0.01
CA HIS A 69 14.52 16.05 -0.41
C HIS A 69 13.57 17.16 -0.89
N HIS A 70 12.28 16.87 -0.92
CA HIS A 70 11.06 17.61 -1.17
C HIS A 70 10.00 16.69 -0.58
N GLU A 1 7.47 3.89 -4.73
CA GLU A 1 8.70 4.39 -5.36
C GLU A 1 9.57 4.99 -4.25
N ALA A 2 10.70 5.62 -4.59
CA ALA A 2 11.79 5.83 -3.66
C ALA A 2 12.60 7.07 -4.04
N GLU A 3 13.68 7.29 -3.31
CA GLU A 3 14.70 8.31 -3.53
C GLU A 3 16.04 7.62 -3.34
N ALA A 4 16.19 7.01 -2.16
CA ALA A 4 17.32 6.18 -1.75
C ALA A 4 16.78 4.76 -1.56
N GLU A 5 17.43 3.90 -0.77
CA GLU A 5 17.00 2.51 -0.55
C GLU A 5 15.54 2.44 -0.04
N PHE A 6 15.12 3.46 0.70
CA PHE A 6 13.81 3.60 1.30
C PHE A 6 12.74 3.73 0.20
N THR A 7 12.15 2.59 -0.15
CA THR A 7 11.03 2.46 -1.08
C THR A 7 9.80 2.30 -0.20
N ASP A 8 9.11 3.40 0.10
CA ASP A 8 7.97 3.38 1.02
C ASP A 8 6.74 2.84 0.31
N ALA A 9 5.98 1.96 0.98
CA ALA A 9 4.70 1.45 0.48
C ALA A 9 3.73 2.61 0.25
N CYS A 10 3.76 3.65 1.09
CA CYS A 10 2.98 4.87 0.93
C CYS A 10 3.28 5.57 -0.41
N VAL A 11 4.49 5.43 -0.93
CA VAL A 11 4.92 6.05 -2.19
C VAL A 11 4.79 5.05 -3.35
N LEU A 12 4.40 3.79 -3.13
CA LEU A 12 4.36 2.71 -4.12
C LEU A 12 2.92 2.39 -4.56
N PRO A 13 2.68 2.04 -5.84
CA PRO A 13 1.35 1.77 -6.35
C PRO A 13 0.84 0.40 -5.88
N ALA A 14 -0.42 0.14 -6.21
CA ALA A 14 -1.12 -1.11 -5.94
C ALA A 14 -1.26 -1.87 -7.27
N VAL A 15 -1.30 -3.20 -7.22
CA VAL A 15 -1.34 -4.07 -8.40
C VAL A 15 -2.27 -5.24 -8.10
N GLN A 16 -2.95 -5.72 -9.14
CA GLN A 16 -3.82 -6.89 -9.12
C GLN A 16 -3.00 -8.17 -8.94
N GLY A 17 -2.16 -8.47 -9.93
CA GLY A 17 -1.37 -9.67 -10.07
C GLY A 17 -1.92 -10.47 -11.26
N PRO A 18 -1.25 -11.55 -11.68
CA PRO A 18 -1.64 -12.33 -12.87
C PRO A 18 -2.92 -13.15 -12.72
N CYS A 19 -3.54 -13.18 -11.54
CA CYS A 19 -4.73 -13.97 -11.21
C CYS A 19 -5.97 -13.50 -11.98
N ARG A 20 -7.08 -14.21 -11.74
CA ARG A 20 -8.41 -13.89 -12.24
C ARG A 20 -9.48 -14.00 -11.14
N GLY A 21 -9.04 -14.27 -9.93
CA GLY A 21 -9.84 -14.29 -8.72
C GLY A 21 -9.55 -12.90 -8.13
N TRP A 22 -10.46 -12.33 -7.35
CA TRP A 22 -10.34 -10.96 -6.87
C TRP A 22 -10.49 -10.91 -5.36
N GLU A 23 -9.36 -10.72 -4.70
CA GLU A 23 -9.16 -10.59 -3.28
C GLU A 23 -9.17 -9.07 -2.96
N PRO A 24 -10.15 -8.53 -2.22
CA PRO A 24 -10.18 -7.12 -1.82
C PRO A 24 -9.07 -6.83 -0.81
N ARG A 25 -8.28 -5.81 -1.09
CA ARG A 25 -7.25 -5.30 -0.19
C ARG A 25 -7.41 -3.80 -0.07
N TRP A 26 -6.55 -3.16 0.71
CA TRP A 26 -6.53 -1.72 0.93
C TRP A 26 -5.16 -1.22 0.46
N ALA A 27 -5.09 -0.07 -0.21
CA ALA A 27 -3.83 0.55 -0.58
C ALA A 27 -3.91 2.05 -0.38
N TYR A 28 -2.78 2.64 -0.02
CA TYR A 28 -2.66 4.08 0.15
C TYR A 28 -2.48 4.74 -1.20
N SER A 29 -3.19 5.85 -1.41
CA SER A 29 -3.05 6.69 -2.57
C SER A 29 -2.57 8.08 -2.12
N PRO A 30 -1.35 8.51 -2.48
CA PRO A 30 -0.90 9.86 -2.19
C PRO A 30 -1.68 10.86 -3.04
N LEU A 31 -2.10 10.47 -4.25
CA LEU A 31 -2.96 11.25 -5.13
C LEU A 31 -4.35 11.48 -4.54
N LEU A 32 -4.74 10.72 -3.52
CA LEU A 32 -5.98 10.88 -2.76
C LEU A 32 -5.67 11.28 -1.31
N GLN A 33 -4.38 11.34 -0.97
CA GLN A 33 -3.77 11.56 0.32
C GLN A 33 -4.34 10.59 1.37
N GLN A 34 -4.90 9.44 0.97
CA GLN A 34 -5.59 8.55 1.90
C GLN A 34 -5.64 7.13 1.32
N CYS A 35 -6.05 6.16 2.14
CA CYS A 35 -6.26 4.80 1.70
C CYS A 35 -7.66 4.53 1.18
N HIS A 36 -7.73 3.57 0.28
CA HIS A 36 -8.98 3.06 -0.28
C HIS A 36 -8.90 1.56 -0.58
N PRO A 37 -10.04 0.83 -0.63
CA PRO A 37 -10.04 -0.58 -1.04
C PRO A 37 -9.56 -0.72 -2.49
N PHE A 38 -9.11 -1.89 -2.92
CA PHE A 38 -8.73 -2.14 -4.29
C PHE A 38 -8.79 -3.64 -4.58
N VAL A 39 -8.70 -3.99 -5.86
CA VAL A 39 -8.75 -5.36 -6.34
C VAL A 39 -7.32 -5.89 -6.40
N TYR A 40 -7.05 -6.94 -5.65
CA TYR A 40 -5.81 -7.69 -5.64
C TYR A 40 -6.17 -9.14 -6.03
N GLY A 41 -5.19 -10.01 -6.28
CA GLY A 41 -5.46 -11.37 -6.78
C GLY A 41 -5.00 -12.51 -5.88
N GLY A 42 -4.23 -12.24 -4.82
CA GLY A 42 -3.64 -13.27 -3.96
C GLY A 42 -2.24 -13.69 -4.43
N CYS A 43 -1.99 -13.62 -5.73
CA CYS A 43 -0.70 -13.82 -6.38
C CYS A 43 0.15 -12.56 -6.19
N GLU A 44 1.32 -12.55 -6.84
CA GLU A 44 2.27 -11.45 -6.94
C GLU A 44 1.56 -10.08 -7.03
N GLY A 45 2.04 -9.12 -6.25
CA GLY A 45 1.58 -7.75 -6.21
C GLY A 45 2.60 -6.94 -5.42
N ASN A 46 2.34 -5.64 -5.18
CA ASN A 46 3.33 -4.79 -4.53
C ASN A 46 3.08 -4.78 -3.02
N GLY A 47 3.99 -4.10 -2.31
CA GLY A 47 4.02 -4.02 -0.85
C GLY A 47 2.94 -3.08 -0.29
N ASN A 48 2.35 -2.23 -1.12
CA ASN A 48 1.23 -1.39 -0.74
C ASN A 48 -0.02 -2.26 -0.81
N ASN A 49 -0.11 -3.20 0.14
CA ASN A 49 -1.21 -4.16 0.23
C ASN A 49 -1.53 -4.28 1.71
N PHE A 50 -2.72 -3.82 2.07
CA PHE A 50 -3.19 -3.74 3.43
C PHE A 50 -4.43 -4.58 3.53
N HIS A 51 -4.69 -4.97 4.77
CA HIS A 51 -5.74 -5.91 5.08
C HIS A 51 -6.97 -5.24 5.67
N SER A 52 -6.84 -3.96 5.92
CA SER A 52 -7.85 -3.17 6.61
C SER A 52 -7.62 -1.69 6.33
N ARG A 53 -8.62 -0.89 6.67
CA ARG A 53 -8.52 0.57 6.61
C ARG A 53 -7.42 0.97 7.59
N GLU A 54 -7.49 0.46 8.81
CA GLU A 54 -6.54 0.62 9.90
C GLU A 54 -5.09 0.46 9.45
N SER A 55 -4.68 -0.73 9.03
CA SER A 55 -3.28 -0.99 8.68
C SER A 55 -2.80 -0.08 7.53
N CYS A 56 -3.69 0.22 6.61
CA CYS A 56 -3.40 1.09 5.48
C CYS A 56 -3.18 2.52 5.94
N GLU A 57 -4.07 3.01 6.79
CA GLU A 57 -3.97 4.35 7.34
C GLU A 57 -2.67 4.48 8.14
N ASP A 58 -2.21 3.40 8.80
CA ASP A 58 -0.89 3.40 9.46
C ASP A 58 0.20 3.51 8.39
N ALA A 59 0.04 2.85 7.24
CA ALA A 59 0.97 3.01 6.12
C ALA A 59 1.11 4.51 5.79
N CYS A 60 -0.01 5.23 5.73
CA CYS A 60 -0.20 6.66 5.58
C CYS A 60 -1.71 6.96 5.59
N PRO A 61 -2.15 8.18 5.94
CA PRO A 61 -1.32 9.34 6.24
C PRO A 61 -1.01 9.44 7.74
N VAL A 62 0.26 9.36 8.14
CA VAL A 62 0.69 9.52 9.53
C VAL A 62 1.97 10.37 9.55
N VAL A 63 2.53 10.60 10.73
CA VAL A 63 3.80 11.26 10.96
C VAL A 63 4.89 10.54 10.13
N ASP A 64 5.96 11.29 9.84
CA ASP A 64 7.06 10.91 8.96
C ASP A 64 7.46 9.44 9.04
N HIS A 65 7.22 8.74 7.94
CA HIS A 65 7.63 7.39 7.70
C HIS A 65 9.02 7.80 7.21
N HIS A 66 9.99 7.62 8.11
CA HIS A 66 11.40 8.04 8.02
C HIS A 66 12.00 8.04 6.63
N HIS A 67 11.68 9.15 5.97
CA HIS A 67 11.95 9.50 4.59
C HIS A 67 13.44 9.73 4.39
N HIS A 68 14.20 8.64 4.21
CA HIS A 68 15.62 8.66 3.87
C HIS A 68 15.77 9.35 2.50
N HIS A 69 15.99 10.66 2.50
CA HIS A 69 16.27 11.43 1.29
C HIS A 69 17.53 10.88 0.61
N HIS A 70 17.69 11.20 -0.69
CA HIS A 70 18.85 10.91 -1.51
C HIS A 70 19.49 12.28 -1.71
N GLU A 1 1.33 -3.33 6.52
CA GLU A 1 2.40 -3.02 5.55
C GLU A 1 2.94 -1.58 5.73
N ALA A 2 2.73 -0.96 6.89
CA ALA A 2 3.48 0.23 7.33
C ALA A 2 4.96 -0.14 7.56
N GLU A 3 5.20 -1.44 7.76
CA GLU A 3 6.45 -2.16 7.88
C GLU A 3 7.44 -1.78 6.76
N ALA A 4 6.94 -1.26 5.63
CA ALA A 4 7.66 -0.71 4.49
C ALA A 4 8.56 0.50 4.87
N GLU A 5 9.46 0.30 5.84
CA GLU A 5 10.49 1.25 6.25
C GLU A 5 11.52 1.34 5.11
N PHE A 6 11.59 0.30 4.28
CA PHE A 6 12.34 0.14 3.04
C PHE A 6 11.60 0.99 1.98
N THR A 7 11.87 0.75 0.70
CA THR A 7 11.18 1.35 -0.44
C THR A 7 9.68 1.37 -0.10
N ASP A 8 9.19 2.56 0.23
CA ASP A 8 7.85 2.83 0.73
C ASP A 8 6.66 2.48 -0.15
N ALA A 9 5.81 1.59 0.38
CA ALA A 9 4.54 1.19 -0.20
C ALA A 9 3.62 2.41 -0.40
N CYS A 10 3.66 3.39 0.51
CA CYS A 10 2.87 4.63 0.43
C CYS A 10 3.24 5.47 -0.82
N VAL A 11 4.41 5.26 -1.41
CA VAL A 11 4.83 5.95 -2.63
C VAL A 11 4.55 5.09 -3.87
N LEU A 12 4.12 3.82 -3.72
CA LEU A 12 3.95 2.87 -4.81
C LEU A 12 2.46 2.65 -5.11
N PRO A 13 2.09 2.41 -6.38
CA PRO A 13 0.71 2.07 -6.72
C PRO A 13 0.27 0.74 -6.11
N ALA A 14 -1.05 0.54 -6.01
CA ALA A 14 -1.66 -0.69 -5.53
C ALA A 14 -1.41 -1.79 -6.55
N VAL A 15 -0.63 -2.83 -6.21
CA VAL A 15 -0.38 -3.92 -7.14
C VAL A 15 -1.50 -4.94 -7.00
N GLN A 16 -2.14 -5.22 -8.12
CA GLN A 16 -3.27 -6.12 -8.26
C GLN A 16 -2.82 -7.56 -8.50
N GLY A 17 -1.61 -7.74 -9.04
CA GLY A 17 -1.04 -9.03 -9.38
C GLY A 17 -1.57 -9.54 -10.72
N PRO A 18 -1.01 -10.63 -11.27
CA PRO A 18 -1.34 -11.14 -12.61
C PRO A 18 -2.64 -11.96 -12.70
N CYS A 19 -3.32 -12.27 -11.59
CA CYS A 19 -4.48 -13.16 -11.58
C CYS A 19 -5.75 -12.49 -12.13
N ARG A 20 -6.86 -13.24 -12.13
CA ARG A 20 -8.20 -12.76 -12.49
C ARG A 20 -9.27 -13.11 -11.44
N GLY A 21 -8.84 -13.69 -10.33
CA GLY A 21 -9.69 -13.93 -9.18
C GLY A 21 -9.60 -12.61 -8.43
N TRP A 22 -10.60 -12.21 -7.63
CA TRP A 22 -10.62 -10.88 -7.02
C TRP A 22 -10.75 -10.96 -5.51
N GLU A 23 -9.62 -10.74 -4.85
CA GLU A 23 -9.40 -10.61 -3.42
C GLU A 23 -9.43 -9.11 -3.07
N PRO A 24 -10.37 -8.62 -2.25
CA PRO A 24 -10.39 -7.22 -1.80
C PRO A 24 -9.23 -6.97 -0.83
N ARG A 25 -8.44 -5.94 -1.09
CA ARG A 25 -7.37 -5.48 -0.21
C ARG A 25 -7.49 -3.98 -0.02
N TRP A 26 -6.60 -3.40 0.78
CA TRP A 26 -6.50 -1.95 0.99
C TRP A 26 -5.17 -1.47 0.42
N ALA A 27 -5.11 -0.26 -0.13
CA ALA A 27 -3.85 0.33 -0.57
C ALA A 27 -3.94 1.84 -0.38
N TYR A 28 -2.79 2.45 -0.13
CA TYR A 28 -2.68 3.89 0.00
C TYR A 28 -2.60 4.53 -1.37
N SER A 29 -3.31 5.62 -1.56
CA SER A 29 -3.24 6.44 -2.75
C SER A 29 -2.73 7.82 -2.36
N PRO A 30 -1.52 8.25 -2.80
CA PRO A 30 -1.06 9.61 -2.56
C PRO A 30 -1.90 10.60 -3.37
N LEU A 31 -2.40 10.19 -4.54
CA LEU A 31 -3.30 10.98 -5.39
C LEU A 31 -4.66 11.22 -4.72
N LEU A 32 -4.99 10.48 -3.66
CA LEU A 32 -6.18 10.66 -2.83
C LEU A 32 -5.80 11.07 -1.41
N GLN A 33 -4.50 11.12 -1.13
CA GLN A 33 -3.85 11.35 0.14
C GLN A 33 -4.46 10.45 1.23
N GLN A 34 -4.90 9.23 0.88
CA GLN A 34 -5.60 8.37 1.82
C GLN A 34 -5.62 6.93 1.29
N CYS A 35 -6.00 5.98 2.14
CA CYS A 35 -6.18 4.60 1.73
C CYS A 35 -7.61 4.30 1.30
N HIS A 36 -7.73 3.38 0.37
CA HIS A 36 -9.02 2.88 -0.12
C HIS A 36 -8.96 1.39 -0.42
N PRO A 37 -10.10 0.66 -0.44
CA PRO A 37 -10.13 -0.73 -0.84
C PRO A 37 -9.73 -0.84 -2.32
N PHE A 38 -9.28 -2.01 -2.79
CA PHE A 38 -9.00 -2.24 -4.20
C PHE A 38 -9.12 -3.72 -4.50
N VAL A 39 -9.14 -4.05 -5.79
CA VAL A 39 -9.23 -5.40 -6.29
C VAL A 39 -7.81 -5.89 -6.54
N TYR A 40 -7.39 -6.91 -5.80
CA TYR A 40 -6.13 -7.64 -5.93
C TYR A 40 -6.47 -9.08 -6.32
N GLY A 41 -5.47 -9.89 -6.65
CA GLY A 41 -5.69 -11.25 -7.16
C GLY A 41 -5.07 -12.39 -6.36
N GLY A 42 -4.57 -12.14 -5.16
CA GLY A 42 -4.06 -13.18 -4.23
C GLY A 42 -2.65 -13.68 -4.56
N CYS A 43 -2.30 -13.74 -5.84
CA CYS A 43 -0.97 -14.05 -6.35
C CYS A 43 -0.05 -12.84 -6.18
N GLU A 44 1.17 -12.92 -6.73
CA GLU A 44 2.27 -11.97 -6.64
C GLU A 44 1.80 -10.51 -6.59
N GLY A 45 2.37 -9.74 -5.66
CA GLY A 45 2.13 -8.32 -5.53
C GLY A 45 3.20 -7.71 -4.62
N ASN A 46 3.29 -6.38 -4.62
CA ASN A 46 4.25 -5.66 -3.78
C ASN A 46 3.55 -5.24 -2.48
N GLY A 47 4.29 -4.51 -1.65
CA GLY A 47 3.89 -4.10 -0.31
C GLY A 47 2.76 -3.08 -0.22
N ASN A 48 2.32 -2.42 -1.30
CA ASN A 48 1.13 -1.55 -1.20
C ASN A 48 -0.10 -2.42 -1.38
N ASN A 49 -0.31 -3.27 -0.39
CA ASN A 49 -1.36 -4.25 -0.28
C ASN A 49 -1.51 -4.43 1.22
N PHE A 50 -2.65 -4.03 1.77
CA PHE A 50 -2.91 -3.99 3.19
C PHE A 50 -4.12 -4.84 3.51
N HIS A 51 -4.21 -5.20 4.78
CA HIS A 51 -5.23 -6.10 5.30
C HIS A 51 -6.43 -5.33 5.81
N SER A 52 -6.30 -4.02 6.04
CA SER A 52 -7.36 -3.23 6.66
C SER A 52 -7.18 -1.75 6.35
N ARG A 53 -8.21 -0.98 6.67
CA ARG A 53 -8.18 0.48 6.58
C ARG A 53 -7.14 0.94 7.60
N GLU A 54 -7.25 0.44 8.82
CA GLU A 54 -6.37 0.62 9.97
C GLU A 54 -4.90 0.58 9.60
N SER A 55 -4.41 -0.58 9.18
CA SER A 55 -2.98 -0.77 8.92
C SER A 55 -2.47 0.17 7.82
N CYS A 56 -3.33 0.40 6.83
CA CYS A 56 -3.04 1.25 5.71
C CYS A 56 -2.92 2.68 6.15
N GLU A 57 -3.89 3.15 6.92
CA GLU A 57 -3.91 4.51 7.43
C GLU A 57 -2.71 4.71 8.35
N ASP A 58 -2.31 3.68 9.12
CA ASP A 58 -1.10 3.71 9.95
C ASP A 58 0.14 3.88 9.05
N ALA A 59 0.16 3.28 7.85
CA ALA A 59 1.27 3.57 6.94
C ALA A 59 1.22 5.05 6.55
N CYS A 60 0.13 5.49 5.91
CA CYS A 60 -0.17 6.87 5.57
C CYS A 60 -1.71 6.99 5.48
N PRO A 61 -2.31 8.17 5.64
CA PRO A 61 -1.67 9.47 5.77
C PRO A 61 -1.35 9.81 7.24
N VAL A 62 -0.08 9.74 7.60
CA VAL A 62 0.44 10.14 8.92
C VAL A 62 1.77 10.85 8.62
N VAL A 63 2.43 11.37 9.65
CA VAL A 63 3.77 11.92 9.51
C VAL A 63 4.65 10.72 9.09
N ASP A 64 5.75 11.01 8.41
CA ASP A 64 6.66 10.03 7.81
C ASP A 64 6.90 8.82 8.74
N HIS A 65 6.84 7.61 8.17
CA HIS A 65 6.88 6.30 8.82
C HIS A 65 7.75 6.16 10.06
N HIS A 66 7.27 5.25 10.91
CA HIS A 66 7.75 4.95 12.25
C HIS A 66 9.27 4.91 12.34
N HIS A 67 9.99 4.28 11.40
CA HIS A 67 11.44 4.17 11.41
C HIS A 67 12.14 4.80 10.21
N HIS A 68 11.53 5.70 9.43
CA HIS A 68 12.23 6.43 8.35
C HIS A 68 13.07 7.54 9.05
N HIS A 69 13.55 7.31 10.27
CA HIS A 69 14.24 8.24 11.15
C HIS A 69 15.40 7.50 11.83
N HIS A 70 16.06 8.16 12.80
CA HIS A 70 17.09 7.51 13.61
C HIS A 70 16.44 6.31 14.29
N GLU A 1 3.01 1.88 9.48
CA GLU A 1 4.14 1.00 9.20
C GLU A 1 4.54 1.22 7.75
N ALA A 2 5.64 1.92 7.56
CA ALA A 2 6.25 2.35 6.32
C ALA A 2 7.78 2.25 6.48
N GLU A 3 8.28 1.24 7.18
CA GLU A 3 9.69 0.89 7.35
C GLU A 3 10.67 1.05 6.18
N ALA A 4 10.28 1.05 4.90
CA ALA A 4 11.28 1.11 3.85
C ALA A 4 12.05 2.45 3.83
N GLU A 5 13.26 2.42 3.27
CA GLU A 5 14.10 3.59 3.01
C GLU A 5 14.07 3.91 1.50
N PHE A 6 13.76 2.91 0.68
CA PHE A 6 13.53 3.03 -0.75
C PHE A 6 12.05 3.42 -0.92
N THR A 7 11.54 3.33 -2.15
CA THR A 7 10.15 3.53 -2.52
C THR A 7 9.26 2.62 -1.64
N ASP A 8 8.76 3.18 -0.54
CA ASP A 8 7.88 2.53 0.42
C ASP A 8 6.53 2.22 -0.23
N ALA A 9 5.76 1.34 0.43
CA ALA A 9 4.39 1.05 0.05
C ALA A 9 3.62 2.36 -0.11
N CYS A 10 3.93 3.33 0.75
CA CYS A 10 3.27 4.64 0.76
C CYS A 10 3.53 5.42 -0.55
N VAL A 11 4.67 5.18 -1.20
CA VAL A 11 5.08 5.79 -2.46
C VAL A 11 4.75 4.89 -3.67
N LEU A 12 4.30 3.64 -3.47
CA LEU A 12 4.09 2.67 -4.53
C LEU A 12 2.61 2.47 -4.84
N PRO A 13 2.23 2.22 -6.11
CA PRO A 13 0.84 1.97 -6.46
C PRO A 13 0.34 0.61 -5.95
N ALA A 14 -0.98 0.46 -5.99
CA ALA A 14 -1.67 -0.76 -5.60
C ALA A 14 -1.36 -1.85 -6.64
N VAL A 15 -0.63 -2.90 -6.25
CA VAL A 15 -0.40 -4.03 -7.16
C VAL A 15 -1.53 -5.03 -6.93
N GLN A 16 -2.21 -5.35 -8.03
CA GLN A 16 -3.34 -6.27 -8.08
C GLN A 16 -2.87 -7.71 -8.29
N GLY A 17 -1.70 -7.90 -8.88
CA GLY A 17 -1.12 -9.18 -9.21
C GLY A 17 -1.67 -9.71 -10.55
N PRO A 18 -1.09 -10.80 -11.09
CA PRO A 18 -1.44 -11.32 -12.41
C PRO A 18 -2.72 -12.18 -12.48
N CYS A 19 -3.38 -12.46 -11.36
CA CYS A 19 -4.53 -13.37 -11.29
C CYS A 19 -5.79 -12.80 -11.95
N ARG A 20 -6.87 -13.59 -11.90
CA ARG A 20 -8.21 -13.20 -12.35
C ARG A 20 -9.29 -13.47 -11.29
N GLY A 21 -8.87 -13.92 -10.12
CA GLY A 21 -9.73 -14.09 -8.96
C GLY A 21 -9.64 -12.71 -8.29
N TRP A 22 -10.64 -12.27 -7.53
CA TRP A 22 -10.68 -10.93 -6.99
C TRP A 22 -10.87 -10.96 -5.48
N GLU A 23 -9.78 -10.65 -4.79
CA GLU A 23 -9.56 -10.59 -3.36
C GLU A 23 -9.48 -9.10 -2.96
N PRO A 24 -10.42 -8.54 -2.18
CA PRO A 24 -10.39 -7.13 -1.78
C PRO A 24 -9.25 -6.86 -0.81
N ARG A 25 -8.45 -5.84 -1.12
CA ARG A 25 -7.38 -5.34 -0.26
C ARG A 25 -7.51 -3.83 -0.14
N TRP A 26 -6.60 -3.21 0.59
CA TRP A 26 -6.54 -1.77 0.79
C TRP A 26 -5.19 -1.30 0.28
N ALA A 27 -5.13 -0.11 -0.34
CA ALA A 27 -3.87 0.49 -0.74
C ALA A 27 -3.93 1.98 -0.48
N TYR A 28 -2.79 2.54 -0.09
CA TYR A 28 -2.63 3.96 0.13
C TYR A 28 -2.45 4.65 -1.21
N SER A 29 -3.14 5.77 -1.40
CA SER A 29 -2.96 6.62 -2.56
C SER A 29 -2.46 7.98 -2.08
N PRO A 30 -1.21 8.38 -2.41
CA PRO A 30 -0.74 9.73 -2.09
C PRO A 30 -1.48 10.76 -2.93
N LEU A 31 -1.86 10.40 -4.16
CA LEU A 31 -2.67 11.22 -5.07
C LEU A 31 -4.10 11.45 -4.55
N LEU A 32 -4.52 10.70 -3.53
CA LEU A 32 -5.81 10.87 -2.83
C LEU A 32 -5.56 11.26 -1.37
N GLN A 33 -4.29 11.29 -0.97
CA GLN A 33 -3.75 11.50 0.36
C GLN A 33 -4.49 10.61 1.38
N GLN A 34 -4.89 9.39 0.98
CA GLN A 34 -5.70 8.54 1.83
C GLN A 34 -5.66 7.12 1.28
N CYS A 35 -6.11 6.15 2.08
CA CYS A 35 -6.26 4.77 1.65
C CYS A 35 -7.65 4.49 1.12
N HIS A 36 -7.71 3.55 0.19
CA HIS A 36 -8.97 3.08 -0.40
C HIS A 36 -8.92 1.56 -0.62
N PRO A 37 -10.08 0.85 -0.66
CA PRO A 37 -10.11 -0.56 -1.01
C PRO A 37 -9.72 -0.71 -2.48
N PHE A 38 -9.33 -1.91 -2.93
CA PHE A 38 -9.02 -2.17 -4.33
C PHE A 38 -9.14 -3.66 -4.59
N VAL A 39 -9.12 -4.02 -5.87
CA VAL A 39 -9.22 -5.39 -6.34
C VAL A 39 -7.80 -5.92 -6.47
N TYR A 40 -7.46 -6.94 -5.69
CA TYR A 40 -6.20 -7.67 -5.73
C TYR A 40 -6.54 -9.11 -6.12
N GLY A 41 -5.55 -9.96 -6.37
CA GLY A 41 -5.76 -11.32 -6.87
C GLY A 41 -5.14 -12.45 -6.06
N GLY A 42 -4.61 -12.20 -4.87
CA GLY A 42 -4.09 -13.23 -3.97
C GLY A 42 -2.66 -13.68 -4.28
N CYS A 43 -2.29 -13.66 -5.56
CA CYS A 43 -0.94 -13.92 -6.06
C CYS A 43 -0.06 -12.68 -5.83
N GLU A 44 1.16 -12.74 -6.37
CA GLU A 44 2.24 -11.76 -6.28
C GLU A 44 1.74 -10.30 -6.22
N GLY A 45 2.29 -9.53 -5.30
CA GLY A 45 2.05 -8.10 -5.16
C GLY A 45 3.24 -7.48 -4.42
N ASN A 46 3.37 -6.16 -4.50
CA ASN A 46 4.42 -5.44 -3.77
C ASN A 46 3.85 -4.95 -2.44
N GLY A 47 4.63 -4.14 -1.73
CA GLY A 47 4.34 -3.66 -0.38
C GLY A 47 3.00 -2.94 -0.18
N ASN A 48 2.48 -2.23 -1.18
CA ASN A 48 1.21 -1.50 -1.02
C ASN A 48 0.04 -2.46 -1.18
N ASN A 49 -0.10 -3.36 -0.21
CA ASN A 49 -1.20 -4.28 -0.10
C ASN A 49 -1.49 -4.34 1.40
N PHE A 50 -2.64 -3.81 1.78
CA PHE A 50 -3.05 -3.70 3.16
C PHE A 50 -4.26 -4.58 3.34
N HIS A 51 -4.38 -5.00 4.58
CA HIS A 51 -5.36 -5.96 5.00
C HIS A 51 -6.62 -5.31 5.53
N SER A 52 -6.56 -4.01 5.72
CA SER A 52 -7.61 -3.23 6.33
C SER A 52 -7.37 -1.75 6.06
N ARG A 53 -8.39 -0.94 6.36
CA ARG A 53 -8.28 0.52 6.31
C ARG A 53 -7.23 0.93 7.34
N GLU A 54 -7.33 0.35 8.54
CA GLU A 54 -6.42 0.43 9.67
C GLU A 54 -4.96 0.31 9.29
N SER A 55 -4.53 -0.86 8.82
CA SER A 55 -3.10 -1.08 8.54
C SER A 55 -2.57 -0.12 7.47
N CYS A 56 -3.43 0.17 6.49
CA CYS A 56 -3.11 1.08 5.43
C CYS A 56 -2.90 2.48 5.95
N GLU A 57 -3.86 2.98 6.72
CA GLU A 57 -3.77 4.34 7.24
C GLU A 57 -2.58 4.44 8.18
N ASP A 58 -2.28 3.34 8.90
CA ASP A 58 -1.10 3.20 9.74
C ASP A 58 0.16 3.37 8.89
N ALA A 59 0.19 2.86 7.64
CA ALA A 59 1.32 3.14 6.76
C ALA A 59 1.36 4.65 6.46
N CYS A 60 0.32 5.17 5.81
CA CYS A 60 0.06 6.58 5.52
C CYS A 60 -1.47 6.68 5.30
N PRO A 61 -2.13 7.85 5.37
CA PRO A 61 -1.63 9.21 5.54
C PRO A 61 -1.20 9.62 6.94
N VAL A 62 -1.19 8.69 7.89
CA VAL A 62 -0.93 9.03 9.28
C VAL A 62 0.58 8.85 9.49
N VAL A 63 1.08 9.31 10.63
CA VAL A 63 2.50 9.31 10.89
C VAL A 63 2.92 7.86 11.12
N ASP A 64 4.00 7.49 10.45
CA ASP A 64 4.61 6.17 10.52
C ASP A 64 5.21 5.95 11.92
N HIS A 65 5.68 4.73 12.19
CA HIS A 65 6.18 4.23 13.43
C HIS A 65 7.61 3.69 13.30
N HIS A 66 8.36 4.08 12.26
CA HIS A 66 9.69 3.58 11.89
C HIS A 66 10.52 3.20 13.12
N HIS A 67 10.84 1.93 13.28
CA HIS A 67 11.71 1.33 14.28
C HIS A 67 12.64 0.49 13.41
N HIS A 68 13.62 1.18 12.80
CA HIS A 68 14.55 0.67 11.82
C HIS A 68 14.97 -0.79 12.00
N HIS A 69 14.57 -1.60 11.02
CA HIS A 69 14.89 -3.01 10.79
C HIS A 69 16.41 -3.25 10.83
N HIS A 70 16.80 -4.53 10.81
CA HIS A 70 18.22 -4.89 10.71
C HIS A 70 18.73 -4.29 9.40
N GLU A 1 2.34 -4.14 3.23
CA GLU A 1 2.41 -3.11 4.26
C GLU A 1 3.67 -2.26 3.97
N ALA A 2 3.93 -1.21 4.75
CA ALA A 2 5.22 -0.54 4.79
C ALA A 2 5.50 -0.22 6.25
N GLU A 3 6.77 -0.33 6.65
CA GLU A 3 7.21 -0.20 8.02
C GLU A 3 8.48 0.65 8.07
N ALA A 4 9.53 0.18 7.39
CA ALA A 4 10.87 0.75 7.38
C ALA A 4 11.22 1.22 5.96
N GLU A 5 12.47 1.68 5.79
CA GLU A 5 13.21 2.08 4.58
C GLU A 5 12.90 1.28 3.30
N PHE A 6 12.40 0.05 3.46
CA PHE A 6 11.90 -0.92 2.50
C PHE A 6 10.93 -0.31 1.43
N THR A 7 10.19 -1.19 0.76
CA THR A 7 9.17 -0.91 -0.24
C THR A 7 8.11 0.03 0.35
N ASP A 8 8.29 1.33 0.14
CA ASP A 8 7.46 2.38 0.73
C ASP A 8 6.14 2.50 -0.01
N ALA A 9 5.15 1.80 0.52
CA ALA A 9 3.80 1.73 0.01
C ALA A 9 3.21 3.11 -0.27
N CYS A 10 3.51 4.11 0.58
CA CYS A 10 2.92 5.42 0.48
C CYS A 10 3.30 6.10 -0.85
N VAL A 11 4.48 5.81 -1.38
CA VAL A 11 4.97 6.35 -2.64
C VAL A 11 4.71 5.39 -3.82
N LEU A 12 4.24 4.16 -3.60
CA LEU A 12 4.12 3.16 -4.66
C LEU A 12 2.70 2.90 -5.12
N PRO A 13 2.49 2.58 -6.41
CA PRO A 13 1.19 2.18 -6.95
C PRO A 13 0.67 0.92 -6.26
N ALA A 14 -0.65 0.70 -6.29
CA ALA A 14 -1.23 -0.54 -5.78
C ALA A 14 -0.85 -1.68 -6.75
N VAL A 15 -0.77 -2.92 -6.27
CA VAL A 15 -0.54 -4.09 -7.13
C VAL A 15 -1.61 -5.12 -6.84
N GLN A 16 -2.19 -5.60 -7.93
CA GLN A 16 -3.31 -6.54 -7.97
C GLN A 16 -2.83 -7.98 -8.19
N GLY A 17 -1.66 -8.12 -8.83
CA GLY A 17 -1.07 -9.38 -9.26
C GLY A 17 -1.69 -9.82 -10.60
N PRO A 18 -1.12 -10.83 -11.28
CA PRO A 18 -1.53 -11.25 -12.62
C PRO A 18 -2.83 -12.09 -12.69
N CYS A 19 -3.45 -12.44 -11.56
CA CYS A 19 -4.61 -13.33 -11.48
C CYS A 19 -5.88 -12.72 -12.09
N ARG A 20 -6.97 -13.49 -12.04
CA ARG A 20 -8.32 -13.08 -12.44
C ARG A 20 -9.39 -13.40 -11.37
N GLY A 21 -8.95 -13.92 -10.23
CA GLY A 21 -9.81 -14.13 -9.07
C GLY A 21 -9.76 -12.77 -8.36
N TRP A 22 -10.79 -12.39 -7.60
CA TRP A 22 -10.88 -11.06 -7.02
C TRP A 22 -11.04 -11.15 -5.50
N GLU A 23 -9.99 -10.73 -4.81
CA GLU A 23 -9.72 -10.74 -3.39
C GLU A 23 -9.48 -9.27 -2.98
N PRO A 24 -10.32 -8.64 -2.14
CA PRO A 24 -10.16 -7.23 -1.75
C PRO A 24 -8.92 -7.02 -0.87
N ARG A 25 -8.23 -5.92 -1.13
CA ARG A 25 -7.09 -5.43 -0.35
C ARG A 25 -7.26 -3.93 -0.17
N TRP A 26 -6.33 -3.30 0.53
CA TRP A 26 -6.30 -1.86 0.75
C TRP A 26 -4.97 -1.36 0.20
N ALA A 27 -4.96 -0.19 -0.45
CA ALA A 27 -3.72 0.45 -0.90
C ALA A 27 -3.84 1.95 -0.70
N TYR A 28 -2.70 2.58 -0.42
CA TYR A 28 -2.60 4.01 -0.26
C TYR A 28 -2.56 4.69 -1.61
N SER A 29 -3.27 5.79 -1.75
CA SER A 29 -3.26 6.65 -2.91
C SER A 29 -2.74 8.02 -2.49
N PRO A 30 -1.56 8.47 -2.96
CA PRO A 30 -1.08 9.82 -2.69
C PRO A 30 -1.94 10.83 -3.45
N LEU A 31 -2.47 10.46 -4.61
CA LEU A 31 -3.40 11.25 -5.40
C LEU A 31 -4.75 11.48 -4.69
N LEU A 32 -5.03 10.70 -3.64
CA LEU A 32 -6.20 10.86 -2.77
C LEU A 32 -5.77 11.24 -1.35
N GLN A 33 -4.47 11.28 -1.11
CA GLN A 33 -3.79 11.48 0.16
C GLN A 33 -4.34 10.54 1.24
N GLN A 34 -4.85 9.35 0.85
CA GLN A 34 -5.51 8.42 1.76
C GLN A 34 -5.52 7.03 1.13
N CYS A 35 -5.84 6.02 1.92
CA CYS A 35 -6.01 4.67 1.42
C CYS A 35 -7.44 4.43 0.96
N HIS A 36 -7.57 3.38 0.16
CA HIS A 36 -8.89 2.91 -0.27
C HIS A 36 -8.83 1.41 -0.57
N PRO A 37 -9.96 0.69 -0.46
CA PRO A 37 -10.02 -0.71 -0.86
C PRO A 37 -9.72 -0.84 -2.36
N PHE A 38 -9.31 -2.01 -2.84
CA PHE A 38 -9.12 -2.25 -4.27
C PHE A 38 -9.20 -3.75 -4.53
N VAL A 39 -9.37 -4.11 -5.80
CA VAL A 39 -9.45 -5.48 -6.25
C VAL A 39 -8.02 -5.98 -6.48
N TYR A 40 -7.64 -7.03 -5.77
CA TYR A 40 -6.39 -7.76 -5.86
C TYR A 40 -6.73 -9.22 -6.22
N GLY A 41 -5.73 -10.08 -6.45
CA GLY A 41 -5.95 -11.43 -6.93
C GLY A 41 -5.26 -12.56 -6.16
N GLY A 42 -4.68 -12.30 -4.99
CA GLY A 42 -4.08 -13.33 -4.12
C GLY A 42 -2.61 -13.61 -4.47
N CYS A 43 -2.27 -13.53 -5.74
CA CYS A 43 -0.91 -13.63 -6.29
C CYS A 43 -0.10 -12.38 -5.92
N GLU A 44 1.10 -12.28 -6.48
CA GLU A 44 2.13 -11.26 -6.28
C GLU A 44 1.57 -9.86 -6.03
N GLY A 45 2.11 -9.18 -5.02
CA GLY A 45 1.80 -7.80 -4.70
C GLY A 45 3.02 -7.19 -4.01
N ASN A 46 3.16 -5.87 -4.11
CA ASN A 46 4.28 -5.16 -3.49
C ASN A 46 3.83 -4.67 -2.11
N GLY A 47 4.68 -3.84 -1.47
CA GLY A 47 4.42 -3.22 -0.18
C GLY A 47 3.10 -2.48 -0.13
N ASN A 48 2.69 -1.79 -1.22
CA ASN A 48 1.37 -1.15 -1.27
C ASN A 48 0.27 -2.17 -1.56
N ASN A 49 0.09 -3.06 -0.61
CA ASN A 49 -0.94 -4.08 -0.51
C ASN A 49 -1.09 -4.24 0.99
N PHE A 50 -2.23 -3.85 1.52
CA PHE A 50 -2.54 -3.90 2.93
C PHE A 50 -3.69 -4.86 3.12
N HIS A 51 -3.69 -5.47 4.29
CA HIS A 51 -4.71 -6.48 4.60
C HIS A 51 -5.87 -5.85 5.34
N SER A 52 -5.72 -4.61 5.79
CA SER A 52 -6.83 -3.87 6.37
C SER A 52 -6.68 -2.38 6.14
N ARG A 53 -7.78 -1.72 6.46
CA ARG A 53 -7.97 -0.28 6.49
C ARG A 53 -6.99 0.39 7.43
N GLU A 54 -7.07 0.00 8.70
CA GLU A 54 -6.31 0.65 9.75
C GLU A 54 -4.83 0.64 9.42
N SER A 55 -4.26 -0.53 9.11
CA SER A 55 -2.85 -0.66 8.74
C SER A 55 -2.41 0.25 7.58
N CYS A 56 -3.32 0.49 6.64
CA CYS A 56 -3.02 1.26 5.45
C CYS A 56 -2.93 2.74 5.81
N GLU A 57 -3.97 3.25 6.46
CA GLU A 57 -3.92 4.62 6.93
C GLU A 57 -2.80 4.80 7.96
N ASP A 58 -2.51 3.78 8.78
CA ASP A 58 -1.37 3.79 9.69
C ASP A 58 -0.08 3.93 8.89
N ALA A 59 0.06 3.32 7.69
CA ALA A 59 1.23 3.59 6.86
C ALA A 59 1.25 5.07 6.43
N CYS A 60 0.13 5.60 5.92
CA CYS A 60 -0.07 7.01 5.61
C CYS A 60 -1.58 7.31 5.49
N PRO A 61 -2.03 8.52 5.85
CA PRO A 61 -1.17 9.61 6.25
C PRO A 61 -1.12 9.69 7.80
N VAL A 62 -0.15 9.05 8.45
CA VAL A 62 -0.03 8.92 9.91
C VAL A 62 1.48 9.06 10.24
N VAL A 63 1.90 8.68 11.46
CA VAL A 63 3.27 8.69 11.95
C VAL A 63 4.18 8.05 10.90
N ASP A 64 5.45 8.44 10.86
CA ASP A 64 6.29 7.95 9.78
C ASP A 64 6.71 6.49 9.91
N HIS A 65 6.18 5.69 8.98
CA HIS A 65 6.49 4.31 8.72
C HIS A 65 7.54 4.74 7.72
N HIS A 66 8.81 4.66 8.09
CA HIS A 66 9.93 5.18 7.33
C HIS A 66 9.80 5.17 5.82
N HIS A 67 9.19 6.27 5.36
CA HIS A 67 9.05 6.58 3.96
C HIS A 67 10.45 6.86 3.42
N HIS A 68 10.66 6.90 2.10
CA HIS A 68 12.00 7.04 1.53
C HIS A 68 12.68 8.36 1.91
N HIS A 69 13.38 8.37 3.05
CA HIS A 69 14.21 9.48 3.52
C HIS A 69 15.39 9.64 2.54
N HIS A 70 15.73 8.54 1.90
CA HIS A 70 16.65 8.18 0.83
C HIS A 70 16.01 6.88 0.38
N GLU A 1 9.43 9.79 11.52
CA GLU A 1 10.59 9.16 10.86
C GLU A 1 10.30 7.67 10.76
N ALA A 2 10.39 7.13 9.55
CA ALA A 2 10.18 5.73 9.21
C ALA A 2 11.05 5.50 7.96
N GLU A 3 12.27 5.05 8.22
CA GLU A 3 13.45 4.81 7.40
C GLU A 3 13.29 4.37 5.94
N ALA A 4 12.17 3.76 5.54
CA ALA A 4 11.91 3.33 4.16
C ALA A 4 12.06 4.46 3.11
N GLU A 5 13.29 4.68 2.66
CA GLU A 5 13.74 5.57 1.59
C GLU A 5 13.60 4.87 0.22
N PHE A 6 13.60 3.53 0.24
CA PHE A 6 13.37 2.67 -0.91
C PHE A 6 11.96 2.93 -1.49
N THR A 7 11.56 2.20 -2.54
CA THR A 7 10.21 2.25 -3.08
C THR A 7 9.21 1.82 -2.02
N ASP A 8 8.70 2.82 -1.31
CA ASP A 8 7.74 2.75 -0.22
C ASP A 8 6.36 2.39 -0.75
N ALA A 9 5.64 1.56 0.00
CA ALA A 9 4.26 1.20 -0.26
C ALA A 9 3.41 2.46 -0.43
N CYS A 10 3.60 3.44 0.45
CA CYS A 10 2.84 4.68 0.42
C CYS A 10 3.20 5.58 -0.78
N VAL A 11 4.33 5.34 -1.46
CA VAL A 11 4.70 6.02 -2.70
C VAL A 11 4.31 5.18 -3.94
N LEU A 12 3.90 3.92 -3.78
CA LEU A 12 3.63 3.00 -4.87
C LEU A 12 2.13 2.86 -5.10
N PRO A 13 1.68 2.62 -6.34
CA PRO A 13 0.27 2.37 -6.62
C PRO A 13 -0.19 1.02 -6.04
N ALA A 14 -1.51 0.82 -6.03
CA ALA A 14 -2.12 -0.43 -5.63
C ALA A 14 -1.76 -1.51 -6.66
N VAL A 15 -0.98 -2.51 -6.29
CA VAL A 15 -0.59 -3.56 -7.22
C VAL A 15 -1.59 -4.70 -7.10
N GLN A 16 -2.22 -5.01 -8.22
CA GLN A 16 -3.21 -6.08 -8.33
C GLN A 16 -2.56 -7.46 -8.41
N GLY A 17 -1.31 -7.54 -8.85
CA GLY A 17 -0.63 -8.80 -9.08
C GLY A 17 -1.02 -9.40 -10.45
N PRO A 18 -0.44 -10.55 -10.84
CA PRO A 18 -0.66 -11.13 -12.16
C PRO A 18 -1.95 -11.95 -12.29
N CYS A 19 -2.47 -12.54 -11.20
CA CYS A 19 -3.63 -13.45 -11.30
C CYS A 19 -4.96 -12.70 -11.38
N ARG A 20 -5.95 -13.41 -11.89
CA ARG A 20 -7.31 -12.92 -12.19
C ARG A 20 -8.36 -13.35 -11.16
N GLY A 21 -7.94 -14.04 -10.10
CA GLY A 21 -8.83 -14.36 -9.00
C GLY A 21 -8.97 -12.98 -8.31
N TRP A 22 -9.94 -12.72 -7.43
CA TRP A 22 -10.13 -11.38 -6.90
C TRP A 22 -10.39 -11.47 -5.40
N GLU A 23 -9.66 -10.65 -4.68
CA GLU A 23 -9.54 -10.51 -3.23
C GLU A 23 -9.57 -9.01 -2.93
N PRO A 24 -10.54 -8.48 -2.14
CA PRO A 24 -10.56 -7.08 -1.73
C PRO A 24 -9.41 -6.80 -0.76
N ARG A 25 -8.62 -5.76 -1.05
CA ARG A 25 -7.56 -5.28 -0.18
C ARG A 25 -7.68 -3.77 -0.07
N TRP A 26 -6.79 -3.17 0.72
CA TRP A 26 -6.69 -1.73 0.89
C TRP A 26 -5.32 -1.30 0.36
N ALA A 27 -5.22 -0.12 -0.25
CA ALA A 27 -3.95 0.45 -0.67
C ALA A 27 -3.98 1.96 -0.46
N TYR A 28 -2.83 2.52 -0.13
CA TYR A 28 -2.67 3.95 0.03
C TYR A 28 -2.54 4.60 -1.34
N SER A 29 -3.19 5.73 -1.52
CA SER A 29 -3.07 6.55 -2.70
C SER A 29 -2.50 7.91 -2.27
N PRO A 30 -1.26 8.28 -2.67
CA PRO A 30 -0.74 9.60 -2.39
C PRO A 30 -1.49 10.65 -3.22
N LEU A 31 -1.95 10.27 -4.42
CA LEU A 31 -2.79 11.10 -5.28
C LEU A 31 -4.16 11.40 -4.67
N LEU A 32 -4.57 10.65 -3.63
CA LEU A 32 -5.78 10.89 -2.85
C LEU A 32 -5.42 11.26 -1.41
N GLN A 33 -4.14 11.25 -1.07
CA GLN A 33 -3.51 11.44 0.21
C GLN A 33 -4.13 10.51 1.28
N GLN A 34 -4.72 9.38 0.88
CA GLN A 34 -5.46 8.51 1.80
C GLN A 34 -5.52 7.08 1.25
N CYS A 35 -5.93 6.14 2.09
CA CYS A 35 -6.17 4.76 1.68
C CYS A 35 -7.59 4.54 1.22
N HIS A 36 -7.73 3.58 0.29
CA HIS A 36 -9.01 3.13 -0.24
C HIS A 36 -8.98 1.62 -0.54
N PRO A 37 -10.13 0.93 -0.59
CA PRO A 37 -10.20 -0.47 -1.00
C PRO A 37 -9.78 -0.64 -2.47
N PHE A 38 -9.43 -1.85 -2.91
CA PHE A 38 -9.15 -2.16 -4.30
C PHE A 38 -9.30 -3.65 -4.52
N VAL A 39 -9.37 -4.10 -5.77
CA VAL A 39 -9.42 -5.50 -6.11
C VAL A 39 -7.98 -5.94 -6.39
N TYR A 40 -7.46 -6.82 -5.56
CA TYR A 40 -6.16 -7.46 -5.66
C TYR A 40 -6.40 -8.88 -6.17
N GLY A 41 -5.36 -9.53 -6.71
CA GLY A 41 -5.46 -10.84 -7.35
C GLY A 41 -5.08 -12.04 -6.48
N GLY A 42 -4.77 -11.81 -5.20
CA GLY A 42 -4.51 -12.83 -4.19
C GLY A 42 -3.11 -13.44 -4.26
N CYS A 43 -2.60 -13.65 -5.47
CA CYS A 43 -1.23 -14.10 -5.73
C CYS A 43 -0.27 -12.90 -5.64
N GLU A 44 1.01 -13.08 -5.99
CA GLU A 44 2.12 -12.13 -5.88
C GLU A 44 1.71 -10.66 -6.07
N GLY A 45 2.19 -9.79 -5.19
CA GLY A 45 1.99 -8.36 -5.26
C GLY A 45 3.02 -7.67 -4.36
N ASN A 46 3.05 -6.33 -4.39
CA ASN A 46 4.03 -5.56 -3.64
C ASN A 46 3.42 -5.15 -2.30
N GLY A 47 4.19 -4.38 -1.53
CA GLY A 47 3.87 -3.99 -0.17
C GLY A 47 2.71 -2.99 -0.03
N ASN A 48 2.24 -2.34 -1.11
CA ASN A 48 1.05 -1.50 -1.00
C ASN A 48 -0.18 -2.40 -1.12
N ASN A 49 -0.40 -3.21 -0.09
CA ASN A 49 -1.46 -4.18 0.00
C ASN A 49 -1.75 -4.36 1.49
N PHE A 50 -2.94 -3.94 1.90
CA PHE A 50 -3.34 -3.89 3.29
C PHE A 50 -4.61 -4.68 3.50
N HIS A 51 -4.82 -5.05 4.76
CA HIS A 51 -5.90 -5.92 5.19
C HIS A 51 -7.12 -5.13 5.63
N SER A 52 -6.96 -3.84 5.85
CA SER A 52 -7.99 -3.00 6.41
C SER A 52 -7.66 -1.53 6.17
N ARG A 53 -8.62 -0.67 6.50
CA ARG A 53 -8.42 0.78 6.47
C ARG A 53 -7.32 1.09 7.47
N GLU A 54 -7.43 0.53 8.68
CA GLU A 54 -6.51 0.63 9.80
C GLU A 54 -5.06 0.40 9.39
N SER A 55 -4.70 -0.81 8.95
CA SER A 55 -3.30 -1.13 8.64
C SER A 55 -2.74 -0.26 7.50
N CYS A 56 -3.62 0.09 6.57
CA CYS A 56 -3.25 0.94 5.45
C CYS A 56 -2.96 2.35 5.92
N GLU A 57 -3.83 2.88 6.76
CA GLU A 57 -3.70 4.23 7.29
C GLU A 57 -2.44 4.30 8.16
N ASP A 58 -2.12 3.20 8.86
CA ASP A 58 -0.88 3.03 9.62
C ASP A 58 0.30 3.13 8.67
N ALA A 59 0.24 2.53 7.46
CA ALA A 59 1.32 2.76 6.48
C ALA A 59 1.42 4.26 6.14
N CYS A 60 0.28 4.92 5.85
CA CYS A 60 0.12 6.34 5.63
C CYS A 60 -1.39 6.64 5.60
N PRO A 61 -1.84 7.85 5.99
CA PRO A 61 -0.99 8.97 6.34
C PRO A 61 -0.80 9.05 7.86
N VAL A 62 0.26 8.44 8.37
CA VAL A 62 0.68 8.40 9.77
C VAL A 62 2.10 9.01 9.79
N VAL A 63 2.89 8.70 10.81
CA VAL A 63 4.20 9.29 11.04
C VAL A 63 5.02 9.22 9.74
N ASP A 64 5.64 10.35 9.42
CA ASP A 64 6.35 10.53 8.16
C ASP A 64 7.59 9.66 8.07
N HIS A 65 7.95 9.28 6.83
CA HIS A 65 9.15 8.56 6.49
C HIS A 65 10.37 9.46 6.75
N HIS A 66 10.64 10.41 5.86
CA HIS A 66 11.71 11.40 5.92
C HIS A 66 11.41 12.48 4.89
N HIS A 67 10.61 13.51 5.19
CA HIS A 67 10.39 14.63 4.25
C HIS A 67 11.74 15.33 4.05
N HIS A 68 12.42 15.04 2.94
CA HIS A 68 13.65 15.71 2.53
C HIS A 68 13.33 17.20 2.39
N HIS A 69 13.72 18.00 3.40
CA HIS A 69 13.39 19.42 3.41
C HIS A 69 14.14 20.14 2.30
N HIS A 70 13.62 21.31 1.89
CA HIS A 70 14.31 22.16 0.94
C HIS A 70 15.57 22.67 1.66
N GLU A 1 14.88 5.09 -0.65
CA GLU A 1 14.21 6.38 -0.83
C GLU A 1 14.45 7.17 0.44
N ALA A 2 13.48 7.95 0.89
CA ALA A 2 13.56 8.77 2.11
C ALA A 2 13.99 7.98 3.36
N GLU A 3 13.75 6.67 3.43
CA GLU A 3 14.05 5.84 4.59
C GLU A 3 14.76 4.55 4.17
N ALA A 4 14.10 3.65 3.46
CA ALA A 4 14.64 2.35 3.05
C ALA A 4 15.60 2.52 1.87
N GLU A 5 16.17 1.41 1.38
CA GLU A 5 16.99 1.44 0.17
C GLU A 5 16.06 1.89 -0.97
N PHE A 6 15.01 1.10 -1.22
CA PHE A 6 13.95 1.44 -2.16
C PHE A 6 12.76 0.51 -1.86
N THR A 7 11.82 0.95 -1.04
CA THR A 7 10.54 0.31 -0.71
C THR A 7 9.78 1.29 0.20
N ASP A 8 8.92 2.12 -0.41
CA ASP A 8 8.02 3.03 0.29
C ASP A 8 6.62 2.79 -0.23
N ALA A 9 5.85 2.00 0.53
CA ALA A 9 4.49 1.64 0.16
C ALA A 9 3.63 2.89 -0.09
N CYS A 10 3.91 3.99 0.62
CA CYS A 10 3.16 5.23 0.56
C CYS A 10 3.25 5.83 -0.85
N VAL A 11 4.40 5.65 -1.54
CA VAL A 11 4.64 6.18 -2.87
C VAL A 11 4.34 5.11 -3.94
N LEU A 12 4.05 3.87 -3.56
CA LEU A 12 3.88 2.76 -4.49
C LEU A 12 2.40 2.56 -4.81
N PRO A 13 2.04 2.36 -6.09
CA PRO A 13 0.67 2.17 -6.47
C PRO A 13 0.15 0.79 -6.08
N ALA A 14 -1.17 0.65 -6.15
CA ALA A 14 -1.87 -0.60 -5.94
C ALA A 14 -1.59 -1.49 -7.16
N VAL A 15 -1.45 -2.80 -6.96
CA VAL A 15 -1.21 -3.77 -8.03
C VAL A 15 -2.11 -4.97 -7.77
N GLN A 16 -2.69 -5.50 -8.84
CA GLN A 16 -3.49 -6.72 -8.82
C GLN A 16 -2.60 -7.95 -8.72
N GLY A 17 -1.67 -8.11 -9.66
CA GLY A 17 -0.83 -9.28 -9.78
C GLY A 17 -1.19 -10.04 -11.06
N PRO A 18 -0.50 -11.14 -11.38
CA PRO A 18 -0.69 -11.87 -12.64
C PRO A 18 -1.97 -12.73 -12.66
N CYS A 19 -2.59 -13.00 -11.52
CA CYS A 19 -3.73 -13.91 -11.40
C CYS A 19 -5.05 -13.27 -11.88
N ARG A 20 -6.13 -14.03 -11.81
CA ARG A 20 -7.49 -13.59 -12.17
C ARG A 20 -8.51 -13.86 -11.07
N GLY A 21 -8.06 -14.38 -9.94
CA GLY A 21 -8.88 -14.55 -8.75
C GLY A 21 -8.85 -13.15 -8.12
N TRP A 22 -9.85 -12.75 -7.33
CA TRP A 22 -9.95 -11.40 -6.82
C TRP A 22 -10.18 -11.47 -5.32
N GLU A 23 -9.35 -10.71 -4.63
CA GLU A 23 -9.17 -10.59 -3.19
C GLU A 23 -9.20 -9.07 -2.86
N PRO A 24 -10.17 -8.55 -2.09
CA PRO A 24 -10.22 -7.15 -1.68
C PRO A 24 -9.07 -6.81 -0.74
N ARG A 25 -8.44 -5.68 -1.02
CA ARG A 25 -7.39 -5.10 -0.18
C ARG A 25 -7.65 -3.61 -0.05
N TRP A 26 -6.80 -2.95 0.70
CA TRP A 26 -6.76 -1.53 0.93
C TRP A 26 -5.39 -1.06 0.46
N ALA A 27 -5.30 0.07 -0.22
CA ALA A 27 -4.04 0.68 -0.61
C ALA A 27 -4.11 2.17 -0.33
N TYR A 28 -2.98 2.75 0.05
CA TYR A 28 -2.86 4.18 0.25
C TYR A 28 -2.70 4.86 -1.09
N SER A 29 -3.36 5.99 -1.27
CA SER A 29 -3.24 6.85 -2.42
C SER A 29 -2.69 8.20 -1.97
N PRO A 30 -1.47 8.60 -2.35
CA PRO A 30 -0.96 9.93 -2.03
C PRO A 30 -1.73 11.00 -2.81
N LEU A 31 -2.17 10.67 -4.03
CA LEU A 31 -3.00 11.53 -4.88
C LEU A 31 -4.40 11.77 -4.29
N LEU A 32 -4.80 10.99 -3.29
CA LEU A 32 -6.04 11.16 -2.54
C LEU A 32 -5.74 11.51 -1.08
N GLN A 33 -4.46 11.52 -0.70
CA GLN A 33 -3.92 11.69 0.63
C GLN A 33 -4.68 10.78 1.62
N GLN A 34 -5.09 9.60 1.17
CA GLN A 34 -5.93 8.71 1.97
C GLN A 34 -5.86 7.29 1.39
N CYS A 35 -6.35 6.33 2.17
CA CYS A 35 -6.48 4.96 1.74
C CYS A 35 -7.84 4.69 1.15
N HIS A 36 -7.91 3.66 0.31
CA HIS A 36 -9.17 3.18 -0.25
C HIS A 36 -9.09 1.67 -0.56
N PRO A 37 -10.23 0.95 -0.59
CA PRO A 37 -10.26 -0.45 -1.00
C PRO A 37 -9.82 -0.61 -2.47
N PHE A 38 -9.45 -1.81 -2.91
CA PHE A 38 -9.14 -2.09 -4.30
C PHE A 38 -9.21 -3.59 -4.53
N VAL A 39 -9.23 -4.00 -5.79
CA VAL A 39 -9.18 -5.40 -6.19
C VAL A 39 -7.70 -5.78 -6.29
N TYR A 40 -7.30 -6.81 -5.56
CA TYR A 40 -5.98 -7.42 -5.59
C TYR A 40 -6.19 -8.86 -6.08
N GLY A 41 -5.14 -9.54 -6.55
CA GLY A 41 -5.24 -10.86 -7.17
C GLY A 41 -4.88 -12.03 -6.26
N GLY A 42 -4.54 -11.78 -4.99
CA GLY A 42 -4.24 -12.79 -3.98
C GLY A 42 -2.85 -13.42 -4.11
N CYS A 43 -2.35 -13.56 -5.33
CA CYS A 43 -1.01 -14.00 -5.70
C CYS A 43 -0.09 -12.77 -5.78
N GLU A 44 1.15 -12.96 -6.24
CA GLU A 44 2.22 -11.97 -6.30
C GLU A 44 1.70 -10.54 -6.58
N GLY A 45 2.18 -9.57 -5.80
CA GLY A 45 1.83 -8.16 -5.91
C GLY A 45 2.82 -7.37 -5.06
N ASN A 46 2.68 -6.04 -5.04
CA ASN A 46 3.65 -5.17 -4.37
C ASN A 46 3.21 -4.88 -2.93
N GLY A 47 4.03 -4.12 -2.22
CA GLY A 47 3.89 -3.81 -0.80
C GLY A 47 2.80 -2.83 -0.36
N ASN A 48 2.13 -2.13 -1.28
CA ASN A 48 1.00 -1.27 -0.90
C ASN A 48 -0.24 -2.16 -0.96
N ASN A 49 -0.37 -3.02 0.06
CA ASN A 49 -1.40 -4.03 0.14
C ASN A 49 -1.74 -4.19 1.62
N PHE A 50 -2.95 -3.81 2.00
CA PHE A 50 -3.40 -3.76 3.38
C PHE A 50 -4.70 -4.54 3.48
N HIS A 51 -4.94 -5.14 4.64
CA HIS A 51 -6.10 -6.00 4.84
C HIS A 51 -7.26 -5.20 5.45
N SER A 52 -7.04 -3.95 5.79
CA SER A 52 -8.02 -3.15 6.49
C SER A 52 -7.74 -1.67 6.30
N ARG A 53 -8.74 -0.87 6.68
CA ARG A 53 -8.71 0.58 6.74
C ARG A 53 -7.56 0.98 7.69
N GLU A 54 -7.62 0.44 8.90
CA GLU A 54 -6.65 0.50 9.99
C GLU A 54 -5.22 0.31 9.52
N SER A 55 -4.87 -0.89 9.04
CA SER A 55 -3.49 -1.19 8.63
C SER A 55 -2.98 -0.23 7.53
N CYS A 56 -3.89 0.18 6.65
CA CYS A 56 -3.55 1.11 5.60
C CYS A 56 -3.22 2.48 6.16
N GLU A 57 -4.04 2.98 7.08
CA GLU A 57 -3.76 4.22 7.80
C GLU A 57 -2.48 4.14 8.61
N ASP A 58 -2.15 2.96 9.15
CA ASP A 58 -0.87 2.77 9.81
C ASP A 58 0.23 3.00 8.76
N ALA A 59 0.09 2.46 7.54
CA ALA A 59 1.09 2.72 6.51
C ALA A 59 1.17 4.21 6.18
N CYS A 60 0.08 4.82 5.71
CA CYS A 60 -0.06 6.24 5.45
C CYS A 60 -1.49 6.76 5.59
N PRO A 61 -1.72 8.07 5.77
CA PRO A 61 -0.75 9.18 5.75
C PRO A 61 0.13 9.28 7.01
N VAL A 62 1.37 8.81 6.87
CA VAL A 62 2.48 8.76 7.80
C VAL A 62 3.70 8.79 6.87
N VAL A 63 4.86 8.36 7.35
CA VAL A 63 6.08 8.20 6.58
C VAL A 63 6.34 6.68 6.50
N ASP A 64 7.14 6.25 5.53
CA ASP A 64 7.40 4.84 5.28
C ASP A 64 7.83 4.16 6.56
N HIS A 65 7.17 3.04 6.88
CA HIS A 65 7.56 2.21 7.99
C HIS A 65 8.83 1.57 7.44
N HIS A 66 9.95 2.22 7.74
CA HIS A 66 11.33 2.04 7.31
C HIS A 66 11.71 0.60 7.02
N HIS A 67 11.39 0.17 5.79
CA HIS A 67 11.69 -1.15 5.22
C HIS A 67 13.18 -1.35 4.91
N HIS A 68 14.11 -0.85 5.73
CA HIS A 68 15.53 -1.02 5.44
C HIS A 68 15.90 -2.51 5.44
N HIS A 69 17.02 -2.85 4.80
CA HIS A 69 17.60 -4.18 4.78
C HIS A 69 17.85 -4.73 6.19
N HIS A 70 18.15 -6.01 6.22
CA HIS A 70 18.58 -6.84 7.33
C HIS A 70 19.70 -7.68 6.72
N GLU A 1 2.14 12.89 -0.82
CA GLU A 1 3.55 13.17 -1.19
C GLU A 1 4.17 14.06 -0.10
N ALA A 2 4.43 13.46 1.06
CA ALA A 2 5.16 13.99 2.22
C ALA A 2 5.64 12.84 3.13
N GLU A 3 5.27 11.61 2.80
CA GLU A 3 5.46 10.38 3.54
C GLU A 3 6.82 9.73 3.19
N ALA A 4 7.33 10.06 2.00
CA ALA A 4 8.51 9.49 1.38
C ALA A 4 9.86 9.85 2.02
N GLU A 5 10.23 9.21 3.14
CA GLU A 5 11.58 9.40 3.71
C GLU A 5 12.60 8.82 2.71
N PHE A 6 12.16 7.80 1.97
CA PHE A 6 12.78 7.10 0.87
C PHE A 6 11.61 6.58 0.03
N THR A 7 11.88 5.87 -1.07
CA THR A 7 10.83 5.22 -1.84
C THR A 7 10.35 4.02 -1.01
N ASP A 8 9.30 4.24 -0.21
CA ASP A 8 8.59 3.22 0.56
C ASP A 8 7.42 2.68 -0.25
N ALA A 9 6.84 1.56 0.18
CA ALA A 9 5.63 1.03 -0.43
C ALA A 9 4.54 2.09 -0.41
N CYS A 10 4.57 3.01 0.56
CA CYS A 10 3.60 4.11 0.66
C CYS A 10 3.65 5.02 -0.58
N VAL A 11 4.81 5.14 -1.22
CA VAL A 11 5.06 5.99 -2.38
C VAL A 11 4.72 5.23 -3.68
N LEU A 12 4.37 3.94 -3.59
CA LEU A 12 4.14 3.04 -4.72
C LEU A 12 2.65 2.79 -4.89
N PRO A 13 2.14 2.63 -6.12
CA PRO A 13 0.73 2.36 -6.35
C PRO A 13 0.33 0.94 -5.95
N ALA A 14 -0.99 0.71 -5.95
CA ALA A 14 -1.56 -0.61 -5.72
C ALA A 14 -1.18 -1.54 -6.87
N VAL A 15 -1.06 -2.84 -6.60
CA VAL A 15 -0.84 -3.86 -7.62
C VAL A 15 -1.80 -5.01 -7.35
N GLN A 16 -2.55 -5.34 -8.39
CA GLN A 16 -3.61 -6.33 -8.37
C GLN A 16 -3.07 -7.75 -8.54
N GLY A 17 -1.89 -7.89 -9.14
CA GLY A 17 -1.25 -9.18 -9.37
C GLY A 17 -1.76 -9.84 -10.67
N PRO A 18 -1.16 -10.97 -11.09
CA PRO A 18 -1.45 -11.61 -12.37
C PRO A 18 -2.69 -12.52 -12.41
N CYS A 19 -3.33 -12.83 -11.28
CA CYS A 19 -4.43 -13.80 -11.23
C CYS A 19 -5.75 -13.26 -11.80
N ARG A 20 -6.82 -14.06 -11.68
CA ARG A 20 -8.19 -13.68 -12.06
C ARG A 20 -9.23 -13.96 -10.96
N GLY A 21 -8.77 -14.42 -9.81
CA GLY A 21 -9.58 -14.61 -8.61
C GLY A 21 -9.49 -13.22 -7.95
N TRP A 22 -10.42 -12.80 -7.09
CA TRP A 22 -10.41 -11.44 -6.57
C TRP A 22 -10.75 -11.40 -5.09
N GLU A 23 -9.84 -10.81 -4.34
CA GLU A 23 -9.85 -10.47 -2.93
C GLU A 23 -9.84 -8.94 -2.86
N PRO A 24 -10.74 -8.28 -2.09
CA PRO A 24 -10.69 -6.84 -1.88
C PRO A 24 -9.53 -6.54 -0.92
N ARG A 25 -8.51 -5.85 -1.42
CA ARG A 25 -7.39 -5.37 -0.60
C ARG A 25 -7.53 -3.87 -0.47
N TRP A 26 -6.58 -3.25 0.19
CA TRP A 26 -6.52 -1.85 0.53
C TRP A 26 -5.14 -1.34 0.14
N ALA A 27 -5.05 -0.13 -0.41
CA ALA A 27 -3.78 0.52 -0.71
C ALA A 27 -3.90 1.99 -0.36
N TYR A 28 -2.76 2.57 0.00
CA TYR A 28 -2.65 3.99 0.27
C TYR A 28 -2.48 4.73 -1.06
N SER A 29 -3.16 5.86 -1.21
CA SER A 29 -3.00 6.73 -2.35
C SER A 29 -2.48 8.07 -1.82
N PRO A 30 -1.24 8.47 -2.15
CA PRO A 30 -0.71 9.78 -1.78
C PRO A 30 -1.45 10.89 -2.51
N LEU A 31 -1.82 10.64 -3.77
CA LEU A 31 -2.61 11.53 -4.64
C LEU A 31 -4.05 11.71 -4.14
N LEU A 32 -4.51 10.87 -3.21
CA LEU A 32 -5.80 10.99 -2.54
C LEU A 32 -5.58 11.34 -1.06
N GLN A 33 -4.32 11.37 -0.64
CA GLN A 33 -3.80 11.55 0.70
C GLN A 33 -4.51 10.61 1.69
N GLN A 34 -4.96 9.42 1.26
CA GLN A 34 -5.65 8.49 2.15
C GLN A 34 -5.74 7.11 1.48
N CYS A 35 -6.14 6.10 2.24
CA CYS A 35 -6.29 4.74 1.72
C CYS A 35 -7.67 4.49 1.14
N HIS A 36 -7.71 3.60 0.15
CA HIS A 36 -8.95 3.12 -0.47
C HIS A 36 -8.88 1.62 -0.78
N PRO A 37 -10.02 0.91 -0.87
CA PRO A 37 -10.04 -0.49 -1.29
C PRO A 37 -9.61 -0.62 -2.76
N PHE A 38 -9.25 -1.82 -3.20
CA PHE A 38 -8.94 -2.13 -4.59
C PHE A 38 -9.06 -3.65 -4.78
N VAL A 39 -8.95 -4.14 -6.02
CA VAL A 39 -9.13 -5.54 -6.36
C VAL A 39 -7.73 -6.16 -6.47
N TYR A 40 -7.52 -7.33 -5.88
CA TYR A 40 -6.24 -8.02 -5.86
C TYR A 40 -6.47 -9.52 -6.07
N GLY A 41 -5.49 -10.22 -6.62
CA GLY A 41 -5.61 -11.62 -7.01
C GLY A 41 -5.05 -12.70 -6.10
N GLY A 42 -4.61 -12.39 -4.88
CA GLY A 42 -4.14 -13.38 -3.91
C GLY A 42 -2.70 -13.85 -4.14
N CYS A 43 -2.30 -13.95 -5.41
CA CYS A 43 -0.96 -14.23 -5.87
C CYS A 43 -0.12 -12.95 -5.79
N GLU A 44 1.09 -13.01 -6.32
CA GLU A 44 2.13 -11.97 -6.34
C GLU A 44 1.54 -10.56 -6.45
N GLY A 45 2.04 -9.64 -5.61
CA GLY A 45 1.71 -8.23 -5.61
C GLY A 45 2.79 -7.52 -4.80
N ASN A 46 2.78 -6.19 -4.80
CA ASN A 46 3.82 -5.41 -4.13
C ASN A 46 3.37 -5.08 -2.71
N GLY A 47 4.20 -4.28 -2.02
CA GLY A 47 4.03 -3.94 -0.61
C GLY A 47 2.90 -2.96 -0.30
N ASN A 48 2.41 -2.16 -1.25
CA ASN A 48 1.25 -1.30 -1.00
C ASN A 48 0.00 -2.15 -1.16
N ASN A 49 -0.20 -3.04 -0.20
CA ASN A 49 -1.26 -4.03 -0.23
C ASN A 49 -1.56 -4.39 1.22
N PHE A 50 -2.76 -4.02 1.67
CA PHE A 50 -3.24 -4.15 3.04
C PHE A 50 -4.54 -4.93 3.03
N HIS A 51 -4.93 -5.53 4.15
CA HIS A 51 -6.23 -6.22 4.25
C HIS A 51 -7.29 -5.29 4.80
N SER A 52 -6.95 -4.13 5.35
CA SER A 52 -7.93 -3.28 6.01
C SER A 52 -7.60 -1.81 5.81
N ARG A 53 -8.61 -0.97 6.10
CA ARG A 53 -8.48 0.47 6.10
C ARG A 53 -7.53 0.85 7.23
N GLU A 54 -7.73 0.22 8.38
CA GLU A 54 -6.93 0.26 9.61
C GLU A 54 -5.44 0.16 9.34
N SER A 55 -4.98 -0.99 8.84
CA SER A 55 -3.53 -1.23 8.67
C SER A 55 -2.90 -0.21 7.71
N CYS A 56 -3.65 0.11 6.66
CA CYS A 56 -3.26 1.05 5.66
C CYS A 56 -3.10 2.44 6.22
N GLU A 57 -4.09 2.88 7.01
CA GLU A 57 -4.03 4.15 7.73
C GLU A 57 -2.90 4.14 8.78
N ASP A 58 -2.64 2.97 9.38
CA ASP A 58 -1.51 2.79 10.28
C ASP A 58 -0.21 2.96 9.47
N ALA A 59 -0.21 2.74 8.14
CA ALA A 59 0.98 3.04 7.34
C ALA A 59 1.01 4.55 7.00
N CYS A 60 0.07 5.07 6.19
CA CYS A 60 0.00 6.45 5.67
C CYS A 60 -1.45 6.92 5.72
N PRO A 61 -1.82 8.22 5.59
CA PRO A 61 -1.06 9.43 5.27
C PRO A 61 -0.04 10.04 6.21
N VAL A 62 0.29 9.40 7.32
CA VAL A 62 1.36 9.92 8.17
C VAL A 62 2.63 9.22 7.69
N VAL A 63 3.80 9.62 8.18
CA VAL A 63 5.03 8.89 7.86
C VAL A 63 4.82 7.49 8.44
N ASP A 64 5.34 6.48 7.76
CA ASP A 64 5.13 5.08 8.11
C ASP A 64 5.51 4.84 9.56
N HIS A 65 4.58 4.32 10.38
CA HIS A 65 4.82 3.92 11.74
C HIS A 65 5.68 2.66 11.58
N HIS A 66 6.98 2.85 11.32
CA HIS A 66 7.99 1.87 10.99
C HIS A 66 7.78 0.52 11.65
N HIS A 67 7.08 -0.32 10.87
CA HIS A 67 6.57 -1.66 11.17
C HIS A 67 7.71 -2.67 11.27
N HIS A 68 8.72 -2.39 12.10
CA HIS A 68 9.80 -3.32 12.38
C HIS A 68 9.22 -4.59 13.00
N HIS A 69 9.93 -5.71 12.88
CA HIS A 69 9.54 -6.95 13.56
C HIS A 69 9.47 -6.71 15.07
N HIS A 70 8.77 -7.59 15.80
CA HIS A 70 8.75 -7.55 17.26
C HIS A 70 10.20 -7.67 17.73
N GLU A 1 8.47 4.94 -2.27
CA GLU A 1 9.57 5.85 -2.60
C GLU A 1 10.80 4.96 -2.79
N ALA A 2 12.00 5.50 -2.89
CA ALA A 2 13.25 4.70 -2.91
C ALA A 2 14.44 5.51 -2.37
N GLU A 3 14.31 6.82 -2.39
CA GLU A 3 15.30 7.82 -2.04
C GLU A 3 15.39 7.94 -0.53
N ALA A 4 14.27 7.70 0.17
CA ALA A 4 14.20 7.71 1.61
C ALA A 4 14.76 6.39 2.13
N GLU A 5 15.73 6.48 3.03
CA GLU A 5 16.38 5.38 3.74
C GLU A 5 15.37 4.45 4.43
N PHE A 6 14.17 4.97 4.72
CA PHE A 6 13.02 4.25 5.25
C PHE A 6 11.99 4.54 4.15
N THR A 7 11.89 3.63 3.19
CA THR A 7 10.91 3.63 2.13
C THR A 7 9.72 2.82 2.64
N ASP A 8 8.52 3.13 2.14
CA ASP A 8 7.29 2.49 2.54
C ASP A 8 6.36 2.24 1.36
N ALA A 9 5.61 1.15 1.49
CA ALA A 9 4.62 0.70 0.54
C ALA A 9 3.59 1.79 0.24
N CYS A 10 3.36 2.73 1.16
CA CYS A 10 2.50 3.88 0.93
C CYS A 10 2.77 4.57 -0.41
N VAL A 11 4.05 4.80 -0.73
CA VAL A 11 4.41 5.58 -1.91
C VAL A 11 4.62 4.67 -3.15
N LEU A 12 4.51 3.35 -3.00
CA LEU A 12 4.60 2.38 -4.09
C LEU A 12 3.21 2.14 -4.69
N PRO A 13 3.07 2.08 -6.02
CA PRO A 13 1.82 1.74 -6.68
C PRO A 13 1.25 0.39 -6.20
N ALA A 14 -0.07 0.23 -6.36
CA ALA A 14 -0.77 -1.02 -6.09
C ALA A 14 -0.91 -1.77 -7.42
N VAL A 15 -0.92 -3.10 -7.39
CA VAL A 15 -1.08 -3.96 -8.56
C VAL A 15 -1.99 -5.10 -8.14
N GLN A 16 -2.78 -5.60 -9.10
CA GLN A 16 -3.72 -6.69 -8.85
C GLN A 16 -3.02 -8.05 -8.82
N GLY A 17 -2.12 -8.24 -9.79
CA GLY A 17 -1.42 -9.47 -10.07
C GLY A 17 -2.00 -10.11 -11.33
N PRO A 18 -1.35 -11.16 -11.86
CA PRO A 18 -1.76 -11.78 -13.10
C PRO A 18 -3.13 -12.44 -12.98
N CYS A 19 -3.44 -13.03 -11.82
CA CYS A 19 -4.70 -13.72 -11.58
C CYS A 19 -5.87 -12.75 -11.64
N ARG A 20 -7.04 -13.31 -11.91
CA ARG A 20 -8.36 -12.67 -11.95
C ARG A 20 -9.26 -13.08 -10.79
N GLY A 21 -8.73 -13.89 -9.86
CA GLY A 21 -9.47 -14.20 -8.64
C GLY A 21 -9.51 -12.85 -7.91
N TRP A 22 -10.49 -12.58 -7.04
CA TRP A 22 -10.64 -11.26 -6.45
C TRP A 22 -10.63 -11.33 -4.93
N GLU A 23 -9.52 -10.86 -4.37
CA GLU A 23 -9.21 -10.69 -2.97
C GLU A 23 -9.25 -9.16 -2.67
N PRO A 24 -10.18 -8.63 -1.86
CA PRO A 24 -10.21 -7.22 -1.46
C PRO A 24 -9.04 -6.91 -0.53
N ARG A 25 -8.25 -5.90 -0.89
CA ARG A 25 -7.13 -5.40 -0.08
C ARG A 25 -7.21 -3.90 0.01
N TRP A 26 -6.30 -3.28 0.75
CA TRP A 26 -6.26 -1.84 0.97
C TRP A 26 -4.95 -1.29 0.40
N ALA A 27 -4.94 -0.09 -0.21
CA ALA A 27 -3.70 0.55 -0.67
C ALA A 27 -3.81 2.06 -0.55
N TYR A 28 -2.66 2.71 -0.35
CA TYR A 28 -2.59 4.16 -0.21
C TYR A 28 -2.51 4.87 -1.55
N SER A 29 -3.25 5.95 -1.69
CA SER A 29 -3.21 6.85 -2.83
C SER A 29 -2.75 8.23 -2.40
N PRO A 30 -1.57 8.72 -2.84
CA PRO A 30 -1.15 10.09 -2.56
C PRO A 30 -2.04 11.09 -3.30
N LEU A 31 -2.52 10.71 -4.49
CA LEU A 31 -3.46 11.51 -5.28
C LEU A 31 -4.83 11.66 -4.61
N LEU A 32 -5.13 10.84 -3.61
CA LEU A 32 -6.33 10.93 -2.78
C LEU A 32 -5.96 11.35 -1.34
N GLN A 33 -4.66 11.48 -1.07
CA GLN A 33 -4.02 11.74 0.20
C GLN A 33 -4.52 10.76 1.27
N GLN A 34 -4.93 9.55 0.89
CA GLN A 34 -5.53 8.60 1.82
C GLN A 34 -5.54 7.22 1.18
N CYS A 35 -5.83 6.19 1.97
CA CYS A 35 -6.01 4.85 1.48
C CYS A 35 -7.42 4.61 0.99
N HIS A 36 -7.58 3.52 0.25
CA HIS A 36 -8.86 3.02 -0.23
C HIS A 36 -8.77 1.50 -0.44
N PRO A 37 -9.90 0.76 -0.49
CA PRO A 37 -9.84 -0.65 -0.83
C PRO A 37 -9.54 -0.82 -2.32
N PHE A 38 -9.19 -2.02 -2.75
CA PHE A 38 -8.95 -2.34 -4.15
C PHE A 38 -9.11 -3.85 -4.32
N VAL A 39 -9.16 -4.30 -5.57
CA VAL A 39 -9.33 -5.71 -5.87
C VAL A 39 -7.95 -6.19 -6.33
N TYR A 40 -7.37 -7.08 -5.53
CA TYR A 40 -6.12 -7.78 -5.72
C TYR A 40 -6.45 -9.22 -6.10
N GLY A 41 -5.48 -10.04 -6.51
CA GLY A 41 -5.73 -11.39 -7.01
C GLY A 41 -5.00 -12.52 -6.30
N GLY A 42 -4.41 -12.28 -5.13
CA GLY A 42 -3.79 -13.29 -4.27
C GLY A 42 -2.39 -13.73 -4.70
N CYS A 43 -2.15 -13.84 -6.00
CA CYS A 43 -0.83 -14.10 -6.55
C CYS A 43 0.02 -12.82 -6.53
N GLU A 44 1.21 -12.88 -7.13
CA GLU A 44 2.23 -11.82 -7.25
C GLU A 44 1.59 -10.44 -7.41
N GLY A 45 2.08 -9.44 -6.66
CA GLY A 45 1.64 -8.06 -6.71
C GLY A 45 2.68 -7.18 -6.04
N ASN A 46 2.37 -5.92 -5.80
CA ASN A 46 3.30 -5.03 -5.10
C ASN A 46 2.96 -5.07 -3.61
N GLY A 47 3.80 -4.37 -2.84
CA GLY A 47 3.76 -4.36 -1.39
C GLY A 47 2.74 -3.36 -0.84
N ASN A 48 2.20 -2.47 -1.68
CA ASN A 48 1.12 -1.56 -1.28
C ASN A 48 -0.16 -2.38 -1.30
N ASN A 49 -0.29 -3.22 -0.28
CA ASN A 49 -1.33 -4.19 -0.12
C ASN A 49 -1.48 -4.31 1.39
N PHE A 50 -2.62 -3.87 1.91
CA PHE A 50 -2.90 -3.78 3.33
C PHE A 50 -4.07 -4.68 3.64
N HIS A 51 -4.17 -4.97 4.93
CA HIS A 51 -5.13 -5.93 5.46
C HIS A 51 -6.41 -5.26 5.90
N SER A 52 -6.37 -3.95 6.07
CA SER A 52 -7.49 -3.21 6.63
C SER A 52 -7.30 -1.73 6.37
N ARG A 53 -8.31 -0.97 6.76
CA ARG A 53 -8.28 0.49 6.74
C ARG A 53 -7.14 0.91 7.66
N GLU A 54 -7.22 0.46 8.91
CA GLU A 54 -6.26 0.57 10.00
C GLU A 54 -4.81 0.51 9.55
N SER A 55 -4.37 -0.64 9.05
CA SER A 55 -2.96 -0.81 8.69
C SER A 55 -2.55 0.15 7.56
N CYS A 56 -3.48 0.43 6.67
CA CYS A 56 -3.20 1.25 5.51
C CYS A 56 -3.08 2.70 5.96
N GLU A 57 -4.00 3.17 6.81
CA GLU A 57 -3.95 4.53 7.34
C GLU A 57 -2.64 4.73 8.13
N ASP A 58 -2.19 3.70 8.84
CA ASP A 58 -0.91 3.69 9.56
C ASP A 58 0.26 3.82 8.59
N ALA A 59 0.22 3.15 7.42
CA ALA A 59 1.26 3.37 6.42
C ALA A 59 1.28 4.85 5.99
N CYS A 60 0.10 5.39 5.64
CA CYS A 60 -0.17 6.78 5.32
C CYS A 60 -1.70 7.00 5.35
N PRO A 61 -2.21 8.23 5.52
CA PRO A 61 -1.47 9.47 5.58
C PRO A 61 -0.93 9.77 6.98
N VAL A 62 0.38 9.60 7.15
CA VAL A 62 1.10 9.90 8.38
C VAL A 62 2.25 10.84 7.99
N VAL A 63 2.99 11.29 8.98
CA VAL A 63 4.18 12.12 8.82
C VAL A 63 5.26 11.29 8.10
N ASP A 64 6.36 11.97 7.76
CA ASP A 64 7.60 11.44 7.16
C ASP A 64 7.94 10.04 7.65
N HIS A 65 8.14 9.08 6.73
CA HIS A 65 8.61 7.75 7.05
C HIS A 65 10.03 7.95 7.55
N HIS A 66 10.22 7.98 8.88
CA HIS A 66 11.45 8.30 9.62
C HIS A 66 12.76 7.63 9.23
N HIS A 67 13.24 7.99 8.06
CA HIS A 67 14.50 7.65 7.43
C HIS A 67 15.64 8.34 8.19
N HIS A 68 16.82 7.72 8.27
CA HIS A 68 17.98 8.38 8.86
C HIS A 68 19.29 7.82 8.30
N HIS A 69 19.81 8.46 7.26
CA HIS A 69 21.08 8.13 6.62
C HIS A 69 22.21 8.13 7.65
N HIS A 70 23.20 7.28 7.40
CA HIS A 70 24.46 7.14 8.12
C HIS A 70 25.46 7.22 6.97
N GLU A 1 13.24 11.23 -0.82
CA GLU A 1 14.56 11.24 -0.16
C GLU A 1 14.49 10.77 1.31
N ALA A 2 13.48 10.01 1.69
CA ALA A 2 13.26 9.55 3.07
C ALA A 2 12.58 8.17 3.14
N GLU A 3 12.37 7.53 2.00
CA GLU A 3 11.63 6.29 1.80
C GLU A 3 12.45 5.06 2.22
N ALA A 4 13.71 5.04 1.79
CA ALA A 4 14.74 4.00 1.86
C ALA A 4 14.86 3.12 3.11
N GLU A 5 14.27 3.46 4.27
CA GLU A 5 14.27 2.56 5.41
C GLU A 5 13.38 1.33 5.14
N PHE A 6 12.40 1.44 4.24
CA PHE A 6 11.44 0.39 3.93
C PHE A 6 10.97 0.54 2.49
N THR A 7 10.21 -0.43 1.98
CA THR A 7 9.59 -0.31 0.67
C THR A 7 8.39 0.60 0.94
N ASP A 8 8.58 1.91 0.75
CA ASP A 8 7.59 2.92 1.10
C ASP A 8 6.31 2.79 0.27
N ALA A 9 5.35 2.07 0.86
CA ALA A 9 4.06 1.77 0.28
C ALA A 9 3.34 3.03 -0.15
N CYS A 10 3.58 4.16 0.54
CA CYS A 10 2.87 5.40 0.32
C CYS A 10 3.18 5.92 -1.09
N VAL A 11 4.38 5.63 -1.60
CA VAL A 11 4.87 6.08 -2.89
C VAL A 11 4.66 4.99 -3.97
N LEU A 12 4.21 3.79 -3.59
CA LEU A 12 4.09 2.64 -4.49
C LEU A 12 2.63 2.38 -4.84
N PRO A 13 2.32 2.00 -6.11
CA PRO A 13 0.93 1.79 -6.52
C PRO A 13 0.35 0.52 -5.91
N ALA A 14 -0.99 0.46 -5.95
CA ALA A 14 -1.76 -0.69 -5.52
C ALA A 14 -1.51 -1.83 -6.51
N VAL A 15 -0.86 -2.91 -6.09
CA VAL A 15 -0.54 -4.03 -6.97
C VAL A 15 -1.66 -5.06 -6.85
N GLN A 16 -2.18 -5.49 -8.00
CA GLN A 16 -3.19 -6.55 -8.10
C GLN A 16 -2.57 -7.94 -8.17
N GLY A 17 -1.38 -8.05 -8.74
CA GLY A 17 -0.71 -9.29 -9.02
C GLY A 17 -1.15 -9.79 -10.39
N PRO A 18 -0.53 -10.85 -10.93
CA PRO A 18 -0.81 -11.32 -12.29
C PRO A 18 -2.23 -11.85 -12.44
N CYS A 19 -2.80 -12.46 -11.40
CA CYS A 19 -4.11 -13.08 -11.43
C CYS A 19 -5.20 -12.03 -11.65
N ARG A 20 -6.32 -12.50 -12.19
CA ARG A 20 -7.57 -11.77 -12.41
C ARG A 20 -8.71 -12.24 -11.49
N GLY A 21 -8.42 -13.16 -10.58
CA GLY A 21 -9.39 -13.56 -9.56
C GLY A 21 -9.51 -12.30 -8.69
N TRP A 22 -10.59 -12.07 -7.94
CA TRP A 22 -10.79 -10.81 -7.23
C TRP A 22 -10.99 -11.05 -5.74
N GLU A 23 -10.04 -10.51 -4.99
CA GLU A 23 -9.80 -10.55 -3.56
C GLU A 23 -9.61 -9.07 -3.12
N PRO A 24 -10.48 -8.49 -2.26
CA PRO A 24 -10.38 -7.10 -1.82
C PRO A 24 -9.17 -6.88 -0.91
N ARG A 25 -8.49 -5.76 -1.14
CA ARG A 25 -7.39 -5.27 -0.32
C ARG A 25 -7.57 -3.77 -0.13
N TRP A 26 -6.66 -3.16 0.60
CA TRP A 26 -6.59 -1.75 0.87
C TRP A 26 -5.25 -1.25 0.32
N ALA A 27 -5.19 -0.04 -0.23
CA ALA A 27 -3.94 0.58 -0.65
C ALA A 27 -4.05 2.09 -0.43
N TYR A 28 -2.91 2.71 -0.16
CA TYR A 28 -2.81 4.15 -0.04
C TYR A 28 -2.74 4.78 -1.43
N SER A 29 -3.48 5.85 -1.63
CA SER A 29 -3.46 6.67 -2.83
C SER A 29 -3.00 8.09 -2.49
N PRO A 30 -1.82 8.56 -2.97
CA PRO A 30 -1.42 9.94 -2.78
C PRO A 30 -2.33 10.88 -3.56
N LEU A 31 -2.84 10.44 -4.72
CA LEU A 31 -3.79 11.18 -5.56
C LEU A 31 -5.15 11.37 -4.87
N LEU A 32 -5.41 10.64 -3.78
CA LEU A 32 -6.60 10.79 -2.92
C LEU A 32 -6.20 11.22 -1.51
N GLN A 33 -4.89 11.32 -1.27
CA GLN A 33 -4.17 11.59 -0.04
C GLN A 33 -4.80 10.74 1.08
N GLN A 34 -5.16 9.47 0.77
CA GLN A 34 -5.81 8.60 1.74
C GLN A 34 -5.79 7.17 1.20
N CYS A 35 -6.07 6.22 2.10
CA CYS A 35 -6.24 4.83 1.76
C CYS A 35 -7.67 4.55 1.32
N HIS A 36 -7.81 3.54 0.46
CA HIS A 36 -9.11 3.04 0.01
C HIS A 36 -9.04 1.56 -0.35
N PRO A 37 -10.17 0.83 -0.37
CA PRO A 37 -10.21 -0.56 -0.82
C PRO A 37 -9.86 -0.66 -2.30
N PHE A 38 -9.44 -1.82 -2.82
CA PHE A 38 -9.19 -2.03 -4.23
C PHE A 38 -9.29 -3.52 -4.51
N VAL A 39 -9.25 -3.90 -5.79
CA VAL A 39 -9.44 -5.26 -6.25
C VAL A 39 -8.06 -5.80 -6.61
N TYR A 40 -7.62 -6.82 -5.87
CA TYR A 40 -6.37 -7.57 -5.95
C TYR A 40 -6.68 -9.02 -6.31
N GLY A 41 -5.68 -9.85 -6.60
CA GLY A 41 -5.90 -11.21 -7.08
C GLY A 41 -5.28 -12.35 -6.27
N GLY A 42 -4.88 -12.11 -5.03
CA GLY A 42 -4.41 -13.14 -4.10
C GLY A 42 -2.95 -13.56 -4.30
N CYS A 43 -2.48 -13.61 -5.54
CA CYS A 43 -1.08 -13.86 -5.87
C CYS A 43 -0.22 -12.62 -5.54
N GLU A 44 1.05 -12.67 -5.93
CA GLU A 44 2.13 -11.71 -5.73
C GLU A 44 1.66 -10.25 -5.71
N GLY A 45 2.15 -9.47 -4.76
CA GLY A 45 1.91 -8.03 -4.67
C GLY A 45 3.07 -7.39 -3.92
N ASN A 46 3.21 -6.07 -4.07
CA ASN A 46 4.26 -5.31 -3.38
C ASN A 46 3.68 -4.77 -2.08
N GLY A 47 4.48 -3.94 -1.39
CA GLY A 47 4.18 -3.41 -0.06
C GLY A 47 2.89 -2.61 0.09
N ASN A 48 2.39 -1.95 -0.97
CA ASN A 48 1.12 -1.23 -0.91
C ASN A 48 -0.02 -2.20 -1.20
N ASN A 49 -0.16 -3.18 -0.32
CA ASN A 49 -1.24 -4.14 -0.32
C ASN A 49 -1.51 -4.38 1.15
N PHE A 50 -2.69 -3.96 1.60
CA PHE A 50 -3.08 -3.98 2.99
C PHE A 50 -4.32 -4.82 3.12
N HIS A 51 -4.43 -5.49 4.25
CA HIS A 51 -5.54 -6.38 4.52
C HIS A 51 -6.63 -5.63 5.29
N SER A 52 -6.37 -4.38 5.66
CA SER A 52 -7.25 -3.60 6.52
C SER A 52 -7.01 -2.12 6.32
N ARG A 53 -7.93 -1.30 6.84
CA ARG A 53 -7.75 0.14 6.86
C ARG A 53 -6.59 0.44 7.80
N GLU A 54 -6.61 -0.16 9.00
CA GLU A 54 -5.59 -0.12 10.05
C GLU A 54 -4.16 -0.16 9.49
N SER A 55 -3.79 -1.27 8.87
CA SER A 55 -2.43 -1.43 8.33
C SER A 55 -2.09 -0.35 7.27
N CYS A 56 -3.08 0.00 6.47
CA CYS A 56 -2.92 1.01 5.45
C CYS A 56 -2.62 2.35 6.12
N GLU A 57 -3.30 2.64 7.23
CA GLU A 57 -3.03 3.82 8.06
C GLU A 57 -1.62 3.73 8.66
N ASP A 58 -1.14 2.51 9.00
CA ASP A 58 0.24 2.31 9.45
C ASP A 58 1.17 2.73 8.32
N ALA A 59 0.73 2.66 7.06
CA ALA A 59 1.56 3.21 5.99
C ALA A 59 1.29 4.74 5.92
N CYS A 60 0.09 5.19 5.52
CA CYS A 60 -0.32 6.58 5.25
C CYS A 60 -1.84 6.73 5.42
N PRO A 61 -2.46 7.93 5.49
CA PRO A 61 -1.94 9.28 5.30
C PRO A 61 -1.10 9.86 6.44
N VAL A 62 0.21 9.74 6.25
CA VAL A 62 1.42 10.09 6.97
C VAL A 62 2.42 9.77 5.85
N VAL A 63 3.63 9.43 6.23
CA VAL A 63 4.72 8.95 5.40
C VAL A 63 4.87 7.54 6.01
N ASP A 64 5.27 6.52 5.25
CA ASP A 64 5.30 5.13 5.73
C ASP A 64 5.92 5.07 7.12
N HIS A 65 5.19 4.53 8.12
CA HIS A 65 5.68 4.46 9.50
C HIS A 65 6.78 3.39 9.51
N HIS A 66 7.95 3.71 8.97
CA HIS A 66 9.10 2.84 8.74
C HIS A 66 9.23 1.79 9.83
N HIS A 67 8.66 0.61 9.53
CA HIS A 67 8.57 -0.56 10.38
C HIS A 67 10.03 -1.02 10.48
N HIS A 68 10.72 -0.52 11.51
CA HIS A 68 12.16 -0.72 11.70
C HIS A 68 12.54 -2.19 11.77
N HIS A 69 13.77 -2.46 11.34
CA HIS A 69 14.48 -3.72 11.28
C HIS A 69 15.96 -3.36 11.42
N HIS A 70 16.84 -4.35 11.59
CA HIS A 70 18.27 -4.06 11.58
C HIS A 70 18.59 -3.76 10.12
N GLU A 1 1.14 -4.83 3.30
CA GLU A 1 2.31 -5.70 3.20
C GLU A 1 3.56 -4.81 3.16
N ALA A 2 4.73 -5.32 2.75
CA ALA A 2 5.94 -4.57 2.46
C ALA A 2 6.75 -5.40 1.46
N GLU A 3 7.90 -4.89 1.00
CA GLU A 3 8.84 -5.61 0.16
C GLU A 3 10.11 -5.81 0.97
N ALA A 4 10.98 -4.78 1.05
CA ALA A 4 12.18 -4.78 1.87
C ALA A 4 12.10 -3.71 2.96
N GLU A 5 13.15 -3.63 3.79
CA GLU A 5 13.28 -2.57 4.79
C GLU A 5 13.35 -1.21 4.08
N PHE A 6 14.21 -1.12 3.05
CA PHE A 6 14.24 0.08 2.22
C PHE A 6 13.14 -0.13 1.18
N THR A 7 11.96 0.36 1.48
CA THR A 7 10.74 0.36 0.68
C THR A 7 9.79 1.28 1.45
N ASP A 8 8.92 2.01 0.76
CA ASP A 8 7.90 2.81 1.42
C ASP A 8 6.61 2.72 0.60
N ALA A 9 5.66 1.93 1.09
CA ALA A 9 4.41 1.62 0.41
C ALA A 9 3.62 2.89 0.03
N CYS A 10 3.79 3.99 0.76
CA CYS A 10 3.13 5.26 0.49
C CYS A 10 3.40 5.76 -0.94
N VAL A 11 4.59 5.44 -1.48
CA VAL A 11 5.08 5.92 -2.76
C VAL A 11 4.80 4.89 -3.88
N LEU A 12 4.28 3.69 -3.56
CA LEU A 12 4.10 2.60 -4.51
C LEU A 12 2.62 2.49 -4.87
N PRO A 13 2.26 2.16 -6.12
CA PRO A 13 0.85 2.03 -6.52
C PRO A 13 0.21 0.80 -5.89
N ALA A 14 -1.12 0.74 -6.00
CA ALA A 14 -1.86 -0.43 -5.57
C ALA A 14 -1.53 -1.57 -6.55
N VAL A 15 -0.85 -2.62 -6.09
CA VAL A 15 -0.51 -3.74 -6.96
C VAL A 15 -1.61 -4.79 -6.83
N GLN A 16 -2.20 -5.08 -7.99
CA GLN A 16 -3.31 -6.00 -8.20
C GLN A 16 -2.81 -7.42 -8.47
N GLY A 17 -1.57 -7.56 -8.95
CA GLY A 17 -0.96 -8.84 -9.27
C GLY A 17 -1.46 -9.37 -10.62
N PRO A 18 -0.88 -10.46 -11.14
CA PRO A 18 -1.19 -10.97 -12.48
C PRO A 18 -2.44 -11.86 -12.55
N CYS A 19 -3.05 -12.25 -11.43
CA CYS A 19 -4.17 -13.20 -11.42
C CYS A 19 -5.51 -12.58 -11.82
N ARG A 20 -6.55 -13.41 -11.82
CA ARG A 20 -7.92 -13.04 -12.22
C ARG A 20 -8.99 -13.40 -11.17
N GLY A 21 -8.53 -13.93 -10.04
CA GLY A 21 -9.38 -14.19 -8.88
C GLY A 21 -9.39 -12.83 -8.17
N TRP A 22 -10.39 -12.48 -7.35
CA TRP A 22 -10.46 -11.13 -6.79
C TRP A 22 -10.59 -11.16 -5.26
N GLU A 23 -9.47 -10.83 -4.63
CA GLU A 23 -9.23 -10.63 -3.20
C GLU A 23 -9.33 -9.11 -2.94
N PRO A 24 -10.28 -8.60 -2.14
CA PRO A 24 -10.37 -7.19 -1.74
C PRO A 24 -9.21 -6.85 -0.80
N ARG A 25 -8.49 -5.78 -1.13
CA ARG A 25 -7.39 -5.26 -0.33
C ARG A 25 -7.56 -3.77 -0.18
N TRP A 26 -6.62 -3.12 0.50
CA TRP A 26 -6.58 -1.70 0.79
C TRP A 26 -5.25 -1.17 0.26
N ALA A 27 -5.24 0.00 -0.38
CA ALA A 27 -3.98 0.64 -0.80
C ALA A 27 -4.10 2.14 -0.60
N TYR A 28 -2.96 2.75 -0.28
CA TYR A 28 -2.84 4.19 -0.13
C TYR A 28 -2.79 4.83 -1.50
N SER A 29 -3.55 5.90 -1.66
CA SER A 29 -3.55 6.74 -2.83
C SER A 29 -3.09 8.14 -2.42
N PRO A 30 -1.91 8.61 -2.89
CA PRO A 30 -1.48 9.98 -2.63
C PRO A 30 -2.38 10.97 -3.38
N LEU A 31 -2.90 10.58 -4.56
CA LEU A 31 -3.86 11.37 -5.34
C LEU A 31 -5.20 11.55 -4.61
N LEU A 32 -5.47 10.75 -3.57
CA LEU A 32 -6.62 10.85 -2.68
C LEU A 32 -6.18 11.25 -1.27
N GLN A 33 -4.87 11.35 -1.06
CA GLN A 33 -4.14 11.57 0.16
C GLN A 33 -4.58 10.58 1.26
N GLN A 34 -5.13 9.41 0.91
CA GLN A 34 -5.71 8.50 1.89
C GLN A 34 -5.78 7.08 1.30
N CYS A 35 -6.07 6.10 2.15
CA CYS A 35 -6.29 4.73 1.72
C CYS A 35 -7.72 4.44 1.33
N HIS A 36 -7.86 3.53 0.38
CA HIS A 36 -9.17 3.02 -0.06
C HIS A 36 -9.09 1.53 -0.42
N PRO A 37 -10.21 0.78 -0.41
CA PRO A 37 -10.25 -0.61 -0.87
C PRO A 37 -9.92 -0.72 -2.36
N PHE A 38 -9.53 -1.90 -2.86
CA PHE A 38 -9.29 -2.15 -4.28
C PHE A 38 -9.32 -3.66 -4.51
N VAL A 39 -9.21 -4.06 -5.78
CA VAL A 39 -9.27 -5.44 -6.22
C VAL A 39 -7.83 -5.89 -6.52
N TYR A 40 -7.39 -6.94 -5.82
CA TYR A 40 -6.12 -7.62 -5.97
C TYR A 40 -6.41 -9.10 -6.27
N GLY A 41 -5.40 -9.88 -6.65
CA GLY A 41 -5.57 -11.26 -7.09
C GLY A 41 -4.97 -12.35 -6.20
N GLY A 42 -4.51 -12.04 -4.99
CA GLY A 42 -4.03 -13.01 -4.00
C GLY A 42 -2.64 -13.59 -4.27
N CYS A 43 -2.25 -13.68 -5.54
CA CYS A 43 -0.95 -14.08 -6.05
C CYS A 43 0.00 -12.87 -6.02
N GLU A 44 1.20 -13.00 -6.60
CA GLU A 44 2.31 -12.04 -6.58
C GLU A 44 1.85 -10.58 -6.58
N GLY A 45 2.44 -9.77 -5.71
CA GLY A 45 2.10 -8.38 -5.50
C GLY A 45 3.12 -7.75 -4.57
N ASN A 46 2.91 -6.47 -4.24
CA ASN A 46 3.85 -5.66 -3.45
C ASN A 46 3.21 -5.24 -2.13
N GLY A 47 3.88 -4.33 -1.42
CA GLY A 47 3.55 -3.88 -0.09
C GLY A 47 2.37 -2.94 0.04
N ASN A 48 2.11 -2.05 -0.94
CA ASN A 48 0.94 -1.17 -0.91
C ASN A 48 -0.29 -1.97 -1.33
N ASN A 49 -0.65 -2.86 -0.43
CA ASN A 49 -1.68 -3.86 -0.50
C ASN A 49 -1.84 -4.24 0.96
N PHE A 50 -2.99 -3.96 1.55
CA PHE A 50 -3.27 -4.14 2.97
C PHE A 50 -4.57 -4.89 3.17
N HIS A 51 -4.71 -5.43 4.37
CA HIS A 51 -5.88 -6.21 4.75
C HIS A 51 -6.92 -5.34 5.44
N SER A 52 -6.56 -4.11 5.82
CA SER A 52 -7.45 -3.28 6.60
C SER A 52 -7.21 -1.81 6.33
N ARG A 53 -8.18 -0.98 6.73
CA ARG A 53 -8.07 0.47 6.68
C ARG A 53 -6.91 0.88 7.59
N GLU A 54 -6.92 0.39 8.83
CA GLU A 54 -5.88 0.54 9.84
C GLU A 54 -4.46 0.40 9.29
N SER A 55 -4.11 -0.80 8.83
CA SER A 55 -2.74 -1.09 8.40
C SER A 55 -2.31 -0.20 7.22
N CYS A 56 -3.26 0.09 6.34
CA CYS A 56 -3.04 0.96 5.21
C CYS A 56 -2.78 2.39 5.65
N GLU A 57 -3.60 2.88 6.58
CA GLU A 57 -3.47 4.24 7.09
C GLU A 57 -2.10 4.38 7.78
N ASP A 58 -1.61 3.32 8.44
CA ASP A 58 -0.27 3.27 9.01
C ASP A 58 0.76 3.40 7.88
N ALA A 59 0.52 2.74 6.73
CA ALA A 59 1.37 2.90 5.55
C ALA A 59 1.40 4.36 5.05
N CYS A 60 0.31 5.10 5.20
CA CYS A 60 -0.02 6.50 4.99
C CYS A 60 -1.51 6.78 5.11
N PRO A 61 -1.93 8.00 5.49
CA PRO A 61 -1.08 9.18 5.72
C PRO A 61 -0.58 9.33 7.18
N VAL A 62 0.62 8.83 7.48
CA VAL A 62 1.30 8.97 8.77
C VAL A 62 2.79 9.19 8.47
N VAL A 63 3.56 9.51 9.53
CA VAL A 63 5.01 9.72 9.58
C VAL A 63 5.74 8.42 9.17
N ASP A 64 7.06 8.49 8.99
CA ASP A 64 7.93 7.40 8.49
C ASP A 64 7.49 6.03 8.97
N HIS A 65 7.05 5.23 8.01
CA HIS A 65 6.45 3.91 8.21
C HIS A 65 7.51 2.98 8.74
N HIS A 66 7.46 2.68 10.04
CA HIS A 66 8.43 1.91 10.82
C HIS A 66 9.11 0.79 10.02
N HIS A 67 10.37 1.06 9.63
CA HIS A 67 11.33 0.19 8.97
C HIS A 67 12.72 0.63 9.43
N HIS A 68 13.76 -0.20 9.31
CA HIS A 68 15.15 0.16 9.61
C HIS A 68 15.63 1.11 8.51
N HIS A 69 15.22 2.38 8.56
CA HIS A 69 15.50 3.36 7.51
C HIS A 69 16.99 3.68 7.38
N HIS A 70 17.76 3.56 8.45
CA HIS A 70 19.21 3.70 8.51
C HIS A 70 19.61 2.79 9.66
#